data_4ER9
# 
_entry.id   4ER9 
# 
_audit_conform.dict_name       mmcif_pdbx.dic 
_audit_conform.dict_version    5.387 
_audit_conform.dict_location   http://mmcif.pdb.org/dictionaries/ascii/mmcif_pdbx.dic 
# 
loop_
_database_2.database_id 
_database_2.database_code 
_database_2.pdbx_database_accession 
_database_2.pdbx_DOI 
PDB   4ER9         pdb_00004er9 10.2210/pdb4er9/pdb 
RCSB  RCSB071970   ?            ?                   
WWPDB D_1000071970 ?            ?                   
# 
loop_
_pdbx_audit_revision_history.ordinal 
_pdbx_audit_revision_history.data_content_type 
_pdbx_audit_revision_history.major_revision 
_pdbx_audit_revision_history.minor_revision 
_pdbx_audit_revision_history.revision_date 
1 'Structure model' 1 0 2012-05-09 
2 'Structure model' 1 1 2024-02-28 
# 
_pdbx_audit_revision_details.ordinal             1 
_pdbx_audit_revision_details.revision_ordinal    1 
_pdbx_audit_revision_details.data_content_type   'Structure model' 
_pdbx_audit_revision_details.provider            repository 
_pdbx_audit_revision_details.type                'Initial release' 
_pdbx_audit_revision_details.description         ? 
_pdbx_audit_revision_details.details             ? 
# 
loop_
_pdbx_audit_revision_group.ordinal 
_pdbx_audit_revision_group.revision_ordinal 
_pdbx_audit_revision_group.data_content_type 
_pdbx_audit_revision_group.group 
1 2 'Structure model' 'Data collection'      
2 2 'Structure model' 'Database references'  
3 2 'Structure model' 'Derived calculations' 
# 
loop_
_pdbx_audit_revision_category.ordinal 
_pdbx_audit_revision_category.revision_ordinal 
_pdbx_audit_revision_category.data_content_type 
_pdbx_audit_revision_category.category 
1 2 'Structure model' chem_comp_atom     
2 2 'Structure model' chem_comp_bond     
3 2 'Structure model' database_2         
4 2 'Structure model' struct_ref_seq_dif 
5 2 'Structure model' struct_site        
# 
loop_
_pdbx_audit_revision_item.ordinal 
_pdbx_audit_revision_item.revision_ordinal 
_pdbx_audit_revision_item.data_content_type 
_pdbx_audit_revision_item.item 
1 2 'Structure model' '_database_2.pdbx_DOI'                
2 2 'Structure model' '_database_2.pdbx_database_accession' 
3 2 'Structure model' '_struct_ref_seq_dif.details'         
4 2 'Structure model' '_struct_site.pdbx_auth_asym_id'      
5 2 'Structure model' '_struct_site.pdbx_auth_comp_id'      
6 2 'Structure model' '_struct_site.pdbx_auth_seq_id'       
# 
_pdbx_database_status.status_code                     REL 
_pdbx_database_status.entry_id                        4ER9 
_pdbx_database_status.recvd_initial_deposition_date   2012-04-19 
_pdbx_database_status.deposit_site                    RCSB 
_pdbx_database_status.process_site                    RCSB 
_pdbx_database_status.status_code_sf                  REL 
_pdbx_database_status.status_code_mr                  ? 
_pdbx_database_status.SG_entry                        Y 
_pdbx_database_status.status_code_cs                  ? 
_pdbx_database_status.methods_development_category    ? 
_pdbx_database_status.pdb_format_compatible           Y 
_pdbx_database_status.status_code_nmr_data            ? 
# 
_pdbx_database_related.db_name        TargetTrack 
_pdbx_database_related.db_id          MCSG-APC101501 
_pdbx_database_related.details        . 
_pdbx_database_related.content_type   unspecified 
# 
loop_
_audit_author.name 
_audit_author.pdbx_ordinal 
'Tan, K.'                                                                1 
'Hatzos-Skintges, C.'                                                    2 
'Jedrzejczak, R.'                                                        3 
'Adkins, J.'                                                             4 
'Joachimiak, A.'                                                         5 
'Midwest Center for Structural Genomics (MCSG)'                          6 
'Program for the Characterization of Secreted Effector Proteins (PCSEP)' 7 
# 
_citation.id                        primary 
_citation.title                     
'Crystal structure of cytochrome b562 from Salmonella enterica subsp. enterica serovar Typhimurium str. 14028S' 
_citation.journal_abbrev            'To be Published' 
_citation.journal_volume            ? 
_citation.page_first                ? 
_citation.page_last                 ? 
_citation.year                      ? 
_citation.journal_id_ASTM           ? 
_citation.country                   ? 
_citation.journal_id_ISSN           ? 
_citation.journal_id_CSD            0353 
_citation.book_publisher            ? 
_citation.pdbx_database_id_PubMed   ? 
_citation.pdbx_database_id_DOI      ? 
# 
loop_
_citation_author.citation_id 
_citation_author.name 
_citation_author.ordinal 
_citation_author.identifier_ORCID 
primary 'Tan, K.'             1 ? 
primary 'Hatzos-Skintges, C.' 2 ? 
primary 'Jedrzejczak, R.'     3 ? 
primary 'Adkins, J.'          4 ? 
primary 'Joachimiak, A.'      5 ? 
# 
loop_
_entity.id 
_entity.type 
_entity.src_method 
_entity.pdbx_description 
_entity.formula_weight 
_entity.pdbx_number_of_molecules 
_entity.pdbx_ec 
_entity.pdbx_mutation 
_entity.pdbx_fragment 
_entity.details 
1 polymer     man 'Soluble cytochrome b562' 14206.278 1  ? ? ? ? 
2 non-polymer syn 'DI(HYDROXYETHYL)ETHER'   106.120   1  ? ? ? ? 
3 non-polymer syn 'SULFATE ION'             96.063    3  ? ? ? ? 
4 non-polymer syn GLYCEROL                  92.094    1  ? ? ? ? 
5 water       nat water                     18.015    29 ? ? ? ? 
# 
_entity_name_com.entity_id   1 
_entity_name_com.name        'Cytochrome b-562' 
# 
_entity_poly.entity_id                      1 
_entity_poly.type                           'polypeptide(L)' 
_entity_poly.nstd_linkage                   no 
_entity_poly.nstd_monomer                   no 
_entity_poly.pdbx_seq_one_letter_code       
;SNAMRKSLLAILAVSSLVFGSAVFAADLEDNMDILNDNLKVVEKTDSAPELKAALTKMRAAALDAQKATPPKLEDKAPDS
PEMKDFRHGFDILVGQIDGALKLANEGNVKEAKAAAEALKTTRNTYHKKYR
;
_entity_poly.pdbx_seq_one_letter_code_can   
;SNAMRKSLLAILAVSSLVFGSAVFAADLEDNMDILNDNLKVVEKTDSAPELKAALTKMRAAALDAQKATPPKLEDKAPDS
PEMKDFRHGFDILVGQIDGALKLANEGNVKEAKAAAEALKTTRNTYHKKYR
;
_entity_poly.pdbx_strand_id                 A 
_entity_poly.pdbx_target_identifier         MCSG-APC101501 
# 
loop_
_pdbx_entity_nonpoly.entity_id 
_pdbx_entity_nonpoly.name 
_pdbx_entity_nonpoly.comp_id 
2 'DI(HYDROXYETHYL)ETHER' PEG 
3 'SULFATE ION'           SO4 
4 GLYCEROL                GOL 
5 water                   HOH 
# 
loop_
_entity_poly_seq.entity_id 
_entity_poly_seq.num 
_entity_poly_seq.mon_id 
_entity_poly_seq.hetero 
1 1   SER n 
1 2   ASN n 
1 3   ALA n 
1 4   MET n 
1 5   ARG n 
1 6   LYS n 
1 7   SER n 
1 8   LEU n 
1 9   LEU n 
1 10  ALA n 
1 11  ILE n 
1 12  LEU n 
1 13  ALA n 
1 14  VAL n 
1 15  SER n 
1 16  SER n 
1 17  LEU n 
1 18  VAL n 
1 19  PHE n 
1 20  GLY n 
1 21  SER n 
1 22  ALA n 
1 23  VAL n 
1 24  PHE n 
1 25  ALA n 
1 26  ALA n 
1 27  ASP n 
1 28  LEU n 
1 29  GLU n 
1 30  ASP n 
1 31  ASN n 
1 32  MET n 
1 33  ASP n 
1 34  ILE n 
1 35  LEU n 
1 36  ASN n 
1 37  ASP n 
1 38  ASN n 
1 39  LEU n 
1 40  LYS n 
1 41  VAL n 
1 42  VAL n 
1 43  GLU n 
1 44  LYS n 
1 45  THR n 
1 46  ASP n 
1 47  SER n 
1 48  ALA n 
1 49  PRO n 
1 50  GLU n 
1 51  LEU n 
1 52  LYS n 
1 53  ALA n 
1 54  ALA n 
1 55  LEU n 
1 56  THR n 
1 57  LYS n 
1 58  MET n 
1 59  ARG n 
1 60  ALA n 
1 61  ALA n 
1 62  ALA n 
1 63  LEU n 
1 64  ASP n 
1 65  ALA n 
1 66  GLN n 
1 67  LYS n 
1 68  ALA n 
1 69  THR n 
1 70  PRO n 
1 71  PRO n 
1 72  LYS n 
1 73  LEU n 
1 74  GLU n 
1 75  ASP n 
1 76  LYS n 
1 77  ALA n 
1 78  PRO n 
1 79  ASP n 
1 80  SER n 
1 81  PRO n 
1 82  GLU n 
1 83  MET n 
1 84  LYS n 
1 85  ASP n 
1 86  PHE n 
1 87  ARG n 
1 88  HIS n 
1 89  GLY n 
1 90  PHE n 
1 91  ASP n 
1 92  ILE n 
1 93  LEU n 
1 94  VAL n 
1 95  GLY n 
1 96  GLN n 
1 97  ILE n 
1 98  ASP n 
1 99  GLY n 
1 100 ALA n 
1 101 LEU n 
1 102 LYS n 
1 103 LEU n 
1 104 ALA n 
1 105 ASN n 
1 106 GLU n 
1 107 GLY n 
1 108 ASN n 
1 109 VAL n 
1 110 LYS n 
1 111 GLU n 
1 112 ALA n 
1 113 LYS n 
1 114 ALA n 
1 115 ALA n 
1 116 ALA n 
1 117 GLU n 
1 118 ALA n 
1 119 LEU n 
1 120 LYS n 
1 121 THR n 
1 122 THR n 
1 123 ARG n 
1 124 ASN n 
1 125 THR n 
1 126 TYR n 
1 127 HIS n 
1 128 LYS n 
1 129 LYS n 
1 130 TYR n 
1 131 ARG n 
# 
_entity_src_gen.entity_id                          1 
_entity_src_gen.pdbx_src_id                        1 
_entity_src_gen.pdbx_alt_source_flag               sample 
_entity_src_gen.pdbx_seq_type                      ? 
_entity_src_gen.pdbx_beg_seq_num                   ? 
_entity_src_gen.pdbx_end_seq_num                   ? 
_entity_src_gen.gene_src_common_name               ? 
_entity_src_gen.gene_src_genus                     ? 
_entity_src_gen.pdbx_gene_src_gene                 'cybC, STM4439' 
_entity_src_gen.gene_src_species                   ? 
_entity_src_gen.gene_src_strain                    14028S 
_entity_src_gen.gene_src_tissue                    ? 
_entity_src_gen.gene_src_tissue_fraction           ? 
_entity_src_gen.gene_src_details                   ? 
_entity_src_gen.pdbx_gene_src_fragment             ? 
_entity_src_gen.pdbx_gene_src_scientific_name      'Salmonella enterica subsp. enterica serovar Typhimurium' 
_entity_src_gen.pdbx_gene_src_ncbi_taxonomy_id     90371 
_entity_src_gen.pdbx_gene_src_variant              ? 
_entity_src_gen.pdbx_gene_src_cell_line            ? 
_entity_src_gen.pdbx_gene_src_atcc                 ? 
_entity_src_gen.pdbx_gene_src_organ                ? 
_entity_src_gen.pdbx_gene_src_organelle            ? 
_entity_src_gen.pdbx_gene_src_cell                 ? 
_entity_src_gen.pdbx_gene_src_cellular_location    ? 
_entity_src_gen.host_org_common_name               ? 
_entity_src_gen.pdbx_host_org_scientific_name      'Escherichia coli' 
_entity_src_gen.pdbx_host_org_ncbi_taxonomy_id     469008 
_entity_src_gen.host_org_genus                     ? 
_entity_src_gen.pdbx_host_org_gene                 ? 
_entity_src_gen.pdbx_host_org_organ                ? 
_entity_src_gen.host_org_species                   ? 
_entity_src_gen.pdbx_host_org_tissue               ? 
_entity_src_gen.pdbx_host_org_tissue_fraction      ? 
_entity_src_gen.pdbx_host_org_strain               'BL21(DE3)magic' 
_entity_src_gen.pdbx_host_org_variant              ? 
_entity_src_gen.pdbx_host_org_cell_line            ? 
_entity_src_gen.pdbx_host_org_atcc                 ? 
_entity_src_gen.pdbx_host_org_culture_collection   ? 
_entity_src_gen.pdbx_host_org_cell                 ? 
_entity_src_gen.pdbx_host_org_organelle            ? 
_entity_src_gen.pdbx_host_org_cellular_location    ? 
_entity_src_gen.pdbx_host_org_vector_type          plasmid 
_entity_src_gen.pdbx_host_org_vector               ? 
_entity_src_gen.host_org_details                   ? 
_entity_src_gen.expression_system_id               ? 
_entity_src_gen.plasmid_name                       pMCSG7 
_entity_src_gen.plasmid_details                    ? 
_entity_src_gen.pdbx_description                   ? 
# 
loop_
_chem_comp.id 
_chem_comp.type 
_chem_comp.mon_nstd_flag 
_chem_comp.name 
_chem_comp.pdbx_synonyms 
_chem_comp.formula 
_chem_comp.formula_weight 
ALA 'L-peptide linking' y ALANINE                 ?                               'C3 H7 N O2'     89.093  
ARG 'L-peptide linking' y ARGININE                ?                               'C6 H15 N4 O2 1' 175.209 
ASN 'L-peptide linking' y ASPARAGINE              ?                               'C4 H8 N2 O3'    132.118 
ASP 'L-peptide linking' y 'ASPARTIC ACID'         ?                               'C4 H7 N O4'     133.103 
GLN 'L-peptide linking' y GLUTAMINE               ?                               'C5 H10 N2 O3'   146.144 
GLU 'L-peptide linking' y 'GLUTAMIC ACID'         ?                               'C5 H9 N O4'     147.129 
GLY 'peptide linking'   y GLYCINE                 ?                               'C2 H5 N O2'     75.067  
GOL non-polymer         . GLYCEROL                'GLYCERIN; PROPANE-1,2,3-TRIOL' 'C3 H8 O3'       92.094  
HIS 'L-peptide linking' y HISTIDINE               ?                               'C6 H10 N3 O2 1' 156.162 
HOH non-polymer         . WATER                   ?                               'H2 O'           18.015  
ILE 'L-peptide linking' y ISOLEUCINE              ?                               'C6 H13 N O2'    131.173 
LEU 'L-peptide linking' y LEUCINE                 ?                               'C6 H13 N O2'    131.173 
LYS 'L-peptide linking' y LYSINE                  ?                               'C6 H15 N2 O2 1' 147.195 
MET 'L-peptide linking' y METHIONINE              ?                               'C5 H11 N O2 S'  149.211 
PEG non-polymer         . 'DI(HYDROXYETHYL)ETHER' ?                               'C4 H10 O3'      106.120 
PHE 'L-peptide linking' y PHENYLALANINE           ?                               'C9 H11 N O2'    165.189 
PRO 'L-peptide linking' y PROLINE                 ?                               'C5 H9 N O2'     115.130 
SER 'L-peptide linking' y SERINE                  ?                               'C3 H7 N O3'     105.093 
SO4 non-polymer         . 'SULFATE ION'           ?                               'O4 S -2'        96.063  
THR 'L-peptide linking' y THREONINE               ?                               'C4 H9 N O3'     119.119 
TYR 'L-peptide linking' y TYROSINE                ?                               'C9 H11 N O3'    181.189 
VAL 'L-peptide linking' y VALINE                  ?                               'C5 H11 N O2'    117.146 
# 
loop_
_pdbx_poly_seq_scheme.asym_id 
_pdbx_poly_seq_scheme.entity_id 
_pdbx_poly_seq_scheme.seq_id 
_pdbx_poly_seq_scheme.mon_id 
_pdbx_poly_seq_scheme.ndb_seq_num 
_pdbx_poly_seq_scheme.pdb_seq_num 
_pdbx_poly_seq_scheme.auth_seq_num 
_pdbx_poly_seq_scheme.pdb_mon_id 
_pdbx_poly_seq_scheme.auth_mon_id 
_pdbx_poly_seq_scheme.pdb_strand_id 
_pdbx_poly_seq_scheme.pdb_ins_code 
_pdbx_poly_seq_scheme.hetero 
A 1 1   SER 1   -2  ?   ?   ?   A . n 
A 1 2   ASN 2   -1  ?   ?   ?   A . n 
A 1 3   ALA 3   0   ?   ?   ?   A . n 
A 1 4   MET 4   1   ?   ?   ?   A . n 
A 1 5   ARG 5   2   ?   ?   ?   A . n 
A 1 6   LYS 6   3   ?   ?   ?   A . n 
A 1 7   SER 7   4   ?   ?   ?   A . n 
A 1 8   LEU 8   5   ?   ?   ?   A . n 
A 1 9   LEU 9   6   ?   ?   ?   A . n 
A 1 10  ALA 10  7   ?   ?   ?   A . n 
A 1 11  ILE 11  8   ?   ?   ?   A . n 
A 1 12  LEU 12  9   ?   ?   ?   A . n 
A 1 13  ALA 13  10  ?   ?   ?   A . n 
A 1 14  VAL 14  11  ?   ?   ?   A . n 
A 1 15  SER 15  12  ?   ?   ?   A . n 
A 1 16  SER 16  13  ?   ?   ?   A . n 
A 1 17  LEU 17  14  ?   ?   ?   A . n 
A 1 18  VAL 18  15  ?   ?   ?   A . n 
A 1 19  PHE 19  16  ?   ?   ?   A . n 
A 1 20  GLY 20  17  ?   ?   ?   A . n 
A 1 21  SER 21  18  ?   ?   ?   A . n 
A 1 22  ALA 22  19  ?   ?   ?   A . n 
A 1 23  VAL 23  20  ?   ?   ?   A . n 
A 1 24  PHE 24  21  ?   ?   ?   A . n 
A 1 25  ALA 25  22  ?   ?   ?   A . n 
A 1 26  ALA 26  23  23  ALA ALA A . n 
A 1 27  ASP 27  24  24  ASP ASP A . n 
A 1 28  LEU 28  25  25  LEU LEU A . n 
A 1 29  GLU 29  26  26  GLU GLU A . n 
A 1 30  ASP 30  27  27  ASP ASP A . n 
A 1 31  ASN 31  28  28  ASN ASN A . n 
A 1 32  MET 32  29  29  MET MET A . n 
A 1 33  ASP 33  30  30  ASP ASP A . n 
A 1 34  ILE 34  31  31  ILE ILE A . n 
A 1 35  LEU 35  32  32  LEU LEU A . n 
A 1 36  ASN 36  33  33  ASN ASN A . n 
A 1 37  ASP 37  34  34  ASP ASP A . n 
A 1 38  ASN 38  35  35  ASN ASN A . n 
A 1 39  LEU 39  36  36  LEU LEU A . n 
A 1 40  LYS 40  37  37  LYS LYS A . n 
A 1 41  VAL 41  38  38  VAL VAL A . n 
A 1 42  VAL 42  39  39  VAL VAL A . n 
A 1 43  GLU 43  40  40  GLU GLU A . n 
A 1 44  LYS 44  41  41  LYS LYS A . n 
A 1 45  THR 45  42  42  THR THR A . n 
A 1 46  ASP 46  43  43  ASP ASP A . n 
A 1 47  SER 47  44  44  SER SER A . n 
A 1 48  ALA 48  45  45  ALA ALA A . n 
A 1 49  PRO 49  46  46  PRO PRO A . n 
A 1 50  GLU 50  47  47  GLU GLU A . n 
A 1 51  LEU 51  48  48  LEU LEU A . n 
A 1 52  LYS 52  49  49  LYS LYS A . n 
A 1 53  ALA 53  50  50  ALA ALA A . n 
A 1 54  ALA 54  51  51  ALA ALA A . n 
A 1 55  LEU 55  52  52  LEU LEU A . n 
A 1 56  THR 56  53  53  THR THR A . n 
A 1 57  LYS 57  54  54  LYS LYS A . n 
A 1 58  MET 58  55  55  MET MET A . n 
A 1 59  ARG 59  56  56  ARG ARG A . n 
A 1 60  ALA 60  57  57  ALA ALA A . n 
A 1 61  ALA 61  58  58  ALA ALA A . n 
A 1 62  ALA 62  59  59  ALA ALA A . n 
A 1 63  LEU 63  60  60  LEU LEU A . n 
A 1 64  ASP 64  61  61  ASP ASP A . n 
A 1 65  ALA 65  62  62  ALA ALA A . n 
A 1 66  GLN 66  63  63  GLN GLN A . n 
A 1 67  LYS 67  64  64  LYS LYS A . n 
A 1 68  ALA 68  65  65  ALA ALA A . n 
A 1 69  THR 69  66  66  THR THR A . n 
A 1 70  PRO 70  67  67  PRO PRO A . n 
A 1 71  PRO 71  68  68  PRO PRO A . n 
A 1 72  LYS 72  69  69  LYS LYS A . n 
A 1 73  LEU 73  70  70  LEU LEU A . n 
A 1 74  GLU 74  71  71  GLU GLU A . n 
A 1 75  ASP 75  72  72  ASP ASP A . n 
A 1 76  LYS 76  73  73  LYS LYS A . n 
A 1 77  ALA 77  74  74  ALA ALA A . n 
A 1 78  PRO 78  75  75  PRO PRO A . n 
A 1 79  ASP 79  76  76  ASP ASP A . n 
A 1 80  SER 80  77  77  SER SER A . n 
A 1 81  PRO 81  78  78  PRO PRO A . n 
A 1 82  GLU 82  79  79  GLU GLU A . n 
A 1 83  MET 83  80  80  MET MET A . n 
A 1 84  LYS 84  81  81  LYS LYS A . n 
A 1 85  ASP 85  82  82  ASP ASP A . n 
A 1 86  PHE 86  83  83  PHE PHE A . n 
A 1 87  ARG 87  84  84  ARG ARG A . n 
A 1 88  HIS 88  85  85  HIS HIS A . n 
A 1 89  GLY 89  86  86  GLY GLY A . n 
A 1 90  PHE 90  87  87  PHE PHE A . n 
A 1 91  ASP 91  88  88  ASP ASP A . n 
A 1 92  ILE 92  89  89  ILE ILE A . n 
A 1 93  LEU 93  90  90  LEU LEU A . n 
A 1 94  VAL 94  91  91  VAL VAL A . n 
A 1 95  GLY 95  92  92  GLY GLY A . n 
A 1 96  GLN 96  93  93  GLN GLN A . n 
A 1 97  ILE 97  94  94  ILE ILE A . n 
A 1 98  ASP 98  95  95  ASP ASP A . n 
A 1 99  GLY 99  96  96  GLY GLY A . n 
A 1 100 ALA 100 97  97  ALA ALA A . n 
A 1 101 LEU 101 98  98  LEU LEU A . n 
A 1 102 LYS 102 99  99  LYS LYS A . n 
A 1 103 LEU 103 100 100 LEU LEU A . n 
A 1 104 ALA 104 101 101 ALA ALA A . n 
A 1 105 ASN 105 102 102 ASN ASN A . n 
A 1 106 GLU 106 103 103 GLU GLU A . n 
A 1 107 GLY 107 104 104 GLY GLY A . n 
A 1 108 ASN 108 105 105 ASN ASN A . n 
A 1 109 VAL 109 106 106 VAL VAL A . n 
A 1 110 LYS 110 107 107 LYS LYS A . n 
A 1 111 GLU 111 108 108 GLU GLU A . n 
A 1 112 ALA 112 109 109 ALA ALA A . n 
A 1 113 LYS 113 110 110 LYS LYS A . n 
A 1 114 ALA 114 111 111 ALA ALA A . n 
A 1 115 ALA 115 112 112 ALA ALA A . n 
A 1 116 ALA 116 113 113 ALA ALA A . n 
A 1 117 GLU 117 114 114 GLU GLU A . n 
A 1 118 ALA 118 115 115 ALA ALA A . n 
A 1 119 LEU 119 116 116 LEU LEU A . n 
A 1 120 LYS 120 117 117 LYS LYS A . n 
A 1 121 THR 121 118 118 THR THR A . n 
A 1 122 THR 122 119 119 THR THR A . n 
A 1 123 ARG 123 120 120 ARG ARG A . n 
A 1 124 ASN 124 121 121 ASN ASN A . n 
A 1 125 THR 125 122 122 THR THR A . n 
A 1 126 TYR 126 123 123 TYR TYR A . n 
A 1 127 HIS 127 124 124 HIS HIS A . n 
A 1 128 LYS 128 125 125 LYS LYS A . n 
A 1 129 LYS 129 126 126 LYS LYS A . n 
A 1 130 TYR 130 127 127 TYR TYR A . n 
A 1 131 ARG 131 128 ?   ?   ?   A . n 
# 
loop_
_pdbx_nonpoly_scheme.asym_id 
_pdbx_nonpoly_scheme.entity_id 
_pdbx_nonpoly_scheme.mon_id 
_pdbx_nonpoly_scheme.ndb_seq_num 
_pdbx_nonpoly_scheme.pdb_seq_num 
_pdbx_nonpoly_scheme.auth_seq_num 
_pdbx_nonpoly_scheme.pdb_mon_id 
_pdbx_nonpoly_scheme.auth_mon_id 
_pdbx_nonpoly_scheme.pdb_strand_id 
_pdbx_nonpoly_scheme.pdb_ins_code 
B 2 PEG 1  201 1  PEG PEG A . 
C 3 SO4 1  202 1  SO4 SO4 A . 
D 3 SO4 1  203 2  SO4 SO4 A . 
E 3 SO4 1  204 3  SO4 SO4 A . 
F 4 GOL 1  205 1  GOL GOL A . 
G 5 HOH 1  301 4  HOH HOH A . 
G 5 HOH 2  302 29 HOH HOH A . 
G 5 HOH 3  303 30 HOH HOH A . 
G 5 HOH 4  304 32 HOH HOH A . 
G 5 HOH 5  305 36 HOH HOH A . 
G 5 HOH 6  306 37 HOH HOH A . 
G 5 HOH 7  307 45 HOH HOH A . 
G 5 HOH 8  308 48 HOH HOH A . 
G 5 HOH 9  309 49 HOH HOH A . 
G 5 HOH 10 310 51 HOH HOH A . 
G 5 HOH 11 311 55 HOH HOH A . 
G 5 HOH 12 312 56 HOH HOH A . 
G 5 HOH 13 313 58 HOH HOH A . 
G 5 HOH 14 314 60 HOH HOH A . 
G 5 HOH 15 315 61 HOH HOH A . 
G 5 HOH 16 316 62 HOH HOH A . 
G 5 HOH 17 317 63 HOH HOH A . 
G 5 HOH 18 318 64 HOH HOH A . 
G 5 HOH 19 319 65 HOH HOH A . 
G 5 HOH 20 320 66 HOH HOH A . 
G 5 HOH 21 321 68 HOH HOH A . 
G 5 HOH 22 322 69 HOH HOH A . 
G 5 HOH 23 323 70 HOH HOH A . 
G 5 HOH 24 324 72 HOH HOH A . 
G 5 HOH 25 325 73 HOH HOH A . 
G 5 HOH 26 326 74 HOH HOH A . 
G 5 HOH 27 327 75 HOH HOH A . 
G 5 HOH 28 328 76 HOH HOH A . 
G 5 HOH 29 329 77 HOH HOH A . 
# 
loop_
_software.name 
_software.classification 
_software.version 
_software.citation_id 
_software.pdbx_ordinal 
SBC-Collect 'data collection' .                            ? 1  
SHELXD      phasing           .                            ? 2  
MLPHARE     phasing           .                            ? 3  
DM          'model building'  .                            ? 4  
RESOLVE     'model building'  .                            ? 5  
HKL-3000    phasing           .                            ? 6  
PHENIX      refinement        '(phenix.refine: 1.7.1_743)' ? 7  
HKL-3000    'data reduction'  .                            ? 8  
HKL-3000    'data scaling'    .                            ? 9  
DM          phasing           .                            ? 10 
RESOLVE     phasing           .                            ? 11 
# 
_cell.entry_id           4ER9 
_cell.length_a           67.388 
_cell.length_b           67.388 
_cell.length_c           57.189 
_cell.angle_alpha        90.00 
_cell.angle_beta         90.00 
_cell.angle_gamma        120.00 
_cell.Z_PDB              6 
_cell.pdbx_unique_axis   ? 
_cell.length_a_esd       ? 
_cell.length_b_esd       ? 
_cell.length_c_esd       ? 
_cell.angle_alpha_esd    ? 
_cell.angle_beta_esd     ? 
_cell.angle_gamma_esd    ? 
# 
_symmetry.entry_id                         4ER9 
_symmetry.space_group_name_H-M             'P 31 2 1' 
_symmetry.pdbx_full_space_group_name_H-M   ? 
_symmetry.cell_setting                     ? 
_symmetry.Int_Tables_number                152 
_symmetry.space_group_name_Hall            ? 
# 
_exptl.entry_id          4ER9 
_exptl.method            'X-RAY DIFFRACTION' 
_exptl.crystals_number   1 
# 
_exptl_crystal.id                    1 
_exptl_crystal.density_meas          ? 
_exptl_crystal.density_Matthews      2.64 
_exptl_crystal.density_percent_sol   53.38 
_exptl_crystal.description           ? 
_exptl_crystal.F_000                 ? 
_exptl_crystal.preparation           ? 
# 
_exptl_crystal_grow.crystal_id      1 
_exptl_crystal_grow.method          'VAPOR DIFFUSION, SITTING DROP' 
_exptl_crystal_grow.temp            296 
_exptl_crystal_grow.temp_details    ? 
_exptl_crystal_grow.pH              7.0 
_exptl_crystal_grow.pdbx_details    '3.5M Ammonium sulfate, pH 7.0, VAPOR DIFFUSION, SITTING DROP, temperature 296K' 
_exptl_crystal_grow.pdbx_pH_range   ? 
# 
_diffrn.id                     1 
_diffrn.ambient_temp           100 
_diffrn.ambient_temp_details   ? 
_diffrn.crystal_id             1 
# 
_diffrn_detector.diffrn_id              1 
_diffrn_detector.detector               CCD 
_diffrn_detector.type                   'ADSC QUANTUM 315' 
_diffrn_detector.pdbx_collection_date   2011-08-17 
_diffrn_detector.details                Mirror 
# 
_diffrn_radiation.diffrn_id                        1 
_diffrn_radiation.wavelength_id                    1 
_diffrn_radiation.pdbx_monochromatic_or_laue_m_l   M 
_diffrn_radiation.monochromator                    'Si 111 crystal' 
_diffrn_radiation.pdbx_diffrn_protocol             'SINGLE WAVELENGTH' 
_diffrn_radiation.pdbx_scattering_type             x-ray 
# 
_diffrn_radiation_wavelength.id           1 
_diffrn_radiation_wavelength.wavelength   0.97909 
_diffrn_radiation_wavelength.wt           1.0 
# 
_diffrn_source.diffrn_id                   1 
_diffrn_source.source                      SYNCHROTRON 
_diffrn_source.type                        'APS BEAMLINE 19-ID' 
_diffrn_source.pdbx_synchrotron_site       APS 
_diffrn_source.pdbx_synchrotron_beamline   19-ID 
_diffrn_source.pdbx_wavelength             ? 
_diffrn_source.pdbx_wavelength_list        0.97909 
# 
_reflns.entry_id                     4ER9 
_reflns.observed_criterion_sigma_I   0 
_reflns.observed_criterion_sigma_F   0 
_reflns.d_resolution_low             41 
_reflns.d_resolution_high            1.90 
_reflns.number_obs                   11910 
_reflns.number_all                   11910 
_reflns.percent_possible_obs         97.4 
_reflns.pdbx_Rmerge_I_obs            0.042 
_reflns.pdbx_Rsym_value              ? 
_reflns.pdbx_netI_over_sigmaI        54.8 
_reflns.B_iso_Wilson_estimate        ? 
_reflns.pdbx_redundancy              8.7 
_reflns.R_free_details               ? 
_reflns.limit_h_max                  ? 
_reflns.limit_h_min                  ? 
_reflns.limit_k_max                  ? 
_reflns.limit_k_min                  ? 
_reflns.limit_l_max                  ? 
_reflns.limit_l_min                  ? 
_reflns.observed_criterion_F_max     ? 
_reflns.observed_criterion_F_min     ? 
_reflns.pdbx_chi_squared             ? 
_reflns.pdbx_scaling_rejects         ? 
_reflns.pdbx_ordinal                 1 
_reflns.pdbx_diffrn_id               1 
# 
_reflns_shell.d_res_high             1.90 
_reflns_shell.d_res_low              1.93 
_reflns_shell.percent_possible_all   86.0 
_reflns_shell.Rmerge_I_obs           0.632 
_reflns_shell.pdbx_Rsym_value        ? 
_reflns_shell.meanI_over_sigI_obs    2.74 
_reflns_shell.pdbx_redundancy        8.5 
_reflns_shell.percent_possible_obs   ? 
_reflns_shell.number_unique_all      529 
_reflns_shell.number_measured_all    ? 
_reflns_shell.number_measured_obs    ? 
_reflns_shell.number_unique_obs      ? 
_reflns_shell.pdbx_chi_squared       ? 
_reflns_shell.pdbx_ordinal           1 
_reflns_shell.pdbx_diffrn_id         1 
# 
_refine.entry_id                                 4ER9 
_refine.ls_number_reflns_obs                     11888 
_refine.ls_number_reflns_all                     11888 
_refine.pdbx_ls_sigma_I                          ? 
_refine.pdbx_ls_sigma_F                          0.00 
_refine.pdbx_data_cutoff_high_absF               ? 
_refine.pdbx_data_cutoff_low_absF                ? 
_refine.pdbx_data_cutoff_high_rms_absF           ? 
_refine.ls_d_res_low                             40.846 
_refine.ls_d_res_high                            1.897 
_refine.ls_percent_reflns_obs                    97.16 
_refine.ls_R_factor_obs                          0.2256 
_refine.ls_R_factor_all                          0.2256 
_refine.ls_R_factor_R_work                       0.2236 
_refine.ls_R_factor_R_free                       0.2638 
_refine.ls_R_factor_R_free_error                 ? 
_refine.ls_R_factor_R_free_error_details         ? 
_refine.ls_percent_reflns_R_free                 4.79 
_refine.ls_number_reflns_R_free                  570 
_refine.ls_number_parameters                     ? 
_refine.ls_number_restraints                     ? 
_refine.occupancy_min                            ? 
_refine.occupancy_max                            ? 
_refine.correlation_coeff_Fo_to_Fc               ? 
_refine.correlation_coeff_Fo_to_Fc_free          ? 
_refine.B_iso_mean                               ? 
_refine.aniso_B[1][1]                            -12.7536 
_refine.aniso_B[2][2]                            -12.7536 
_refine.aniso_B[3][3]                            25.5072 
_refine.aniso_B[1][2]                            -0.0000 
_refine.aniso_B[1][3]                            0.0000 
_refine.aniso_B[2][3]                            -0.0000 
_refine.solvent_model_details                    'FLAT BULK SOLVENT MODEL' 
_refine.solvent_model_param_ksol                 0.362 
_refine.solvent_model_param_bsol                 54.006 
_refine.pdbx_solvent_vdw_probe_radii             1.11 
_refine.pdbx_solvent_ion_probe_radii             ? 
_refine.pdbx_solvent_shrinkage_radii             0.90 
_refine.pdbx_ls_cross_valid_method               ? 
_refine.details                                  ? 
_refine.pdbx_starting_model                      ? 
_refine.pdbx_method_to_determine_struct          SAD 
_refine.pdbx_isotropic_thermal_model             ? 
_refine.pdbx_stereochemistry_target_values       ML 
_refine.pdbx_stereochem_target_val_spec_case     ? 
_refine.pdbx_R_Free_selection_details            random 
_refine.pdbx_overall_ESU_R                       ? 
_refine.pdbx_overall_ESU_R_Free                  ? 
_refine.overall_SU_ML                            0.50 
_refine.pdbx_overall_phase_error                 33.37 
_refine.overall_SU_B                             ? 
_refine.overall_SU_R_Cruickshank_DPI             ? 
_refine.ls_redundancy_reflns_obs                 ? 
_refine.B_iso_min                                ? 
_refine.B_iso_max                                ? 
_refine.overall_SU_R_free                        ? 
_refine.ls_wR_factor_R_free                      ? 
_refine.ls_wR_factor_R_work                      ? 
_refine.overall_FOM_free_R_set                   ? 
_refine.overall_FOM_work_R_set                   ? 
_refine.pdbx_diffrn_id                           1 
_refine.pdbx_refine_id                           'X-RAY DIFFRACTION' 
_refine.pdbx_TLS_residual_ADP_flag               ? 
_refine.pdbx_overall_SU_R_free_Cruickshank_DPI   ? 
_refine.pdbx_overall_SU_R_Blow_DPI               ? 
_refine.pdbx_overall_SU_R_free_Blow_DPI          ? 
# 
_refine_hist.pdbx_refine_id                   'X-RAY DIFFRACTION' 
_refine_hist.cycle_id                         LAST 
_refine_hist.pdbx_number_atoms_protein        805 
_refine_hist.pdbx_number_atoms_nucleic_acid   0 
_refine_hist.pdbx_number_atoms_ligand         28 
_refine_hist.number_atoms_solvent             29 
_refine_hist.number_atoms_total               862 
_refine_hist.d_res_high                       1.897 
_refine_hist.d_res_low                        40.846 
# 
loop_
_refine_ls_restr.type 
_refine_ls_restr.dev_ideal 
_refine_ls_restr.dev_ideal_target 
_refine_ls_restr.weight 
_refine_ls_restr.number 
_refine_ls_restr.pdbx_restraint_function 
_refine_ls_restr.pdbx_refine_id 
f_bond_d           0.007  ? ? 838  ? 'X-RAY DIFFRACTION' 
f_angle_d          0.993  ? ? 1125 ? 'X-RAY DIFFRACTION' 
f_dihedral_angle_d 17.129 ? ? 323  ? 'X-RAY DIFFRACTION' 
f_chiral_restr     0.057  ? ? 125  ? 'X-RAY DIFFRACTION' 
f_plane_restr      0.005  ? ? 145  ? 'X-RAY DIFFRACTION' 
# 
loop_
_refine_ls_shell.pdbx_total_number_of_bins_used 
_refine_ls_shell.d_res_high 
_refine_ls_shell.d_res_low 
_refine_ls_shell.number_reflns_R_work 
_refine_ls_shell.R_factor_R_work 
_refine_ls_shell.percent_reflns_obs 
_refine_ls_shell.R_factor_R_free 
_refine_ls_shell.R_factor_R_free_error 
_refine_ls_shell.percent_reflns_R_free 
_refine_ls_shell.number_reflns_R_free 
_refine_ls_shell.number_reflns_all 
_refine_ls_shell.R_factor_all 
_refine_ls_shell.number_reflns_obs 
_refine_ls_shell.redundancy_reflns_obs 
_refine_ls_shell.pdbx_refine_id 
. 1.8972 2.0881  2582 0.3037 91.00  0.3853 . . 132 . . . . 'X-RAY DIFFRACTION' 
. 2.0881 2.3903  2883 0.2479 100.00 0.3154 . . 146 . . . . 'X-RAY DIFFRACTION' 
. 2.3903 3.0113  2882 0.2401 100.00 0.3092 . . 150 . . . . 'X-RAY DIFFRACTION' 
. 3.0113 40.8558 2971 0.2075 98.00  0.2256 . . 142 . . . . 'X-RAY DIFFRACTION' 
# 
_struct.entry_id                  4ER9 
_struct.title                     
'Crystal structure of cytochrome b562 from Salmonella enterica subsp. enterica serovar Typhimurium str. 14028S' 
_struct.pdbx_model_details        ? 
_struct.pdbx_CASP_flag            ? 
_struct.pdbx_model_type_details   ? 
# 
_struct_keywords.entry_id        4ER9 
_struct_keywords.pdbx_keywords   'ELECTRON TRANSPORT' 
_struct_keywords.text            
;structural genomics, PSI-Biology, protein structure initiative, midwest center for structural genomics, MCSG, Program for the Characterization of Secreted Effector Proteins, PCSEP, ELECTRON TRANSPORT
;
# 
loop_
_struct_asym.id 
_struct_asym.pdbx_blank_PDB_chainid_flag 
_struct_asym.pdbx_modified 
_struct_asym.entity_id 
_struct_asym.details 
A N N 1 ? 
B N N 2 ? 
C N N 3 ? 
D N N 3 ? 
E N N 3 ? 
F N N 4 ? 
G N N 5 ? 
# 
_struct_ref.id                         1 
_struct_ref.db_name                    UNP 
_struct_ref.db_code                    C562_SALTY 
_struct_ref.pdbx_db_accession          P63727 
_struct_ref.entity_id                  1 
_struct_ref.pdbx_seq_one_letter_code   
;MRKSLLAILAVSSLVFGSAVFAADLEDNMDILNDNLKVVEKTDSAPELKAALTKMRAAALDAQKATPPKLEDKAPDSPEM
KDFRHGFDILVGQIDGALKLANEGNVKEAKAAAEALKTTRNTYHKKYR
;
_struct_ref.pdbx_align_begin           1 
_struct_ref.pdbx_db_isoform            ? 
# 
_struct_ref_seq.align_id                      1 
_struct_ref_seq.ref_id                        1 
_struct_ref_seq.pdbx_PDB_id_code              4ER9 
_struct_ref_seq.pdbx_strand_id                A 
_struct_ref_seq.seq_align_beg                 4 
_struct_ref_seq.pdbx_seq_align_beg_ins_code   ? 
_struct_ref_seq.seq_align_end                 131 
_struct_ref_seq.pdbx_seq_align_end_ins_code   ? 
_struct_ref_seq.pdbx_db_accession             P63727 
_struct_ref_seq.db_align_beg                  1 
_struct_ref_seq.pdbx_db_align_beg_ins_code    ? 
_struct_ref_seq.db_align_end                  128 
_struct_ref_seq.pdbx_db_align_end_ins_code    ? 
_struct_ref_seq.pdbx_auth_seq_align_beg       1 
_struct_ref_seq.pdbx_auth_seq_align_end       128 
# 
loop_
_struct_ref_seq_dif.align_id 
_struct_ref_seq_dif.pdbx_pdb_id_code 
_struct_ref_seq_dif.mon_id 
_struct_ref_seq_dif.pdbx_pdb_strand_id 
_struct_ref_seq_dif.seq_num 
_struct_ref_seq_dif.pdbx_pdb_ins_code 
_struct_ref_seq_dif.pdbx_seq_db_name 
_struct_ref_seq_dif.pdbx_seq_db_accession_code 
_struct_ref_seq_dif.db_mon_id 
_struct_ref_seq_dif.pdbx_seq_db_seq_num 
_struct_ref_seq_dif.details 
_struct_ref_seq_dif.pdbx_auth_seq_num 
_struct_ref_seq_dif.pdbx_ordinal 
1 4ER9 SER A 1 ? UNP P63727 ? ? 'expression tag' -2 1 
1 4ER9 ASN A 2 ? UNP P63727 ? ? 'expression tag' -1 2 
1 4ER9 ALA A 3 ? UNP P63727 ? ? 'expression tag' 0  3 
# 
_pdbx_struct_assembly.id                   1 
_pdbx_struct_assembly.details              author_and_software_defined_assembly 
_pdbx_struct_assembly.method_details       PISA 
_pdbx_struct_assembly.oligomeric_details   monomeric 
_pdbx_struct_assembly.oligomeric_count     1 
# 
_pdbx_struct_assembly_gen.assembly_id       1 
_pdbx_struct_assembly_gen.oper_expression   1 
_pdbx_struct_assembly_gen.asym_id_list      A,B,C,D,E,F,G 
# 
_pdbx_struct_oper_list.id                   1 
_pdbx_struct_oper_list.type                 'identity operation' 
_pdbx_struct_oper_list.name                 1_555 
_pdbx_struct_oper_list.symmetry_operation   x,y,z 
_pdbx_struct_oper_list.matrix[1][1]         1.0000000000 
_pdbx_struct_oper_list.matrix[1][2]         0.0000000000 
_pdbx_struct_oper_list.matrix[1][3]         0.0000000000 
_pdbx_struct_oper_list.vector[1]            0.0000000000 
_pdbx_struct_oper_list.matrix[2][1]         0.0000000000 
_pdbx_struct_oper_list.matrix[2][2]         1.0000000000 
_pdbx_struct_oper_list.matrix[2][3]         0.0000000000 
_pdbx_struct_oper_list.vector[2]            0.0000000000 
_pdbx_struct_oper_list.matrix[3][1]         0.0000000000 
_pdbx_struct_oper_list.matrix[3][2]         0.0000000000 
_pdbx_struct_oper_list.matrix[3][3]         1.0000000000 
_pdbx_struct_oper_list.vector[3]            0.0000000000 
# 
_struct_biol.id        1 
_struct_biol.details   'Experimentally unknown.  It is predicted to be monomeric.' 
# 
loop_
_struct_conf.conf_type_id 
_struct_conf.id 
_struct_conf.pdbx_PDB_helix_id 
_struct_conf.beg_label_comp_id 
_struct_conf.beg_label_asym_id 
_struct_conf.beg_label_seq_id 
_struct_conf.pdbx_beg_PDB_ins_code 
_struct_conf.end_label_comp_id 
_struct_conf.end_label_asym_id 
_struct_conf.end_label_seq_id 
_struct_conf.pdbx_end_PDB_ins_code 
_struct_conf.beg_auth_comp_id 
_struct_conf.beg_auth_asym_id 
_struct_conf.beg_auth_seq_id 
_struct_conf.end_auth_comp_id 
_struct_conf.end_auth_asym_id 
_struct_conf.end_auth_seq_id 
_struct_conf.pdbx_PDB_helix_class 
_struct_conf.details 
_struct_conf.pdbx_PDB_helix_length 
HELX_P HELX_P1 1 ALA A 26  ? THR A 45  ? ALA A 23  THR A 42  1 ? 20 
HELX_P HELX_P2 2 SER A 47  ? GLN A 66  ? SER A 44  GLN A 63  1 ? 20 
HELX_P HELX_P3 3 PRO A 70  ? GLU A 74  ? PRO A 67  GLU A 71  5 ? 5  
HELX_P HELX_P4 4 SER A 80  ? GLU A 106 ? SER A 77  GLU A 103 1 ? 27 
HELX_P HELX_P5 5 ASN A 108 ? GLU A 117 ? ASN A 105 GLU A 114 1 ? 10 
HELX_P HELX_P6 6 ALA A 118 ? LYS A 129 ? ALA A 115 LYS A 126 1 ? 12 
# 
_struct_conf_type.id          HELX_P 
_struct_conf_type.criteria    ? 
_struct_conf_type.reference   ? 
# 
loop_
_struct_site.id 
_struct_site.pdbx_evidence_code 
_struct_site.pdbx_auth_asym_id 
_struct_site.pdbx_auth_comp_id 
_struct_site.pdbx_auth_seq_id 
_struct_site.pdbx_auth_ins_code 
_struct_site.pdbx_num_residues 
_struct_site.details 
AC1 Software A PEG 201 ? 6 'BINDING SITE FOR RESIDUE PEG A 201' 
AC2 Software A SO4 202 ? 1 'BINDING SITE FOR RESIDUE SO4 A 202' 
AC3 Software A SO4 203 ? 2 'BINDING SITE FOR RESIDUE SO4 A 203' 
AC4 Software A SO4 204 ? 6 'BINDING SITE FOR RESIDUE SO4 A 204' 
AC5 Software A GOL 205 ? 6 'BINDING SITE FOR RESIDUE GOL A 205' 
# 
loop_
_struct_site_gen.id 
_struct_site_gen.site_id 
_struct_site_gen.pdbx_num_res 
_struct_site_gen.label_comp_id 
_struct_site_gen.label_asym_id 
_struct_site_gen.label_seq_id 
_struct_site_gen.pdbx_auth_ins_code 
_struct_site_gen.auth_comp_id 
_struct_site_gen.auth_asym_id 
_struct_site_gen.auth_seq_id 
_struct_site_gen.label_atom_id 
_struct_site_gen.label_alt_id 
_struct_site_gen.symmetry 
_struct_site_gen.details 
1  AC1 6 LYS A 67  ? LYS A 64  . ? 6_665 ? 
2  AC1 6 GLY A 107 ? GLY A 104 . ? 1_555 ? 
3  AC1 6 VAL A 109 ? VAL A 106 . ? 1_555 ? 
4  AC1 6 LYS A 110 ? LYS A 107 . ? 1_555 ? 
5  AC1 6 SO4 E .   ? SO4 A 204 . ? 1_555 ? 
6  AC1 6 HOH G .   ? HOH A 310 . ? 1_555 ? 
7  AC2 1 ARG A 59  ? ARG A 56  . ? 1_555 ? 
8  AC3 2 LYS A 84  ? LYS A 81  . ? 1_555 ? 
9  AC3 2 ARG A 87  ? ARG A 84  . ? 1_555 ? 
10 AC4 6 THR A 45  ? THR A 42  . ? 1_555 ? 
11 AC4 6 ASP A 46  ? ASP A 43  . ? 1_555 ? 
12 AC4 6 LEU A 51  ? LEU A 48  . ? 1_555 ? 
13 AC4 6 VAL A 109 ? VAL A 106 . ? 1_555 ? 
14 AC4 6 LYS A 110 ? LYS A 107 . ? 1_555 ? 
15 AC4 6 PEG B .   ? PEG A 201 . ? 1_555 ? 
16 AC5 6 MET A 32  ? MET A 29  . ? 1_555 ? 
17 AC5 6 PHE A 86  ? PHE A 83  . ? 1_555 ? 
18 AC5 6 PHE A 90  ? PHE A 87  . ? 1_555 ? 
19 AC5 6 TYR A 126 ? TYR A 123 . ? 1_555 ? 
20 AC5 6 HIS A 127 ? HIS A 124 . ? 1_555 ? 
21 AC5 6 TYR A 130 ? TYR A 127 . ? 1_555 ? 
# 
loop_
_pdbx_SG_project.id 
_pdbx_SG_project.project_name 
_pdbx_SG_project.full_name_of_center 
_pdbx_SG_project.initial_of_center 
1 PSI:Biology 'Midwest Center for Structural Genomics'                         MCSG  
2 PSI:Biology 'Program for the Characterization of Secreted Effector Proteins' PCSEP 
# 
loop_
_pdbx_refine_tls.pdbx_refine_id 
_pdbx_refine_tls.id 
_pdbx_refine_tls.details 
_pdbx_refine_tls.method 
_pdbx_refine_tls.origin_x 
_pdbx_refine_tls.origin_y 
_pdbx_refine_tls.origin_z 
_pdbx_refine_tls.T[1][1] 
_pdbx_refine_tls.T[2][2] 
_pdbx_refine_tls.T[3][3] 
_pdbx_refine_tls.T[1][2] 
_pdbx_refine_tls.T[1][3] 
_pdbx_refine_tls.T[2][3] 
_pdbx_refine_tls.L[1][1] 
_pdbx_refine_tls.L[2][2] 
_pdbx_refine_tls.L[3][3] 
_pdbx_refine_tls.L[1][2] 
_pdbx_refine_tls.L[1][3] 
_pdbx_refine_tls.L[2][3] 
_pdbx_refine_tls.S[1][1] 
_pdbx_refine_tls.S[1][2] 
_pdbx_refine_tls.S[1][3] 
_pdbx_refine_tls.S[2][1] 
_pdbx_refine_tls.S[2][2] 
_pdbx_refine_tls.S[2][3] 
_pdbx_refine_tls.S[3][1] 
_pdbx_refine_tls.S[3][2] 
_pdbx_refine_tls.S[3][3] 
'X-RAY DIFFRACTION' 1 ? refined 3.4586  4.5549  6.1192  0.7145 0.4925 0.5482 -0.2557 -0.1623 -0.0144 6.0645 6.9652 8.6951 -1.0123 -0.2461 -2.2707 -0.0103 -0.5681 0.2738 0.7592  -0.1816 -1.3201 -0.3727 0.6844  0.1832  
'X-RAY DIFFRACTION' 2 ? refined -1.9833 1.3524  -4.3124 0.3620 0.2122 0.2745 0.0287  0.0708  0.1015  3.9015 7.8830 3.3702 -0.8477 -1.9510 -2.4904 0.4362  0.4484  0.5502 -0.5390 0.0062  -0.2515 -0.3583 -0.0324 -0.2080 
'X-RAY DIFFRACTION' 3 ? refined 2.8112  -6.2250 2.4606  0.4222 0.4089 0.5208 0.1001  -0.0289 0.0474  7.1635 6.2649 7.8191 -2.0679 -1.5665 -0.5009 0.3042  0.2931  0.4059 0.0468  -0.1709 -0.8174 -0.3032 0.8265  -0.0159 
# 
loop_
_pdbx_refine_tls_group.pdbx_refine_id 
_pdbx_refine_tls_group.id 
_pdbx_refine_tls_group.refine_tls_id 
_pdbx_refine_tls_group.beg_auth_asym_id 
_pdbx_refine_tls_group.beg_auth_seq_id 
_pdbx_refine_tls_group.beg_label_asym_id 
_pdbx_refine_tls_group.beg_label_seq_id 
_pdbx_refine_tls_group.end_auth_asym_id 
_pdbx_refine_tls_group.end_auth_seq_id 
_pdbx_refine_tls_group.end_label_asym_id 
_pdbx_refine_tls_group.end_label_seq_id 
_pdbx_refine_tls_group.selection 
_pdbx_refine_tls_group.selection_details 
'X-RAY DIFFRACTION' 1 1 ? ? ? ? ? ? ? ? ? 
;chain 'A' and (resseq 23:44)
;
'X-RAY DIFFRACTION' 2 2 ? ? ? ? ? ? ? ? ? 
;chain 'A' and (resseq 45:102)
;
'X-RAY DIFFRACTION' 3 3 ? ? ? ? ? ? ? ? ? 
;chain 'A' and (resseq 103:127)
;
# 
loop_
_pdbx_unobs_or_zero_occ_residues.id 
_pdbx_unobs_or_zero_occ_residues.PDB_model_num 
_pdbx_unobs_or_zero_occ_residues.polymer_flag 
_pdbx_unobs_or_zero_occ_residues.occupancy_flag 
_pdbx_unobs_or_zero_occ_residues.auth_asym_id 
_pdbx_unobs_or_zero_occ_residues.auth_comp_id 
_pdbx_unobs_or_zero_occ_residues.auth_seq_id 
_pdbx_unobs_or_zero_occ_residues.PDB_ins_code 
_pdbx_unobs_or_zero_occ_residues.label_asym_id 
_pdbx_unobs_or_zero_occ_residues.label_comp_id 
_pdbx_unobs_or_zero_occ_residues.label_seq_id 
1  1 Y 1 A SER -2  ? A SER 1   
2  1 Y 1 A ASN -1  ? A ASN 2   
3  1 Y 1 A ALA 0   ? A ALA 3   
4  1 Y 1 A MET 1   ? A MET 4   
5  1 Y 1 A ARG 2   ? A ARG 5   
6  1 Y 1 A LYS 3   ? A LYS 6   
7  1 Y 1 A SER 4   ? A SER 7   
8  1 Y 1 A LEU 5   ? A LEU 8   
9  1 Y 1 A LEU 6   ? A LEU 9   
10 1 Y 1 A ALA 7   ? A ALA 10  
11 1 Y 1 A ILE 8   ? A ILE 11  
12 1 Y 1 A LEU 9   ? A LEU 12  
13 1 Y 1 A ALA 10  ? A ALA 13  
14 1 Y 1 A VAL 11  ? A VAL 14  
15 1 Y 1 A SER 12  ? A SER 15  
16 1 Y 1 A SER 13  ? A SER 16  
17 1 Y 1 A LEU 14  ? A LEU 17  
18 1 Y 1 A VAL 15  ? A VAL 18  
19 1 Y 1 A PHE 16  ? A PHE 19  
20 1 Y 1 A GLY 17  ? A GLY 20  
21 1 Y 1 A SER 18  ? A SER 21  
22 1 Y 1 A ALA 19  ? A ALA 22  
23 1 Y 1 A VAL 20  ? A VAL 23  
24 1 Y 1 A PHE 21  ? A PHE 24  
25 1 Y 1 A ALA 22  ? A ALA 25  
26 1 Y 1 A ARG 128 ? A ARG 131 
# 
loop_
_chem_comp_atom.comp_id 
_chem_comp_atom.atom_id 
_chem_comp_atom.type_symbol 
_chem_comp_atom.pdbx_aromatic_flag 
_chem_comp_atom.pdbx_stereo_config 
_chem_comp_atom.pdbx_ordinal 
ALA N    N N N 1   
ALA CA   C N S 2   
ALA C    C N N 3   
ALA O    O N N 4   
ALA CB   C N N 5   
ALA OXT  O N N 6   
ALA H    H N N 7   
ALA H2   H N N 8   
ALA HA   H N N 9   
ALA HB1  H N N 10  
ALA HB2  H N N 11  
ALA HB3  H N N 12  
ALA HXT  H N N 13  
ARG N    N N N 14  
ARG CA   C N S 15  
ARG C    C N N 16  
ARG O    O N N 17  
ARG CB   C N N 18  
ARG CG   C N N 19  
ARG CD   C N N 20  
ARG NE   N N N 21  
ARG CZ   C N N 22  
ARG NH1  N N N 23  
ARG NH2  N N N 24  
ARG OXT  O N N 25  
ARG H    H N N 26  
ARG H2   H N N 27  
ARG HA   H N N 28  
ARG HB2  H N N 29  
ARG HB3  H N N 30  
ARG HG2  H N N 31  
ARG HG3  H N N 32  
ARG HD2  H N N 33  
ARG HD3  H N N 34  
ARG HE   H N N 35  
ARG HH11 H N N 36  
ARG HH12 H N N 37  
ARG HH21 H N N 38  
ARG HH22 H N N 39  
ARG HXT  H N N 40  
ASN N    N N N 41  
ASN CA   C N S 42  
ASN C    C N N 43  
ASN O    O N N 44  
ASN CB   C N N 45  
ASN CG   C N N 46  
ASN OD1  O N N 47  
ASN ND2  N N N 48  
ASN OXT  O N N 49  
ASN H    H N N 50  
ASN H2   H N N 51  
ASN HA   H N N 52  
ASN HB2  H N N 53  
ASN HB3  H N N 54  
ASN HD21 H N N 55  
ASN HD22 H N N 56  
ASN HXT  H N N 57  
ASP N    N N N 58  
ASP CA   C N S 59  
ASP C    C N N 60  
ASP O    O N N 61  
ASP CB   C N N 62  
ASP CG   C N N 63  
ASP OD1  O N N 64  
ASP OD2  O N N 65  
ASP OXT  O N N 66  
ASP H    H N N 67  
ASP H2   H N N 68  
ASP HA   H N N 69  
ASP HB2  H N N 70  
ASP HB3  H N N 71  
ASP HD2  H N N 72  
ASP HXT  H N N 73  
GLN N    N N N 74  
GLN CA   C N S 75  
GLN C    C N N 76  
GLN O    O N N 77  
GLN CB   C N N 78  
GLN CG   C N N 79  
GLN CD   C N N 80  
GLN OE1  O N N 81  
GLN NE2  N N N 82  
GLN OXT  O N N 83  
GLN H    H N N 84  
GLN H2   H N N 85  
GLN HA   H N N 86  
GLN HB2  H N N 87  
GLN HB3  H N N 88  
GLN HG2  H N N 89  
GLN HG3  H N N 90  
GLN HE21 H N N 91  
GLN HE22 H N N 92  
GLN HXT  H N N 93  
GLU N    N N N 94  
GLU CA   C N S 95  
GLU C    C N N 96  
GLU O    O N N 97  
GLU CB   C N N 98  
GLU CG   C N N 99  
GLU CD   C N N 100 
GLU OE1  O N N 101 
GLU OE2  O N N 102 
GLU OXT  O N N 103 
GLU H    H N N 104 
GLU H2   H N N 105 
GLU HA   H N N 106 
GLU HB2  H N N 107 
GLU HB3  H N N 108 
GLU HG2  H N N 109 
GLU HG3  H N N 110 
GLU HE2  H N N 111 
GLU HXT  H N N 112 
GLY N    N N N 113 
GLY CA   C N N 114 
GLY C    C N N 115 
GLY O    O N N 116 
GLY OXT  O N N 117 
GLY H    H N N 118 
GLY H2   H N N 119 
GLY HA2  H N N 120 
GLY HA3  H N N 121 
GLY HXT  H N N 122 
GOL C1   C N N 123 
GOL O1   O N N 124 
GOL C2   C N N 125 
GOL O2   O N N 126 
GOL C3   C N N 127 
GOL O3   O N N 128 
GOL H11  H N N 129 
GOL H12  H N N 130 
GOL HO1  H N N 131 
GOL H2   H N N 132 
GOL HO2  H N N 133 
GOL H31  H N N 134 
GOL H32  H N N 135 
GOL HO3  H N N 136 
HIS N    N N N 137 
HIS CA   C N S 138 
HIS C    C N N 139 
HIS O    O N N 140 
HIS CB   C N N 141 
HIS CG   C Y N 142 
HIS ND1  N Y N 143 
HIS CD2  C Y N 144 
HIS CE1  C Y N 145 
HIS NE2  N Y N 146 
HIS OXT  O N N 147 
HIS H    H N N 148 
HIS H2   H N N 149 
HIS HA   H N N 150 
HIS HB2  H N N 151 
HIS HB3  H N N 152 
HIS HD1  H N N 153 
HIS HD2  H N N 154 
HIS HE1  H N N 155 
HIS HE2  H N N 156 
HIS HXT  H N N 157 
HOH O    O N N 158 
HOH H1   H N N 159 
HOH H2   H N N 160 
ILE N    N N N 161 
ILE CA   C N S 162 
ILE C    C N N 163 
ILE O    O N N 164 
ILE CB   C N S 165 
ILE CG1  C N N 166 
ILE CG2  C N N 167 
ILE CD1  C N N 168 
ILE OXT  O N N 169 
ILE H    H N N 170 
ILE H2   H N N 171 
ILE HA   H N N 172 
ILE HB   H N N 173 
ILE HG12 H N N 174 
ILE HG13 H N N 175 
ILE HG21 H N N 176 
ILE HG22 H N N 177 
ILE HG23 H N N 178 
ILE HD11 H N N 179 
ILE HD12 H N N 180 
ILE HD13 H N N 181 
ILE HXT  H N N 182 
LEU N    N N N 183 
LEU CA   C N S 184 
LEU C    C N N 185 
LEU O    O N N 186 
LEU CB   C N N 187 
LEU CG   C N N 188 
LEU CD1  C N N 189 
LEU CD2  C N N 190 
LEU OXT  O N N 191 
LEU H    H N N 192 
LEU H2   H N N 193 
LEU HA   H N N 194 
LEU HB2  H N N 195 
LEU HB3  H N N 196 
LEU HG   H N N 197 
LEU HD11 H N N 198 
LEU HD12 H N N 199 
LEU HD13 H N N 200 
LEU HD21 H N N 201 
LEU HD22 H N N 202 
LEU HD23 H N N 203 
LEU HXT  H N N 204 
LYS N    N N N 205 
LYS CA   C N S 206 
LYS C    C N N 207 
LYS O    O N N 208 
LYS CB   C N N 209 
LYS CG   C N N 210 
LYS CD   C N N 211 
LYS CE   C N N 212 
LYS NZ   N N N 213 
LYS OXT  O N N 214 
LYS H    H N N 215 
LYS H2   H N N 216 
LYS HA   H N N 217 
LYS HB2  H N N 218 
LYS HB3  H N N 219 
LYS HG2  H N N 220 
LYS HG3  H N N 221 
LYS HD2  H N N 222 
LYS HD3  H N N 223 
LYS HE2  H N N 224 
LYS HE3  H N N 225 
LYS HZ1  H N N 226 
LYS HZ2  H N N 227 
LYS HZ3  H N N 228 
LYS HXT  H N N 229 
MET N    N N N 230 
MET CA   C N S 231 
MET C    C N N 232 
MET O    O N N 233 
MET CB   C N N 234 
MET CG   C N N 235 
MET SD   S N N 236 
MET CE   C N N 237 
MET OXT  O N N 238 
MET H    H N N 239 
MET H2   H N N 240 
MET HA   H N N 241 
MET HB2  H N N 242 
MET HB3  H N N 243 
MET HG2  H N N 244 
MET HG3  H N N 245 
MET HE1  H N N 246 
MET HE2  H N N 247 
MET HE3  H N N 248 
MET HXT  H N N 249 
PEG C1   C N N 250 
PEG O1   O N N 251 
PEG C2   C N N 252 
PEG O2   O N N 253 
PEG C3   C N N 254 
PEG C4   C N N 255 
PEG O4   O N N 256 
PEG H11  H N N 257 
PEG H12  H N N 258 
PEG HO1  H N N 259 
PEG H21  H N N 260 
PEG H22  H N N 261 
PEG H31  H N N 262 
PEG H32  H N N 263 
PEG H41  H N N 264 
PEG H42  H N N 265 
PEG HO4  H N N 266 
PHE N    N N N 267 
PHE CA   C N S 268 
PHE C    C N N 269 
PHE O    O N N 270 
PHE CB   C N N 271 
PHE CG   C Y N 272 
PHE CD1  C Y N 273 
PHE CD2  C Y N 274 
PHE CE1  C Y N 275 
PHE CE2  C Y N 276 
PHE CZ   C Y N 277 
PHE OXT  O N N 278 
PHE H    H N N 279 
PHE H2   H N N 280 
PHE HA   H N N 281 
PHE HB2  H N N 282 
PHE HB3  H N N 283 
PHE HD1  H N N 284 
PHE HD2  H N N 285 
PHE HE1  H N N 286 
PHE HE2  H N N 287 
PHE HZ   H N N 288 
PHE HXT  H N N 289 
PRO N    N N N 290 
PRO CA   C N S 291 
PRO C    C N N 292 
PRO O    O N N 293 
PRO CB   C N N 294 
PRO CG   C N N 295 
PRO CD   C N N 296 
PRO OXT  O N N 297 
PRO H    H N N 298 
PRO HA   H N N 299 
PRO HB2  H N N 300 
PRO HB3  H N N 301 
PRO HG2  H N N 302 
PRO HG3  H N N 303 
PRO HD2  H N N 304 
PRO HD3  H N N 305 
PRO HXT  H N N 306 
SER N    N N N 307 
SER CA   C N S 308 
SER C    C N N 309 
SER O    O N N 310 
SER CB   C N N 311 
SER OG   O N N 312 
SER OXT  O N N 313 
SER H    H N N 314 
SER H2   H N N 315 
SER HA   H N N 316 
SER HB2  H N N 317 
SER HB3  H N N 318 
SER HG   H N N 319 
SER HXT  H N N 320 
SO4 S    S N N 321 
SO4 O1   O N N 322 
SO4 O2   O N N 323 
SO4 O3   O N N 324 
SO4 O4   O N N 325 
THR N    N N N 326 
THR CA   C N S 327 
THR C    C N N 328 
THR O    O N N 329 
THR CB   C N R 330 
THR OG1  O N N 331 
THR CG2  C N N 332 
THR OXT  O N N 333 
THR H    H N N 334 
THR H2   H N N 335 
THR HA   H N N 336 
THR HB   H N N 337 
THR HG1  H N N 338 
THR HG21 H N N 339 
THR HG22 H N N 340 
THR HG23 H N N 341 
THR HXT  H N N 342 
TYR N    N N N 343 
TYR CA   C N S 344 
TYR C    C N N 345 
TYR O    O N N 346 
TYR CB   C N N 347 
TYR CG   C Y N 348 
TYR CD1  C Y N 349 
TYR CD2  C Y N 350 
TYR CE1  C Y N 351 
TYR CE2  C Y N 352 
TYR CZ   C Y N 353 
TYR OH   O N N 354 
TYR OXT  O N N 355 
TYR H    H N N 356 
TYR H2   H N N 357 
TYR HA   H N N 358 
TYR HB2  H N N 359 
TYR HB3  H N N 360 
TYR HD1  H N N 361 
TYR HD2  H N N 362 
TYR HE1  H N N 363 
TYR HE2  H N N 364 
TYR HH   H N N 365 
TYR HXT  H N N 366 
VAL N    N N N 367 
VAL CA   C N S 368 
VAL C    C N N 369 
VAL O    O N N 370 
VAL CB   C N N 371 
VAL CG1  C N N 372 
VAL CG2  C N N 373 
VAL OXT  O N N 374 
VAL H    H N N 375 
VAL H2   H N N 376 
VAL HA   H N N 377 
VAL HB   H N N 378 
VAL HG11 H N N 379 
VAL HG12 H N N 380 
VAL HG13 H N N 381 
VAL HG21 H N N 382 
VAL HG22 H N N 383 
VAL HG23 H N N 384 
VAL HXT  H N N 385 
# 
loop_
_chem_comp_bond.comp_id 
_chem_comp_bond.atom_id_1 
_chem_comp_bond.atom_id_2 
_chem_comp_bond.value_order 
_chem_comp_bond.pdbx_aromatic_flag 
_chem_comp_bond.pdbx_stereo_config 
_chem_comp_bond.pdbx_ordinal 
ALA N   CA   sing N N 1   
ALA N   H    sing N N 2   
ALA N   H2   sing N N 3   
ALA CA  C    sing N N 4   
ALA CA  CB   sing N N 5   
ALA CA  HA   sing N N 6   
ALA C   O    doub N N 7   
ALA C   OXT  sing N N 8   
ALA CB  HB1  sing N N 9   
ALA CB  HB2  sing N N 10  
ALA CB  HB3  sing N N 11  
ALA OXT HXT  sing N N 12  
ARG N   CA   sing N N 13  
ARG N   H    sing N N 14  
ARG N   H2   sing N N 15  
ARG CA  C    sing N N 16  
ARG CA  CB   sing N N 17  
ARG CA  HA   sing N N 18  
ARG C   O    doub N N 19  
ARG C   OXT  sing N N 20  
ARG CB  CG   sing N N 21  
ARG CB  HB2  sing N N 22  
ARG CB  HB3  sing N N 23  
ARG CG  CD   sing N N 24  
ARG CG  HG2  sing N N 25  
ARG CG  HG3  sing N N 26  
ARG CD  NE   sing N N 27  
ARG CD  HD2  sing N N 28  
ARG CD  HD3  sing N N 29  
ARG NE  CZ   sing N N 30  
ARG NE  HE   sing N N 31  
ARG CZ  NH1  sing N N 32  
ARG CZ  NH2  doub N N 33  
ARG NH1 HH11 sing N N 34  
ARG NH1 HH12 sing N N 35  
ARG NH2 HH21 sing N N 36  
ARG NH2 HH22 sing N N 37  
ARG OXT HXT  sing N N 38  
ASN N   CA   sing N N 39  
ASN N   H    sing N N 40  
ASN N   H2   sing N N 41  
ASN CA  C    sing N N 42  
ASN CA  CB   sing N N 43  
ASN CA  HA   sing N N 44  
ASN C   O    doub N N 45  
ASN C   OXT  sing N N 46  
ASN CB  CG   sing N N 47  
ASN CB  HB2  sing N N 48  
ASN CB  HB3  sing N N 49  
ASN CG  OD1  doub N N 50  
ASN CG  ND2  sing N N 51  
ASN ND2 HD21 sing N N 52  
ASN ND2 HD22 sing N N 53  
ASN OXT HXT  sing N N 54  
ASP N   CA   sing N N 55  
ASP N   H    sing N N 56  
ASP N   H2   sing N N 57  
ASP CA  C    sing N N 58  
ASP CA  CB   sing N N 59  
ASP CA  HA   sing N N 60  
ASP C   O    doub N N 61  
ASP C   OXT  sing N N 62  
ASP CB  CG   sing N N 63  
ASP CB  HB2  sing N N 64  
ASP CB  HB3  sing N N 65  
ASP CG  OD1  doub N N 66  
ASP CG  OD2  sing N N 67  
ASP OD2 HD2  sing N N 68  
ASP OXT HXT  sing N N 69  
GLN N   CA   sing N N 70  
GLN N   H    sing N N 71  
GLN N   H2   sing N N 72  
GLN CA  C    sing N N 73  
GLN CA  CB   sing N N 74  
GLN CA  HA   sing N N 75  
GLN C   O    doub N N 76  
GLN C   OXT  sing N N 77  
GLN CB  CG   sing N N 78  
GLN CB  HB2  sing N N 79  
GLN CB  HB3  sing N N 80  
GLN CG  CD   sing N N 81  
GLN CG  HG2  sing N N 82  
GLN CG  HG3  sing N N 83  
GLN CD  OE1  doub N N 84  
GLN CD  NE2  sing N N 85  
GLN NE2 HE21 sing N N 86  
GLN NE2 HE22 sing N N 87  
GLN OXT HXT  sing N N 88  
GLU N   CA   sing N N 89  
GLU N   H    sing N N 90  
GLU N   H2   sing N N 91  
GLU CA  C    sing N N 92  
GLU CA  CB   sing N N 93  
GLU CA  HA   sing N N 94  
GLU C   O    doub N N 95  
GLU C   OXT  sing N N 96  
GLU CB  CG   sing N N 97  
GLU CB  HB2  sing N N 98  
GLU CB  HB3  sing N N 99  
GLU CG  CD   sing N N 100 
GLU CG  HG2  sing N N 101 
GLU CG  HG3  sing N N 102 
GLU CD  OE1  doub N N 103 
GLU CD  OE2  sing N N 104 
GLU OE2 HE2  sing N N 105 
GLU OXT HXT  sing N N 106 
GLY N   CA   sing N N 107 
GLY N   H    sing N N 108 
GLY N   H2   sing N N 109 
GLY CA  C    sing N N 110 
GLY CA  HA2  sing N N 111 
GLY CA  HA3  sing N N 112 
GLY C   O    doub N N 113 
GLY C   OXT  sing N N 114 
GLY OXT HXT  sing N N 115 
GOL C1  O1   sing N N 116 
GOL C1  C2   sing N N 117 
GOL C1  H11  sing N N 118 
GOL C1  H12  sing N N 119 
GOL O1  HO1  sing N N 120 
GOL C2  O2   sing N N 121 
GOL C2  C3   sing N N 122 
GOL C2  H2   sing N N 123 
GOL O2  HO2  sing N N 124 
GOL C3  O3   sing N N 125 
GOL C3  H31  sing N N 126 
GOL C3  H32  sing N N 127 
GOL O3  HO3  sing N N 128 
HIS N   CA   sing N N 129 
HIS N   H    sing N N 130 
HIS N   H2   sing N N 131 
HIS CA  C    sing N N 132 
HIS CA  CB   sing N N 133 
HIS CA  HA   sing N N 134 
HIS C   O    doub N N 135 
HIS C   OXT  sing N N 136 
HIS CB  CG   sing N N 137 
HIS CB  HB2  sing N N 138 
HIS CB  HB3  sing N N 139 
HIS CG  ND1  sing Y N 140 
HIS CG  CD2  doub Y N 141 
HIS ND1 CE1  doub Y N 142 
HIS ND1 HD1  sing N N 143 
HIS CD2 NE2  sing Y N 144 
HIS CD2 HD2  sing N N 145 
HIS CE1 NE2  sing Y N 146 
HIS CE1 HE1  sing N N 147 
HIS NE2 HE2  sing N N 148 
HIS OXT HXT  sing N N 149 
HOH O   H1   sing N N 150 
HOH O   H2   sing N N 151 
ILE N   CA   sing N N 152 
ILE N   H    sing N N 153 
ILE N   H2   sing N N 154 
ILE CA  C    sing N N 155 
ILE CA  CB   sing N N 156 
ILE CA  HA   sing N N 157 
ILE C   O    doub N N 158 
ILE C   OXT  sing N N 159 
ILE CB  CG1  sing N N 160 
ILE CB  CG2  sing N N 161 
ILE CB  HB   sing N N 162 
ILE CG1 CD1  sing N N 163 
ILE CG1 HG12 sing N N 164 
ILE CG1 HG13 sing N N 165 
ILE CG2 HG21 sing N N 166 
ILE CG2 HG22 sing N N 167 
ILE CG2 HG23 sing N N 168 
ILE CD1 HD11 sing N N 169 
ILE CD1 HD12 sing N N 170 
ILE CD1 HD13 sing N N 171 
ILE OXT HXT  sing N N 172 
LEU N   CA   sing N N 173 
LEU N   H    sing N N 174 
LEU N   H2   sing N N 175 
LEU CA  C    sing N N 176 
LEU CA  CB   sing N N 177 
LEU CA  HA   sing N N 178 
LEU C   O    doub N N 179 
LEU C   OXT  sing N N 180 
LEU CB  CG   sing N N 181 
LEU CB  HB2  sing N N 182 
LEU CB  HB3  sing N N 183 
LEU CG  CD1  sing N N 184 
LEU CG  CD2  sing N N 185 
LEU CG  HG   sing N N 186 
LEU CD1 HD11 sing N N 187 
LEU CD1 HD12 sing N N 188 
LEU CD1 HD13 sing N N 189 
LEU CD2 HD21 sing N N 190 
LEU CD2 HD22 sing N N 191 
LEU CD2 HD23 sing N N 192 
LEU OXT HXT  sing N N 193 
LYS N   CA   sing N N 194 
LYS N   H    sing N N 195 
LYS N   H2   sing N N 196 
LYS CA  C    sing N N 197 
LYS CA  CB   sing N N 198 
LYS CA  HA   sing N N 199 
LYS C   O    doub N N 200 
LYS C   OXT  sing N N 201 
LYS CB  CG   sing N N 202 
LYS CB  HB2  sing N N 203 
LYS CB  HB3  sing N N 204 
LYS CG  CD   sing N N 205 
LYS CG  HG2  sing N N 206 
LYS CG  HG3  sing N N 207 
LYS CD  CE   sing N N 208 
LYS CD  HD2  sing N N 209 
LYS CD  HD3  sing N N 210 
LYS CE  NZ   sing N N 211 
LYS CE  HE2  sing N N 212 
LYS CE  HE3  sing N N 213 
LYS NZ  HZ1  sing N N 214 
LYS NZ  HZ2  sing N N 215 
LYS NZ  HZ3  sing N N 216 
LYS OXT HXT  sing N N 217 
MET N   CA   sing N N 218 
MET N   H    sing N N 219 
MET N   H2   sing N N 220 
MET CA  C    sing N N 221 
MET CA  CB   sing N N 222 
MET CA  HA   sing N N 223 
MET C   O    doub N N 224 
MET C   OXT  sing N N 225 
MET CB  CG   sing N N 226 
MET CB  HB2  sing N N 227 
MET CB  HB3  sing N N 228 
MET CG  SD   sing N N 229 
MET CG  HG2  sing N N 230 
MET CG  HG3  sing N N 231 
MET SD  CE   sing N N 232 
MET CE  HE1  sing N N 233 
MET CE  HE2  sing N N 234 
MET CE  HE3  sing N N 235 
MET OXT HXT  sing N N 236 
PEG C1  O1   sing N N 237 
PEG C1  C2   sing N N 238 
PEG C1  H11  sing N N 239 
PEG C1  H12  sing N N 240 
PEG O1  HO1  sing N N 241 
PEG C2  O2   sing N N 242 
PEG C2  H21  sing N N 243 
PEG C2  H22  sing N N 244 
PEG O2  C3   sing N N 245 
PEG C3  C4   sing N N 246 
PEG C3  H31  sing N N 247 
PEG C3  H32  sing N N 248 
PEG C4  O4   sing N N 249 
PEG C4  H41  sing N N 250 
PEG C4  H42  sing N N 251 
PEG O4  HO4  sing N N 252 
PHE N   CA   sing N N 253 
PHE N   H    sing N N 254 
PHE N   H2   sing N N 255 
PHE CA  C    sing N N 256 
PHE CA  CB   sing N N 257 
PHE CA  HA   sing N N 258 
PHE C   O    doub N N 259 
PHE C   OXT  sing N N 260 
PHE CB  CG   sing N N 261 
PHE CB  HB2  sing N N 262 
PHE CB  HB3  sing N N 263 
PHE CG  CD1  doub Y N 264 
PHE CG  CD2  sing Y N 265 
PHE CD1 CE1  sing Y N 266 
PHE CD1 HD1  sing N N 267 
PHE CD2 CE2  doub Y N 268 
PHE CD2 HD2  sing N N 269 
PHE CE1 CZ   doub Y N 270 
PHE CE1 HE1  sing N N 271 
PHE CE2 CZ   sing Y N 272 
PHE CE2 HE2  sing N N 273 
PHE CZ  HZ   sing N N 274 
PHE OXT HXT  sing N N 275 
PRO N   CA   sing N N 276 
PRO N   CD   sing N N 277 
PRO N   H    sing N N 278 
PRO CA  C    sing N N 279 
PRO CA  CB   sing N N 280 
PRO CA  HA   sing N N 281 
PRO C   O    doub N N 282 
PRO C   OXT  sing N N 283 
PRO CB  CG   sing N N 284 
PRO CB  HB2  sing N N 285 
PRO CB  HB3  sing N N 286 
PRO CG  CD   sing N N 287 
PRO CG  HG2  sing N N 288 
PRO CG  HG3  sing N N 289 
PRO CD  HD2  sing N N 290 
PRO CD  HD3  sing N N 291 
PRO OXT HXT  sing N N 292 
SER N   CA   sing N N 293 
SER N   H    sing N N 294 
SER N   H2   sing N N 295 
SER CA  C    sing N N 296 
SER CA  CB   sing N N 297 
SER CA  HA   sing N N 298 
SER C   O    doub N N 299 
SER C   OXT  sing N N 300 
SER CB  OG   sing N N 301 
SER CB  HB2  sing N N 302 
SER CB  HB3  sing N N 303 
SER OG  HG   sing N N 304 
SER OXT HXT  sing N N 305 
SO4 S   O1   doub N N 306 
SO4 S   O2   doub N N 307 
SO4 S   O3   sing N N 308 
SO4 S   O4   sing N N 309 
THR N   CA   sing N N 310 
THR N   H    sing N N 311 
THR N   H2   sing N N 312 
THR CA  C    sing N N 313 
THR CA  CB   sing N N 314 
THR CA  HA   sing N N 315 
THR C   O    doub N N 316 
THR C   OXT  sing N N 317 
THR CB  OG1  sing N N 318 
THR CB  CG2  sing N N 319 
THR CB  HB   sing N N 320 
THR OG1 HG1  sing N N 321 
THR CG2 HG21 sing N N 322 
THR CG2 HG22 sing N N 323 
THR CG2 HG23 sing N N 324 
THR OXT HXT  sing N N 325 
TYR N   CA   sing N N 326 
TYR N   H    sing N N 327 
TYR N   H2   sing N N 328 
TYR CA  C    sing N N 329 
TYR CA  CB   sing N N 330 
TYR CA  HA   sing N N 331 
TYR C   O    doub N N 332 
TYR C   OXT  sing N N 333 
TYR CB  CG   sing N N 334 
TYR CB  HB2  sing N N 335 
TYR CB  HB3  sing N N 336 
TYR CG  CD1  doub Y N 337 
TYR CG  CD2  sing Y N 338 
TYR CD1 CE1  sing Y N 339 
TYR CD1 HD1  sing N N 340 
TYR CD2 CE2  doub Y N 341 
TYR CD2 HD2  sing N N 342 
TYR CE1 CZ   doub Y N 343 
TYR CE1 HE1  sing N N 344 
TYR CE2 CZ   sing Y N 345 
TYR CE2 HE2  sing N N 346 
TYR CZ  OH   sing N N 347 
TYR OH  HH   sing N N 348 
TYR OXT HXT  sing N N 349 
VAL N   CA   sing N N 350 
VAL N   H    sing N N 351 
VAL N   H2   sing N N 352 
VAL CA  C    sing N N 353 
VAL CA  CB   sing N N 354 
VAL CA  HA   sing N N 355 
VAL C   O    doub N N 356 
VAL C   OXT  sing N N 357 
VAL CB  CG1  sing N N 358 
VAL CB  CG2  sing N N 359 
VAL CB  HB   sing N N 360 
VAL CG1 HG11 sing N N 361 
VAL CG1 HG12 sing N N 362 
VAL CG1 HG13 sing N N 363 
VAL CG2 HG21 sing N N 364 
VAL CG2 HG22 sing N N 365 
VAL CG2 HG23 sing N N 366 
VAL OXT HXT  sing N N 367 
# 
_atom_sites.entry_id                    4ER9 
_atom_sites.fract_transf_matrix[1][1]   -0.01641619 
_atom_sites.fract_transf_matrix[1][2]   0.00473916 
_atom_sites.fract_transf_matrix[1][3]   -0.00128667 
_atom_sites.fract_transf_matrix[2][1]   -0.01147713 
_atom_sites.fract_transf_matrix[2][2]   -0.00568749 
_atom_sites.fract_transf_matrix[2][3]   0.01138140 
_atom_sites.fract_transf_matrix[3][1]   0.00320610 
_atom_sites.fract_transf_matrix[3][2]   0.01386457 
_atom_sites.fract_transf_matrix[3][3]   0.01016143 
_atom_sites.fract_transf_vector[1]      0.386191 
_atom_sites.fract_transf_vector[2]      0.273343 
_atom_sites.fract_transf_vector[3]      0.140398 
# 
loop_
_atom_type.symbol 
C 
N 
O 
S 
# 
loop_
_atom_site.group_PDB 
_atom_site.id 
_atom_site.type_symbol 
_atom_site.label_atom_id 
_atom_site.label_alt_id 
_atom_site.label_comp_id 
_atom_site.label_asym_id 
_atom_site.label_entity_id 
_atom_site.label_seq_id 
_atom_site.pdbx_PDB_ins_code 
_atom_site.Cartn_x 
_atom_site.Cartn_y 
_atom_site.Cartn_z 
_atom_site.occupancy 
_atom_site.B_iso_or_equiv 
_atom_site.pdbx_formal_charge 
_atom_site.auth_seq_id 
_atom_site.auth_comp_id 
_atom_site.auth_asym_id 
_atom_site.auth_atom_id 
_atom_site.pdbx_PDB_model_num 
ATOM   1   N N   . ALA A 1 26  ? 3.920   16.692  -5.625  1.00 114.75 ? 23  ALA A N   1 
ATOM   2   C CA  . ALA A 1 26  ? 4.335   16.444  -4.251  1.00 103.55 ? 23  ALA A CA  1 
ATOM   3   C C   . ALA A 1 26  ? 3.354   15.535  -3.536  1.00 97.26  ? 23  ALA A C   1 
ATOM   4   O O   . ALA A 1 26  ? 3.683   14.946  -2.509  1.00 94.64  ? 23  ALA A O   1 
ATOM   5   C CB  . ALA A 1 26  ? 4.488   17.749  -3.491  1.00 105.42 ? 23  ALA A CB  1 
ATOM   6   N N   . ASP A 1 27  ? 2.142   15.424  -4.067  1.00 92.66  ? 24  ASP A N   1 
ATOM   7   C CA  . ASP A 1 27  ? 1.145   14.579  -3.422  1.00 79.95  ? 24  ASP A CA  1 
ATOM   8   C C   . ASP A 1 27  ? 1.486   13.103  -3.550  1.00 65.11  ? 24  ASP A C   1 
ATOM   9   O O   . ASP A 1 27  ? 1.116   12.309  -2.695  1.00 62.56  ? 24  ASP A O   1 
ATOM   10  C CB  . ASP A 1 27  ? -0.259  14.853  -3.953  1.00 87.06  ? 24  ASP A CB  1 
ATOM   11  C CG  . ASP A 1 27  ? -1.126  15.566  -2.944  1.00 92.17  ? 24  ASP A CG  1 
ATOM   12  O OD1 . ASP A 1 27  ? -1.768  16.570  -3.319  1.00 100.93 ? 24  ASP A OD1 1 
ATOM   13  O OD2 . ASP A 1 27  ? -1.161  15.126  -1.776  1.00 89.10  ? 24  ASP A OD2 1 
ATOM   14  N N   . LEU A 1 28  ? 2.200   12.728  -4.606  1.00 60.80  ? 25  LEU A N   1 
ATOM   15  C CA  . LEU A 1 28  ? 2.609   11.333  -4.749  1.00 61.08  ? 25  LEU A CA  1 
ATOM   16  C C   . LEU A 1 28  ? 3.625   10.943  -3.673  1.00 58.19  ? 25  LEU A C   1 
ATOM   17  O O   . LEU A 1 28  ? 3.439   9.945   -2.982  1.00 58.08  ? 25  LEU A O   1 
ATOM   18  C CB  . LEU A 1 28  ? 3.167   11.044  -6.143  1.00 64.17  ? 25  LEU A CB  1 
ATOM   19  C CG  . LEU A 1 28  ? 3.713   9.616   -6.266  1.00 62.22  ? 25  LEU A CG  1 
ATOM   20  C CD1 . LEU A 1 28  ? 2.690   8.553   -5.824  1.00 53.85  ? 25  LEU A CD1 1 
ATOM   21  C CD2 . LEU A 1 28  ? 4.215   9.346   -7.678  1.00 63.32  ? 25  LEU A CD2 1 
ATOM   22  N N   . GLU A 1 29  ? 4.692   11.731  -3.532  1.00 61.49  ? 26  GLU A N   1 
ATOM   23  C CA  . GLU A 1 29  ? 5.643   11.512  -2.445  1.00 67.19  ? 26  GLU A CA  1 
ATOM   24  C C   . GLU A 1 29  ? 4.916   11.474  -1.100  1.00 72.63  ? 26  GLU A C   1 
ATOM   25  O O   . GLU A 1 29  ? 5.208   10.627  -0.249  1.00 68.90  ? 26  GLU A O   1 
ATOM   26  C CB  . GLU A 1 29  ? 6.725   12.596  -2.430  1.00 77.07  ? 26  GLU A CB  1 
ATOM   27  C CG  . GLU A 1 29  ? 7.052   13.133  -1.034  1.00 89.92  ? 26  GLU A CG  1 
ATOM   28  C CD  . GLU A 1 29  ? 8.317   13.983  -0.998  1.00 107.30 ? 26  GLU A CD  1 
ATOM   29  O OE1 . GLU A 1 29  ? 9.262   13.680  -1.755  1.00 110.76 ? 26  GLU A OE1 1 
ATOM   30  O OE2 . GLU A 1 29  ? 8.365   14.954  -0.209  1.00 113.56 ? 26  GLU A OE2 1 
ATOM   31  N N   . ASP A 1 30  ? 3.969   12.394  -0.920  1.00 70.05  ? 27  ASP A N   1 
ATOM   32  C CA  . ASP A 1 30  ? 3.207   12.495  0.321   1.00 69.24  ? 27  ASP A CA  1 
ATOM   33  C C   . ASP A 1 30  ? 2.452   11.216  0.631   1.00 60.64  ? 27  ASP A C   1 
ATOM   34  O O   . ASP A 1 30  ? 2.465   10.740  1.766   1.00 61.87  ? 27  ASP A O   1 
ATOM   35  C CB  . ASP A 1 30  ? 2.225   13.664  0.261   1.00 76.60  ? 27  ASP A CB  1 
ATOM   36  C CG  . ASP A 1 30  ? 2.908   15.006  0.407   1.00 84.87  ? 27  ASP A CG  1 
ATOM   37  O OD1 . ASP A 1 30  ? 4.026   15.051  0.967   1.00 87.93  ? 27  ASP A OD1 1 
ATOM   38  O OD2 . ASP A 1 30  ? 2.324   16.017  -0.033  1.00 90.59  ? 27  ASP A OD2 1 
ATOM   39  N N   . ASN A 1 31  ? 1.786   10.659  -0.372  1.00 53.31  ? 28  ASN A N   1 
ATOM   40  C CA  . ASN A 1 31  ? 1.059   9.416   -0.172  1.00 50.04  ? 28  ASN A CA  1 
ATOM   41  C C   . ASN A 1 31  ? 1.997   8.256   0.078   1.00 57.69  ? 28  ASN A C   1 
ATOM   42  O O   . ASN A 1 31  ? 1.763   7.457   0.980   1.00 59.93  ? 28  ASN A O   1 
ATOM   43  C CB  . ASN A 1 31  ? 0.140   9.121   -1.348  1.00 55.36  ? 28  ASN A CB  1 
ATOM   44  C CG  . ASN A 1 31  ? -1.031  10.066  -1.403  1.00 64.85  ? 28  ASN A CG  1 
ATOM   45  O OD1 . ASN A 1 31  ? -1.275  10.727  -2.416  1.00 66.34  ? 28  ASN A OD1 1 
ATOM   46  N ND2 . ASN A 1 31  ? -1.750  10.160  -0.296  1.00 59.88  ? 28  ASN A ND2 1 
ATOM   47  N N   . MET A 1 32  ? 3.062   8.165   -0.714  1.00 58.98  ? 29  MET A N   1 
ATOM   48  C CA  . MET A 1 32  ? 4.107   7.186   -0.446  1.00 58.68  ? 29  MET A CA  1 
ATOM   49  C C   . MET A 1 32  ? 4.647   7.374   0.967   1.00 51.72  ? 29  MET A C   1 
ATOM   50  O O   . MET A 1 32  ? 4.949   6.404   1.646   1.00 61.42  ? 29  MET A O   1 
ATOM   51  C CB  . MET A 1 32  ? 5.247   7.283   -1.467  1.00 65.53  ? 29  MET A CB  1 
ATOM   52  C CG  . MET A 1 32  ? 4.829   6.922   -2.884  1.00 67.44  ? 29  MET A CG  1 
ATOM   53  S SD  . MET A 1 32  ? 4.026   5.308   -2.970  1.00 69.00  ? 29  MET A SD  1 
ATOM   54  C CE  . MET A 1 32  ? 5.372   4.257   -2.413  1.00 57.50  ? 29  MET A CE  1 
ATOM   55  N N   . ASP A 1 33  ? 4.773   8.622   1.401   1.00 56.33  ? 30  ASP A N   1 
ATOM   56  C CA  . ASP A 1 33  ? 5.200   8.904   2.766   1.00 62.37  ? 30  ASP A CA  1 
ATOM   57  C C   . ASP A 1 33  ? 4.232   8.283   3.759   1.00 63.92  ? 30  ASP A C   1 
ATOM   58  O O   . ASP A 1 33  ? 4.642   7.648   4.730   1.00 62.34  ? 30  ASP A O   1 
ATOM   59  C CB  . ASP A 1 33  ? 5.274   10.404  3.009   1.00 69.53  ? 30  ASP A CB  1 
ATOM   60  C CG  . ASP A 1 33  ? 6.612   10.988  2.633   1.00 77.98  ? 30  ASP A CG  1 
ATOM   61  O OD1 . ASP A 1 33  ? 7.479   10.220  2.165   1.00 76.78  ? 30  ASP A OD1 1 
ATOM   62  O OD2 . ASP A 1 33  ? 6.792   12.214  2.802   1.00 83.58  ? 30  ASP A OD2 1 
ATOM   63  N N   . ILE A 1 34  ? 2.943   8.473   3.507   1.00 59.66  ? 31  ILE A N   1 
ATOM   64  C CA  . ILE A 1 34  ? 1.914   7.937   4.380   1.00 53.21  ? 31  ILE A CA  1 
ATOM   65  C C   . ILE A 1 34  ? 1.943   6.417   4.360   1.00 60.38  ? 31  ILE A C   1 
ATOM   66  O O   . ILE A 1 34  ? 1.876   5.772   5.409   1.00 61.81  ? 31  ILE A O   1 
ATOM   67  C CB  . ILE A 1 34  ? 0.526   8.441   3.978   1.00 52.68  ? 31  ILE A CB  1 
ATOM   68  C CG1 . ILE A 1 34  ? 0.365   9.900   4.400   1.00 62.31  ? 31  ILE A CG1 1 
ATOM   69  C CG2 . ILE A 1 34  ? -0.554  7.600   4.631   1.00 51.29  ? 31  ILE A CG2 1 
ATOM   70  C CD1 . ILE A 1 34  ? -0.891  10.554  3.853   1.00 63.83  ? 31  ILE A CD1 1 
ATOM   71  N N   . LEU A 1 35  ? 2.051   5.847   3.164   1.00 53.92  ? 32  LEU A N   1 
ATOM   72  C CA  . LEU A 1 35  ? 2.156   4.400   3.004   1.00 51.62  ? 32  LEU A CA  1 
ATOM   73  C C   . LEU A 1 35  ? 3.298   3.814   3.820   1.00 56.75  ? 32  LEU A C   1 
ATOM   74  O O   . LEU A 1 35  ? 3.146   2.779   4.464   1.00 66.01  ? 32  LEU A O   1 
ATOM   75  C CB  . LEU A 1 35  ? 2.360   4.037   1.534   1.00 54.93  ? 32  LEU A CB  1 
ATOM   76  C CG  . LEU A 1 35  ? 1.143   3.579   0.738   1.00 57.37  ? 32  LEU A CG  1 
ATOM   77  C CD1 . LEU A 1 35  ? 1.501   3.416   -0.736  1.00 46.19  ? 32  LEU A CD1 1 
ATOM   78  C CD2 . LEU A 1 35  ? 0.583   2.280   1.331   1.00 55.40  ? 32  LEU A CD2 1 
ATOM   79  N N   . ASN A 1 36  ? 4.445   4.472   3.788   1.00 60.90  ? 33  ASN A N   1 
ATOM   80  C CA  . ASN A 1 36  ? 5.643   3.910   4.390   1.00 68.38  ? 33  ASN A CA  1 
ATOM   81  C C   . ASN A 1 36  ? 5.683   4.099   5.898   1.00 70.28  ? 33  ASN A C   1 
ATOM   82  O O   . ASN A 1 36  ? 6.258   3.279   6.614   1.00 72.65  ? 33  ASN A O   1 
ATOM   83  C CB  . ASN A 1 36  ? 6.889   4.505   3.745   1.00 74.93  ? 33  ASN A CB  1 
ATOM   84  C CG  . ASN A 1 36  ? 8.167   3.901   4.287   1.00 89.82  ? 33  ASN A CG  1 
ATOM   85  O OD1 . ASN A 1 36  ? 8.528   2.772   3.945   1.00 93.23  ? 33  ASN A OD1 1 
ATOM   86  N ND2 . ASN A 1 36  ? 8.866   4.653   5.133   1.00 95.26  ? 33  ASN A ND2 1 
ATOM   87  N N   . ASP A 1 37  ? 5.076   5.187   6.371   1.00 66.20  ? 34  ASP A N   1 
ATOM   88  C CA  . ASP A 1 37  ? 4.983   5.458   7.800   1.00 69.72  ? 34  ASP A CA  1 
ATOM   89  C C   . ASP A 1 37  ? 4.112   4.397   8.449   1.00 69.69  ? 34  ASP A C   1 
ATOM   90  O O   . ASP A 1 37  ? 4.390   3.921   9.551   1.00 76.60  ? 34  ASP A O   1 
ATOM   91  C CB  . ASP A 1 37  ? 4.370   6.841   8.047   1.00 71.76  ? 34  ASP A CB  1 
ATOM   92  C CG  . ASP A 1 37  ? 5.339   7.975   7.773   1.00 78.34  ? 34  ASP A CG  1 
ATOM   93  O OD1 . ASP A 1 37  ? 4.938   9.147   7.948   1.00 80.42  ? 34  ASP A OD1 1 
ATOM   94  O OD2 . ASP A 1 37  ? 6.499   7.702   7.399   1.00 80.57  ? 34  ASP A OD2 1 
ATOM   95  N N   . ASN A 1 38  ? 3.050   4.029   7.746   1.00 63.73  ? 35  ASN A N   1 
ATOM   96  C CA  . ASN A 1 38  ? 2.075   3.080   8.255   1.00 58.78  ? 35  ASN A CA  1 
ATOM   97  C C   . ASN A 1 38  ? 2.498   1.615   8.093   1.00 60.81  ? 35  ASN A C   1 
ATOM   98  O O   . ASN A 1 38  ? 2.102   0.758   8.883   1.00 61.08  ? 35  ASN A O   1 
ATOM   99  C CB  . ASN A 1 38  ? 0.715   3.347   7.611   1.00 53.33  ? 35  ASN A CB  1 
ATOM   100 C CG  . ASN A 1 38  ? 0.034   4.588   8.176   1.00 64.48  ? 35  ASN A CG  1 
ATOM   101 O OD1 . ASN A 1 38  ? -0.649  4.519   9.197   1.00 62.55  ? 35  ASN A OD1 1 
ATOM   102 N ND2 . ASN A 1 38  ? 0.213   5.728   7.508   1.00 70.68  ? 35  ASN A ND2 1 
ATOM   103 N N   . LEU A 1 39  ? 3.303   1.331   7.073   1.00 60.75  ? 36  LEU A N   1 
ATOM   104 C CA  . LEU A 1 39  ? 3.958   0.030   6.956   1.00 60.16  ? 36  LEU A CA  1 
ATOM   105 C C   . LEU A 1 39  ? 4.783   -0.241  8.203   1.00 66.14  ? 36  LEU A C   1 
ATOM   106 O O   . LEU A 1 39  ? 4.870   -1.377  8.672   1.00 68.48  ? 36  LEU A O   1 
ATOM   107 C CB  . LEU A 1 39  ? 4.872   -0.008  5.731   1.00 65.01  ? 36  LEU A CB  1 
ATOM   108 C CG  . LEU A 1 39  ? 4.296   -0.488  4.396   1.00 60.39  ? 36  LEU A CG  1 
ATOM   109 C CD1 . LEU A 1 39  ? 5.297   -0.254  3.275   1.00 59.82  ? 36  LEU A CD1 1 
ATOM   110 C CD2 . LEU A 1 39  ? 3.909   -1.960  4.473   1.00 62.96  ? 36  LEU A CD2 1 
ATOM   111 N N   . LYS A 1 40  ? 5.398   0.810   8.735   1.00 66.61  ? 37  LYS A N   1 
ATOM   112 C CA  . LYS A 1 40  ? 6.214   0.667   9.932   1.00 77.06  ? 37  LYS A CA  1 
ATOM   113 C C   . LYS A 1 40  ? 5.331   0.316   11.118  1.00 76.27  ? 37  LYS A C   1 
ATOM   114 O O   . LYS A 1 40  ? 5.703   -0.497  11.962  1.00 81.17  ? 37  LYS A O   1 
ATOM   115 C CB  . LYS A 1 40  ? 7.007   1.947   10.212  1.00 87.99  ? 37  LYS A CB  1 
ATOM   116 C CG  . LYS A 1 40  ? 8.244   2.125   9.340   1.00 95.05  ? 37  LYS A CG  1 
ATOM   117 C CD  . LYS A 1 40  ? 8.863   3.509   9.526   1.00 104.13 ? 37  LYS A CD  1 
ATOM   118 C CE  . LYS A 1 40  ? 10.337  3.533   9.133   1.00 110.71 ? 37  LYS A CE  1 
ATOM   119 N NZ  . LYS A 1 40  ? 10.578  3.012   7.757   1.00 109.61 ? 37  LYS A NZ  1 
ATOM   120 N N   . VAL A 1 41  ? 4.153   0.927   11.168  1.00 74.75  ? 38  VAL A N   1 
ATOM   121 C CA  . VAL A 1 41  ? 3.204   0.691   12.248  1.00 74.89  ? 38  VAL A CA  1 
ATOM   122 C C   . VAL A 1 41  ? 2.692   -0.742  12.241  1.00 72.50  ? 38  VAL A C   1 
ATOM   123 O O   . VAL A 1 41  ? 2.581   -1.369  13.291  1.00 69.09  ? 38  VAL A O   1 
ATOM   124 C CB  . VAL A 1 41  ? 1.996   1.648   12.173  1.00 68.19  ? 38  VAL A CB  1 
ATOM   125 C CG1 . VAL A 1 41  ? 0.983   1.299   13.256  1.00 71.70  ? 38  VAL A CG1 1 
ATOM   126 C CG2 . VAL A 1 41  ? 2.448   3.095   12.318  1.00 62.52  ? 38  VAL A CG2 1 
ATOM   127 N N   . VAL A 1 42  ? 2.379   -1.266  11.061  1.00 66.73  ? 39  VAL A N   1 
ATOM   128 C CA  . VAL A 1 42  ? 1.838   -2.621  10.978  1.00 68.18  ? 39  VAL A CA  1 
ATOM   129 C C   . VAL A 1 42  ? 2.920   -3.678  11.265  1.00 75.06  ? 39  VAL A C   1 
ATOM   130 O O   . VAL A 1 42  ? 2.616   -4.831  11.593  1.00 69.94  ? 39  VAL A O   1 
ATOM   131 C CB  . VAL A 1 42  ? 1.157   -2.889  9.618   1.00 65.81  ? 39  VAL A CB  1 
ATOM   132 C CG1 . VAL A 1 42  ? 0.574   -4.279  9.602   1.00 69.23  ? 39  VAL A CG1 1 
ATOM   133 C CG2 . VAL A 1 42  ? 0.056   -1.858  9.351   1.00 55.21  ? 39  VAL A CG2 1 
ATOM   134 N N   . GLU A 1 43  ? 4.182   -3.274  11.149  1.00 80.15  ? 40  GLU A N   1 
ATOM   135 C CA  . GLU A 1 43  ? 5.307   -4.151  11.462  1.00 81.45  ? 40  GLU A CA  1 
ATOM   136 C C   . GLU A 1 43  ? 5.545   -4.178  12.961  1.00 76.17  ? 40  GLU A C   1 
ATOM   137 O O   . GLU A 1 43  ? 5.905   -5.208  13.523  1.00 75.09  ? 40  GLU A O   1 
ATOM   138 C CB  . GLU A 1 43  ? 6.588   -3.666  10.769  1.00 90.85  ? 40  GLU A CB  1 
ATOM   139 C CG  . GLU A 1 43  ? 6.579   -3.773  9.251   1.00 99.06  ? 40  GLU A CG  1 
ATOM   140 C CD  . GLU A 1 43  ? 6.676   -5.205  8.764   1.00 107.55 ? 40  GLU A CD  1 
ATOM   141 O OE1 . GLU A 1 43  ? 5.631   -5.778  8.388   1.00 104.43 ? 40  GLU A OE1 1 
ATOM   142 O OE2 . GLU A 1 43  ? 7.799   -5.757  8.755   1.00 116.06 ? 40  GLU A OE2 1 
ATOM   143 N N   . LYS A 1 44  ? 5.326   -3.033  13.598  1.00 74.92  ? 41  LYS A N   1 
ATOM   144 C CA  . LYS A 1 44  ? 5.815   -2.777  14.950  1.00 84.49  ? 41  LYS A CA  1 
ATOM   145 C C   . LYS A 1 44  ? 4.736   -2.919  16.031  1.00 83.65  ? 41  LYS A C   1 
ATOM   146 O O   . LYS A 1 44  ? 5.038   -3.226  17.181  1.00 87.88  ? 41  LYS A O   1 
ATOM   147 C CB  . LYS A 1 44  ? 6.441   -1.373  15.001  1.00 82.71  ? 41  LYS A CB  1 
ATOM   148 C CG  . LYS A 1 44  ? 6.878   -0.884  16.380  1.00 94.86  ? 41  LYS A CG  1 
ATOM   149 C CD  . LYS A 1 44  ? 8.216   -1.483  16.818  1.00 100.56 ? 41  LYS A CD  1 
ATOM   150 C CE  . LYS A 1 44  ? 8.785   -0.759  18.036  1.00 102.71 ? 41  LYS A CE  1 
ATOM   151 N NZ  . LYS A 1 44  ? 9.221   0.635   17.719  1.00 101.33 ? 41  LYS A NZ  1 
ATOM   152 N N   . THR A 1 45  ? 3.481   -2.694  15.664  1.00 81.46  ? 42  THR A N   1 
ATOM   153 C CA  . THR A 1 45  ? 2.418   -2.631  16.664  1.00 86.83  ? 42  THR A CA  1 
ATOM   154 C C   . THR A 1 45  ? 1.962   -4.009  17.137  1.00 84.53  ? 42  THR A C   1 
ATOM   155 O O   . THR A 1 45  ? 2.062   -4.997  16.414  1.00 83.39  ? 42  THR A O   1 
ATOM   156 C CB  . THR A 1 45  ? 1.195   -1.825  16.158  1.00 65.14  ? 42  THR A CB  1 
ATOM   157 O OG1 . THR A 1 45  ? 0.337   -1.517  17.264  1.00 72.85  ? 42  THR A OG1 1 
ATOM   158 C CG2 . THR A 1 45  ? 0.414   -2.606  15.097  1.00 60.84  ? 42  THR A CG2 1 
ATOM   159 N N   . ASP A 1 46  ? 1.469   -4.066  18.366  1.00 90.21  ? 43  ASP A N   1 
ATOM   160 C CA  . ASP A 1 46  ? 0.764   -5.245  18.845  1.00 97.41  ? 43  ASP A CA  1 
ATOM   161 C C   . ASP A 1 46  ? -0.591  -4.790  19.369  1.00 98.56  ? 43  ASP A C   1 
ATOM   162 O O   . ASP A 1 46  ? -1.249  -5.502  20.130  1.00 79.27  ? 43  ASP A O   1 
ATOM   163 C CB  . ASP A 1 46  ? 1.548   -5.928  19.954  1.00 102.09 ? 43  ASP A CB  1 
ATOM   164 C CG  . ASP A 1 46  ? 1.702   -5.049  21.158  1.00 114.26 ? 43  ASP A CG  1 
ATOM   165 O OD1 . ASP A 1 46  ? 0.957   -5.249  22.141  1.00 126.66 ? 43  ASP A OD1 1 
ATOM   166 O OD2 . ASP A 1 46  ? 2.554   -4.141  21.107  1.00 113.39 ? 43  ASP A OD2 1 
ATOM   167 N N   . SER A 1 47  ? -0.989  -3.588  18.955  1.00 84.99  ? 44  SER A N   1 
ATOM   168 C CA  . SER A 1 47  ? -2.291  -3.036  19.296  1.00 86.06  ? 44  SER A CA  1 
ATOM   169 C C   . SER A 1 47  ? -3.231  -3.179  18.110  1.00 85.92  ? 44  SER A C   1 
ATOM   170 O O   . SER A 1 47  ? -2.989  -2.607  17.046  1.00 73.77  ? 44  SER A O   1 
ATOM   171 C CB  . SER A 1 47  ? -2.159  -1.561  19.666  1.00 88.76  ? 44  SER A CB  1 
ATOM   172 O OG  . SER A 1 47  ? -3.379  -0.872  19.450  1.00 88.34  ? 44  SER A OG  1 
ATOM   173 N N   . ALA A 1 48  ? -4.302  -3.945  18.295  1.00 61.48  ? 45  ALA A N   1 
ATOM   174 C CA  . ALA A 1 48  ? -5.274  -4.174  17.227  1.00 57.61  ? 45  ALA A CA  1 
ATOM   175 C C   . ALA A 1 48  ? -5.853  -2.880  16.648  1.00 58.51  ? 45  ALA A C   1 
ATOM   176 O O   . ALA A 1 48  ? -5.856  -2.682  15.424  1.00 51.94  ? 45  ALA A O   1 
ATOM   177 C CB  . ALA A 1 48  ? -6.392  -5.093  17.720  1.00 67.27  ? 45  ALA A CB  1 
ATOM   178 N N   . PRO A 1 49  ? -6.358  -1.987  17.511  1.00 59.23  ? 46  PRO A N   1 
ATOM   179 C CA  . PRO A 1 49  ? -6.883  -0.777  16.865  1.00 53.90  ? 46  PRO A CA  1 
ATOM   180 C C   . PRO A 1 49  ? -5.807  0.014   16.109  1.00 64.59  ? 46  PRO A C   1 
ATOM   181 O O   . PRO A 1 49  ? -6.096  0.587   15.048  1.00 57.46  ? 46  PRO A O   1 
ATOM   182 C CB  . PRO A 1 49  ? -7.464  0.039   18.026  1.00 64.90  ? 46  PRO A CB  1 
ATOM   183 C CG  . PRO A 1 49  ? -7.045  -0.672  19.304  1.00 64.44  ? 46  PRO A CG  1 
ATOM   184 C CD  . PRO A 1 49  ? -6.725  -2.085  18.937  1.00 63.45  ? 46  PRO A CD  1 
ATOM   185 N N   . GLU A 1 50  ? -4.584  0.043   16.630  1.00 63.26  ? 47  GLU A N   1 
ATOM   186 C CA  . GLU A 1 50  ? -3.492  0.690   15.909  1.00 64.99  ? 47  GLU A CA  1 
ATOM   187 C C   . GLU A 1 50  ? -3.268  0.032   14.553  1.00 62.25  ? 47  GLU A C   1 
ATOM   188 O O   . GLU A 1 50  ? -3.082  0.720   13.551  1.00 63.40  ? 47  GLU A O   1 
ATOM   189 C CB  . GLU A 1 50  ? -2.198  0.666   16.720  1.00 72.83  ? 47  GLU A CB  1 
ATOM   190 C CG  . GLU A 1 50  ? -2.108  1.744   17.775  1.00 79.52  ? 47  GLU A CG  1 
ATOM   191 C CD  . GLU A 1 50  ? -0.694  1.920   18.285  1.00 87.99  ? 47  GLU A CD  1 
ATOM   192 O OE1 . GLU A 1 50  ? 0.192   1.159   17.842  1.00 86.51  ? 47  GLU A OE1 1 
ATOM   193 O OE2 . GLU A 1 50  ? -0.468  2.818   19.122  1.00 96.25  ? 47  GLU A OE2 1 
ATOM   194 N N   . LEU A 1 51  ? -3.279  -1.299  14.530  1.00 53.80  ? 48  LEU A N   1 
ATOM   195 C CA  . LEU A 1 51  ? -3.129  -2.058  13.292  1.00 51.64  ? 48  LEU A CA  1 
ATOM   196 C C   . LEU A 1 51  ? -4.222  -1.706  12.279  1.00 54.91  ? 48  LEU A C   1 
ATOM   197 O O   . LEU A 1 51  ? -3.938  -1.456  11.110  1.00 50.52  ? 48  LEU A O   1 
ATOM   198 C CB  . LEU A 1 51  ? -3.148  -3.562  13.578  1.00 54.39  ? 48  LEU A CB  1 
ATOM   199 C CG  . LEU A 1 51  ? -3.337  -4.526  12.399  1.00 53.52  ? 48  LEU A CG  1 
ATOM   200 C CD1 . LEU A 1 51  ? -2.147  -4.486  11.458  1.00 48.62  ? 48  LEU A CD1 1 
ATOM   201 C CD2 . LEU A 1 51  ? -3.590  -5.961  12.873  1.00 51.49  ? 48  LEU A CD2 1 
ATOM   202 N N   . LYS A 1 52  ? -5.470  -1.694  12.730  1.00 50.00  ? 49  LYS A N   1 
ATOM   203 C CA  . LYS A 1 52  ? -6.591  -1.339  11.855  1.00 48.66  ? 49  LYS A CA  1 
ATOM   204 C C   . LYS A 1 52  ? -6.488  0.090   11.317  1.00 49.98  ? 49  LYS A C   1 
ATOM   205 O O   . LYS A 1 52  ? -6.689  0.326   10.125  1.00 51.44  ? 49  LYS A O   1 
ATOM   206 C CB  . LYS A 1 52  ? -7.918  -1.542  12.589  1.00 52.06  ? 49  LYS A CB  1 
ATOM   207 C CG  . LYS A 1 52  ? -8.245  -3.010  12.892  1.00 42.63  ? 49  LYS A CG  1 
ATOM   208 C CD  . LYS A 1 52  ? -9.337  -3.126  13.973  1.00 45.54  ? 49  LYS A CD  1 
ATOM   209 C CE  . LYS A 1 52  ? -9.767  -4.565  14.163  1.00 44.32  ? 49  LYS A CE  1 
ATOM   210 N NZ  . LYS A 1 52  ? -10.633 -4.715  15.383  1.00 47.32  ? 49  LYS A NZ  1 
ATOM   211 N N   . ALA A 1 53  ? -6.182  1.050   12.186  1.00 51.22  ? 50  ALA A N   1 
ATOM   212 C CA  . ALA A 1 53  ? -6.069  2.441   11.748  1.00 50.91  ? 50  ALA A CA  1 
ATOM   213 C C   . ALA A 1 53  ? -4.928  2.622   10.745  1.00 55.99  ? 50  ALA A C   1 
ATOM   214 O O   . ALA A 1 53  ? -5.017  3.450   9.839   1.00 57.67  ? 50  ALA A O   1 
ATOM   215 C CB  . ALA A 1 53  ? -5.894  3.375   12.939  1.00 50.63  ? 50  ALA A CB  1 
ATOM   216 N N   . ALA A 1 54  ? -3.860  1.842   10.900  1.00 53.56  ? 51  ALA A N   1 
ATOM   217 C CA  . ALA A 1 54  ? -2.739  1.903   9.963   1.00 57.33  ? 51  ALA A CA  1 
ATOM   218 C C   . ALA A 1 54  ? -3.127  1.305   8.621   1.00 47.88  ? 51  ALA A C   1 
ATOM   219 O O   . ALA A 1 54  ? -2.818  1.864   7.579   1.00 48.09  ? 51  ALA A O   1 
ATOM   220 C CB  . ALA A 1 54  ? -1.507  1.202   10.528  1.00 55.97  ? 51  ALA A CB  1 
ATOM   221 N N   . LEU A 1 55  ? -3.824  0.176   8.646   1.00 45.33  ? 52  LEU A N   1 
ATOM   222 C CA  . LEU A 1 55  ? -4.276  -0.449  7.408   1.00 44.11  ? 52  LEU A CA  1 
ATOM   223 C C   . LEU A 1 55  ? -5.211  0.474   6.646   1.00 49.39  ? 52  LEU A C   1 
ATOM   224 O O   . LEU A 1 55  ? -5.119  0.595   5.424   1.00 39.32  ? 52  LEU A O   1 
ATOM   225 C CB  . LEU A 1 55  ? -4.960  -1.788  7.706   1.00 44.32  ? 52  LEU A CB  1 
ATOM   226 C CG  . LEU A 1 55  ? -4.012  -2.927  8.106   1.00 42.88  ? 52  LEU A CG  1 
ATOM   227 C CD1 . LEU A 1 55  ? -4.788  -4.157  8.565   1.00 38.06  ? 52  LEU A CD1 1 
ATOM   228 C CD2 . LEU A 1 55  ? -3.083  -3.270  6.938   1.00 36.42  ? 52  LEU A CD2 1 
ATOM   229 N N   . THR A 1 56  ? -6.108  1.129   7.381   1.00 43.91  ? 53  THR A N   1 
ATOM   230 C CA  . THR A 1 56  ? -7.063  2.067   6.801   1.00 42.27  ? 53  THR A CA  1 
ATOM   231 C C   . THR A 1 56  ? -6.386  3.275   6.149   1.00 47.86  ? 53  THR A C   1 
ATOM   232 O O   . THR A 1 56  ? -6.758  3.688   5.047   1.00 52.16  ? 53  THR A O   1 
ATOM   233 C CB  . THR A 1 56  ? -8.053  2.550   7.860   1.00 46.33  ? 53  THR A CB  1 
ATOM   234 O OG1 . THR A 1 56  ? -8.791  1.423   8.339   1.00 43.21  ? 53  THR A OG1 1 
ATOM   235 C CG2 . THR A 1 56  ? -9.030  3.597   7.276   1.00 47.28  ? 53  THR A CG2 1 
ATOM   236 N N   . LYS A 1 57  ? -5.406  3.852   6.828   1.00 45.79  ? 54  LYS A N   1 
ATOM   237 C CA  . LYS A 1 57  ? -4.709  4.994   6.274   1.00 48.63  ? 54  LYS A CA  1 
ATOM   238 C C   . LYS A 1 57  ? -3.911  4.593   5.033   1.00 51.32  ? 54  LYS A C   1 
ATOM   239 O O   . LYS A 1 57  ? -3.822  5.365   4.069   1.00 47.32  ? 54  LYS A O   1 
ATOM   240 C CB  . LYS A 1 57  ? -3.824  5.639   7.335   1.00 52.08  ? 54  LYS A CB  1 
ATOM   241 C CG  . LYS A 1 57  ? -4.622  6.378   8.395   1.00 61.83  ? 54  LYS A CG  1 
ATOM   242 C CD  . LYS A 1 57  ? -3.743  6.907   9.512   1.00 72.70  ? 54  LYS A CD  1 
ATOM   243 C CE  . LYS A 1 57  ? -4.582  7.275   10.729  1.00 76.80  ? 54  LYS A CE  1 
ATOM   244 N NZ  . LYS A 1 57  ? -3.739  7.640   11.897  1.00 77.72  ? 54  LYS A NZ  1 
ATOM   245 N N   . MET A 1 58  ? -3.346  3.389   5.059   1.00 42.67  ? 55  MET A N   1 
ATOM   246 C CA  . MET A 1 58  ? -2.613  2.851   3.920   1.00 45.66  ? 55  MET A CA  1 
ATOM   247 C C   . MET A 1 58  ? -3.477  2.687   2.687   1.00 45.67  ? 55  MET A C   1 
ATOM   248 O O   . MET A 1 58  ? -3.030  2.951   1.561   1.00 41.53  ? 55  MET A O   1 
ATOM   249 C CB  . MET A 1 58  ? -1.991  1.494   4.272   1.00 50.66  ? 55  MET A CB  1 
ATOM   250 C CG  . MET A 1 58  ? -0.727  1.594   5.090   1.00 55.18  ? 55  MET A CG  1 
ATOM   251 S SD  . MET A 1 58  ? 0.028   -0.015  5.402   1.00 59.01  ? 55  MET A SD  1 
ATOM   252 C CE  . MET A 1 58  ? 0.081   -0.668  3.735   1.00 49.89  ? 55  MET A CE  1 
ATOM   253 N N   . ARG A 1 59  ? -4.702  2.218   2.895   1.00 40.87  ? 56  ARG A N   1 
ATOM   254 C CA  . ARG A 1 59  ? -5.614  1.986   1.794   1.00 41.78  ? 56  ARG A CA  1 
ATOM   255 C C   . ARG A 1 59  ? -5.909  3.292   1.059   1.00 46.05  ? 56  ARG A C   1 
ATOM   256 O O   . ARG A 1 59  ? -5.852  3.344   -0.167  1.00 41.25  ? 56  ARG A O   1 
ATOM   257 C CB  . ARG A 1 59  ? -6.925  1.372   2.286   1.00 40.98  ? 56  ARG A CB  1 
ATOM   258 C CG  . ARG A 1 59  ? -7.829  0.898   1.153   1.00 44.36  ? 56  ARG A CG  1 
ATOM   259 C CD  . ARG A 1 59  ? -9.190  0.443   1.646   1.00 40.03  ? 56  ARG A CD  1 
ATOM   260 N NE  . ARG A 1 59  ? -9.859  -0.362  0.624   1.00 45.42  ? 56  ARG A NE  1 
ATOM   261 C CZ  . ARG A 1 59  ? -10.649 0.108   -0.338  1.00 54.25  ? 56  ARG A CZ  1 
ATOM   262 N NH1 . ARG A 1 59  ? -10.911 1.412   -0.435  1.00 44.24  ? 56  ARG A NH1 1 
ATOM   263 N NH2 . ARG A 1 59  ? -11.187 -0.742  -1.208  1.00 53.00  ? 56  ARG A NH2 1 
ATOM   264 N N   . ALA A 1 60  ? -6.238  4.342   1.803   1.00 41.43  ? 57  ALA A N   1 
ATOM   265 C CA  . ALA A 1 60  ? -6.584  5.616   1.179   1.00 47.61  ? 57  ALA A CA  1 
ATOM   266 C C   . ALA A 1 60  ? -5.379  6.183   0.449   1.00 54.30  ? 57  ALA A C   1 
ATOM   267 O O   . ALA A 1 60  ? -5.497  6.721   -0.662  1.00 49.06  ? 57  ALA A O   1 
ATOM   268 C CB  . ALA A 1 60  ? -7.077  6.598   2.226   1.00 54.41  ? 57  ALA A CB  1 
ATOM   269 N N   . ALA A 1 61  ? -4.215  6.053   1.080   1.00 39.65  ? 58  ALA A N   1 
ATOM   270 C CA  . ALA A 1 61  ? -2.975  6.559   0.514   1.00 42.19  ? 58  ALA A CA  1 
ATOM   271 C C   . ALA A 1 61  ? -2.632  5.836   -0.786  1.00 41.34  ? 58  ALA A C   1 
ATOM   272 O O   . ALA A 1 61  ? -2.128  6.443   -1.737  1.00 48.90  ? 58  ALA A O   1 
ATOM   273 C CB  . ALA A 1 61  ? -1.838  6.432   1.525   1.00 46.30  ? 58  ALA A CB  1 
ATOM   274 N N   . ALA A 1 62  ? -2.925  4.547   -0.836  1.00 39.28  ? 59  ALA A N   1 
ATOM   275 C CA  . ALA A 1 62  ? -2.600  3.743   -2.001  1.00 43.25  ? 59  ALA A CA  1 
ATOM   276 C C   . ALA A 1 62  ? -3.487  4.113   -3.180  1.00 45.99  ? 59  ALA A C   1 
ATOM   277 O O   . ALA A 1 62  ? -3.024  4.167   -4.317  1.00 46.59  ? 59  ALA A O   1 
ATOM   278 C CB  . ALA A 1 62  ? -2.723  2.261   -1.688  1.00 46.05  ? 59  ALA A CB  1 
ATOM   279 N N   . LEU A 1 63  ? -4.764  4.359   -2.912  1.00 39.81  ? 60  LEU A N   1 
ATOM   280 C CA  . LEU A 1 63  ? -5.692  4.714   -3.976  1.00 46.59  ? 60  LEU A CA  1 
ATOM   281 C C   . LEU A 1 63  ? -5.397  6.096   -4.536  1.00 49.15  ? 60  LEU A C   1 
ATOM   282 O O   . LEU A 1 63  ? -5.645  6.369   -5.715  1.00 45.40  ? 60  LEU A O   1 
ATOM   283 C CB  . LEU A 1 63  ? -7.128  4.630   -3.460  1.00 52.71  ? 60  LEU A CB  1 
ATOM   284 C CG  . LEU A 1 63  ? -7.574  3.194   -3.210  1.00 50.73  ? 60  LEU A CG  1 
ATOM   285 C CD1 . LEU A 1 63  ? -8.864  3.189   -2.441  1.00 54.42  ? 60  LEU A CD1 1 
ATOM   286 C CD2 . LEU A 1 63  ? -7.730  2.462   -4.546  1.00 48.13  ? 60  LEU A CD2 1 
ATOM   287 N N   . ASP A 1 64  ? -4.838  6.957   -3.694  1.00 51.00  ? 61  ASP A N   1 
ATOM   288 C CA  . ASP A 1 64  ? -4.402  8.277   -4.124  1.00 48.77  ? 61  ASP A CA  1 
ATOM   289 C C   . ASP A 1 64  ? -3.137  8.248   -4.957  1.00 55.53  ? 61  ASP A C   1 
ATOM   290 O O   . ASP A 1 64  ? -3.025  8.948   -5.958  1.00 60.18  ? 61  ASP A O   1 
ATOM   291 C CB  . ASP A 1 64  ? -4.191  9.177   -2.918  1.00 57.81  ? 61  ASP A CB  1 
ATOM   292 C CG  . ASP A 1 64  ? -5.285  10.191  -2.775  1.00 70.70  ? 61  ASP A CG  1 
ATOM   293 O OD1 . ASP A 1 64  ? -6.424  9.779   -2.490  1.00 65.91  ? 61  ASP A OD1 1 
ATOM   294 O OD2 . ASP A 1 64  ? -5.005  11.395  -2.962  1.00 67.65  ? 61  ASP A OD2 1 
ATOM   295 N N   . ALA A 1 65  ? -2.181  7.440   -4.536  1.00 45.42  ? 62  ALA A N   1 
ATOM   296 C CA  . ALA A 1 65  ? -0.938  7.299   -5.266  1.00 48.51  ? 62  ALA A CA  1 
ATOM   297 C C   . ALA A 1 65  ? -1.224  6.677   -6.626  1.00 50.10  ? 62  ALA A C   1 
ATOM   298 O O   . ALA A 1 65  ? -0.521  6.929   -7.595  1.00 49.32  ? 62  ALA A O   1 
ATOM   299 C CB  . ALA A 1 65  ? 0.041   6.432   -4.477  1.00 48.63  ? 62  ALA A CB  1 
ATOM   300 N N   . GLN A 1 66  ? -2.264  5.854   -6.689  1.00 44.90  ? 63  GLN A N   1 
ATOM   301 C CA  . GLN A 1 66  ? -2.568  5.127   -7.913  1.00 52.58  ? 63  GLN A CA  1 
ATOM   302 C C   . GLN A 1 66  ? -2.973  6.050   -9.069  1.00 50.40  ? 63  GLN A C   1 
ATOM   303 O O   . GLN A 1 66  ? -2.863  5.683   -10.242 1.00 50.52  ? 63  GLN A O   1 
ATOM   304 C CB  . GLN A 1 66  ? -3.654  4.089   -7.637  1.00 48.63  ? 63  GLN A CB  1 
ATOM   305 C CG  . GLN A 1 66  ? -3.916  3.152   -8.797  1.00 58.90  ? 63  GLN A CG  1 
ATOM   306 C CD  . GLN A 1 66  ? -5.070  2.211   -8.511  1.00 57.92  ? 63  GLN A CD  1 
ATOM   307 O OE1 . GLN A 1 66  ? -6.118  2.637   -8.017  1.00 57.34  ? 63  GLN A OE1 1 
ATOM   308 N NE2 . GLN A 1 66  ? -4.883  0.923   -8.808  1.00 43.92  ? 63  GLN A NE2 1 
ATOM   309 N N   . LYS A 1 67  ? -3.439  7.250   -8.734  1.00 46.32  ? 64  LYS A N   1 
ATOM   310 C CA  . LYS A 1 67  ? -3.837  8.245   -9.734  1.00 46.90  ? 64  LYS A CA  1 
ATOM   311 C C   . LYS A 1 67  ? -2.655  9.046   -10.285 1.00 49.84  ? 64  LYS A C   1 
ATOM   312 O O   . LYS A 1 67  ? -2.790  9.752   -11.280 1.00 48.84  ? 64  LYS A O   1 
ATOM   313 C CB  . LYS A 1 67  ? -4.853  9.211   -9.129  1.00 47.82  ? 64  LYS A CB  1 
ATOM   314 C CG  . LYS A 1 67  ? -6.008  8.524   -8.365  1.00 57.66  ? 64  LYS A CG  1 
ATOM   315 C CD  . LYS A 1 67  ? -6.936  9.552   -7.690  1.00 56.51  ? 64  LYS A CD  1 
ATOM   316 C CE  . LYS A 1 67  ? -8.006  8.861   -6.835  1.00 59.18  ? 64  LYS A CE  1 
ATOM   317 N NZ  . LYS A 1 67  ? -8.598  9.720   -5.754  1.00 64.23  ? 64  LYS A NZ  1 
ATOM   318 N N   . ALA A 1 68  ? -1.504  8.936   -9.632  1.00 45.67  ? 65  ALA A N   1 
ATOM   319 C CA  . ALA A 1 68  ? -0.356  9.755   -9.975  1.00 49.58  ? 65  ALA A CA  1 
ATOM   320 C C   . ALA A 1 68  ? 0.439   9.135   -11.099 1.00 54.36  ? 65  ALA A C   1 
ATOM   321 O O   . ALA A 1 68  ? 0.198   7.982   -11.483 1.00 46.99  ? 65  ALA A O   1 
ATOM   322 C CB  . ALA A 1 68  ? 0.536   9.959   -8.759  1.00 48.67  ? 65  ALA A CB  1 
ATOM   323 N N   . THR A 1 69  ? 1.375   9.932   -11.623 1.00 51.33  ? 66  THR A N   1 
ATOM   324 C CA  . THR A 1 69  ? 2.409   9.484   -12.538 1.00 53.80  ? 66  THR A CA  1 
ATOM   325 C C   . THR A 1 69  ? 3.760   9.833   -11.925 1.00 55.22  ? 66  THR A C   1 
ATOM   326 O O   . THR A 1 69  ? 4.040   11.001  -11.654 1.00 60.79  ? 66  THR A O   1 
ATOM   327 C CB  . THR A 1 69  ? 2.278   10.194  -13.875 1.00 56.42  ? 66  THR A CB  1 
ATOM   328 O OG1 . THR A 1 69  ? 0.987   9.907   -14.426 1.00 53.88  ? 66  THR A OG1 1 
ATOM   329 C CG2 . THR A 1 69  ? 3.390   9.748   -14.843 1.00 53.89  ? 66  THR A CG2 1 
ATOM   330 N N   . PRO A 1 70  ? 4.595   8.811   -11.682 1.00 52.00  ? 67  PRO A N   1 
ATOM   331 C CA  . PRO A 1 70  ? 5.862   9.064   -10.994 1.00 61.96  ? 67  PRO A CA  1 
ATOM   332 C C   . PRO A 1 70  ? 6.819   9.802   -11.912 1.00 64.65  ? 67  PRO A C   1 
ATOM   333 O O   . PRO A 1 70  ? 6.838   9.542   -13.114 1.00 61.20  ? 67  PRO A O   1 
ATOM   334 C CB  . PRO A 1 70  ? 6.368   7.655   -10.624 1.00 59.11  ? 67  PRO A CB  1 
ATOM   335 C CG  . PRO A 1 70  ? 5.669   6.723   -11.554 1.00 59.67  ? 67  PRO A CG  1 
ATOM   336 C CD  . PRO A 1 70  ? 4.344   7.379   -11.907 1.00 55.28  ? 67  PRO A CD  1 
ATOM   337 N N   . PRO A 1 71  ? 7.569   10.760  -11.359 1.00 67.54  ? 68  PRO A N   1 
ATOM   338 C CA  . PRO A 1 71  ? 8.427   11.620  -12.168 1.00 72.70  ? 68  PRO A CA  1 
ATOM   339 C C   . PRO A 1 71  ? 9.199   10.837  -13.229 1.00 77.84  ? 68  PRO A C   1 
ATOM   340 O O   . PRO A 1 71  ? 9.414   11.349  -14.332 1.00 82.78  ? 68  PRO A O   1 
ATOM   341 C CB  . PRO A 1 71  ? 9.376   12.221  -11.130 1.00 76.18  ? 68  PRO A CB  1 
ATOM   342 C CG  . PRO A 1 71  ? 8.551   12.304  -9.909  1.00 75.35  ? 68  PRO A CG  1 
ATOM   343 C CD  . PRO A 1 71  ? 7.669   11.082  -9.924  1.00 68.84  ? 68  PRO A CD  1 
ATOM   344 N N   . LYS A 1 72  ? 9.580   9.606   -12.908 1.00 78.17  ? 69  LYS A N   1 
ATOM   345 C CA  . LYS A 1 72  ? 10.435  8.806   -13.785 1.00 89.86  ? 69  LYS A CA  1 
ATOM   346 C C   . LYS A 1 72  ? 9.709   8.211   -14.992 1.00 87.42  ? 69  LYS A C   1 
ATOM   347 O O   . LYS A 1 72  ? 10.338  7.613   -15.857 1.00 91.55  ? 69  LYS A O   1 
ATOM   348 C CB  . LYS A 1 72  ? 11.132  7.688   -12.991 1.00 99.20  ? 69  LYS A CB  1 
ATOM   349 C CG  . LYS A 1 72  ? 12.321  8.152   -12.153 1.00 110.55 ? 69  LYS A CG  1 
ATOM   350 C CD  . LYS A 1 72  ? 11.876  8.905   -10.905 1.00 115.65 ? 69  LYS A CD  1 
ATOM   351 C CE  . LYS A 1 72  ? 12.986  9.806   -10.381 1.00 121.48 ? 69  LYS A CE  1 
ATOM   352 N NZ  . LYS A 1 72  ? 12.508  10.698  -9.288  1.00 119.62 ? 69  LYS A NZ  1 
ATOM   353 N N   . LEU A 1 73  ? 8.391   8.367   -15.053 1.00 75.20  ? 70  LEU A N   1 
ATOM   354 C CA  . LEU A 1 73  ? 7.617   7.797   -16.157 1.00 62.43  ? 70  LEU A CA  1 
ATOM   355 C C   . LEU A 1 73  ? 6.759   8.857   -16.853 1.00 62.39  ? 70  LEU A C   1 
ATOM   356 O O   . LEU A 1 73  ? 5.947   8.548   -17.730 1.00 68.23  ? 70  LEU A O   1 
ATOM   357 C CB  . LEU A 1 73  ? 6.745   6.640   -15.651 1.00 69.01  ? 70  LEU A CB  1 
ATOM   358 C CG  . LEU A 1 73  ? 7.302   5.228   -15.443 1.00 80.79  ? 70  LEU A CG  1 
ATOM   359 C CD1 . LEU A 1 73  ? 8.519   5.220   -14.529 1.00 83.55  ? 70  LEU A CD1 1 
ATOM   360 C CD2 . LEU A 1 73  ? 6.209   4.302   -14.890 1.00 76.15  ? 70  LEU A CD2 1 
ATOM   361 N N   . GLU A 1 74  ? 6.953   10.113  -16.463 1.00 62.60  ? 71  GLU A N   1 
ATOM   362 C CA  . GLU A 1 74  ? 6.220   11.229  -17.046 1.00 74.96  ? 71  GLU A CA  1 
ATOM   363 C C   . GLU A 1 74  ? 6.315   11.281  -18.568 1.00 79.19  ? 71  GLU A C   1 
ATOM   364 O O   . GLU A 1 74  ? 5.460   11.874  -19.234 1.00 69.96  ? 71  GLU A O   1 
ATOM   365 C CB  . GLU A 1 74  ? 6.770   12.542  -16.508 1.00 84.06  ? 71  GLU A CB  1 
ATOM   366 C CG  . GLU A 1 74  ? 6.352   12.876  -15.099 1.00 74.21  ? 71  GLU A CG  1 
ATOM   367 C CD  . GLU A 1 74  ? 6.959   14.186  -14.656 1.00 82.84  ? 71  GLU A CD  1 
ATOM   368 O OE1 . GLU A 1 74  ? 7.895   14.661  -15.348 1.00 87.01  ? 71  GLU A OE1 1 
ATOM   369 O OE2 . GLU A 1 74  ? 6.500   14.737  -13.634 1.00 73.92  ? 71  GLU A OE2 1 
ATOM   370 N N   . ASP A 1 75  ? 7.371   10.686  -19.110 1.00 84.14  ? 72  ASP A N   1 
ATOM   371 C CA  . ASP A 1 75  ? 7.631   10.773  -20.537 1.00 91.99  ? 72  ASP A CA  1 
ATOM   372 C C   . ASP A 1 75  ? 7.113   9.563   -21.308 1.00 88.03  ? 72  ASP A C   1 
ATOM   373 O O   . ASP A 1 75  ? 7.083   9.570   -22.536 1.00 95.78  ? 72  ASP A O   1 
ATOM   374 C CB  . ASP A 1 75  ? 9.119   10.996  -20.794 1.00 105.15 ? 72  ASP A CB  1 
ATOM   375 C CG  . ASP A 1 75  ? 9.605   12.334  -20.262 1.00 108.80 ? 72  ASP A CG  1 
ATOM   376 O OD1 . ASP A 1 75  ? 8.789   13.277  -20.172 1.00 106.01 ? 72  ASP A OD1 1 
ATOM   377 O OD2 . ASP A 1 75  ? 10.806  12.445  -19.937 1.00 115.43 ? 72  ASP A OD2 1 
ATOM   378 N N   . LYS A 1 76  ? 6.703   8.524   -20.590 1.00 75.02  ? 73  LYS A N   1 
ATOM   379 C CA  . LYS A 1 76  ? 6.015   7.409   -21.221 1.00 77.39  ? 73  LYS A CA  1 
ATOM   380 C C   . LYS A 1 76  ? 4.562   7.802   -21.453 1.00 81.04  ? 73  LYS A C   1 
ATOM   381 O O   . LYS A 1 76  ? 4.076   8.780   -20.877 1.00 77.86  ? 73  LYS A O   1 
ATOM   382 C CB  . LYS A 1 76  ? 6.087   6.158   -20.338 1.00 78.67  ? 73  LYS A CB  1 
ATOM   383 C CG  . LYS A 1 76  ? 7.396   5.397   -20.461 1.00 88.62  ? 73  LYS A CG  1 
ATOM   384 C CD  . LYS A 1 76  ? 7.532   4.720   -21.826 1.00 100.49 ? 73  LYS A CD  1 
ATOM   385 C CE  . LYS A 1 76  ? 8.687   3.718   -21.815 1.00 106.30 ? 73  LYS A CE  1 
ATOM   386 N NZ  . LYS A 1 76  ? 8.608   2.718   -22.917 1.00 110.76 ? 73  LYS A NZ  1 
ATOM   387 N N   . ALA A 1 77  ? 3.862   7.051   -22.297 1.00 82.46  ? 74  ALA A N   1 
ATOM   388 C CA  . ALA A 1 77  ? 2.441   7.310   -22.503 1.00 84.05  ? 74  ALA A CA  1 
ATOM   389 C C   . ALA A 1 77  ? 1.603   6.832   -21.310 1.00 73.56  ? 74  ALA A C   1 
ATOM   390 O O   . ALA A 1 77  ? 1.858   5.764   -20.747 1.00 65.90  ? 74  ALA A O   1 
ATOM   391 C CB  . ALA A 1 77  ? 1.957   6.674   -23.798 1.00 80.05  ? 74  ALA A CB  1 
ATOM   392 N N   . PRO A 1 78  ? 0.584   7.624   -20.932 1.00 76.16  ? 75  PRO A N   1 
ATOM   393 C CA  . PRO A 1 78  ? -0.336  7.342   -19.821 1.00 77.89  ? 75  PRO A CA  1 
ATOM   394 C C   . PRO A 1 78  ? -0.883  5.930   -19.940 1.00 81.60  ? 75  PRO A C   1 
ATOM   395 O O   . PRO A 1 78  ? -1.415  5.356   -18.988 1.00 82.60  ? 75  PRO A O   1 
ATOM   396 C CB  . PRO A 1 78  ? -1.475  8.341   -20.054 1.00 72.86  ? 75  PRO A CB  1 
ATOM   397 C CG  . PRO A 1 78  ? -0.849  9.452   -20.804 1.00 77.40  ? 75  PRO A CG  1 
ATOM   398 C CD  . PRO A 1 78  ? 0.188   8.826   -21.690 1.00 78.21  ? 75  PRO A CD  1 
ATOM   399 N N   . ASP A 1 79  ? -0.726  5.390   -21.143 1.00 86.42  ? 76  ASP A N   1 
ATOM   400 C CA  . ASP A 1 79  ? -1.308  4.129   -21.559 1.00 86.58  ? 76  ASP A CA  1 
ATOM   401 C C   . ASP A 1 79  ? -0.245  3.043   -21.570 1.00 76.32  ? 76  ASP A C   1 
ATOM   402 O O   . ASP A 1 79  ? -0.548  1.869   -21.764 1.00 86.19  ? 76  ASP A O   1 
ATOM   403 C CB  . ASP A 1 79  ? -1.863  4.291   -22.976 1.00 104.67 ? 76  ASP A CB  1 
ATOM   404 C CG  . ASP A 1 79  ? -3.165  3.562   -23.173 1.00 101.69 ? 76  ASP A CG  1 
ATOM   405 O OD1 . ASP A 1 79  ? -3.561  3.373   -24.344 1.00 97.85  ? 76  ASP A OD1 1 
ATOM   406 O OD2 . ASP A 1 79  ? -3.781  3.182   -22.148 1.00 87.79  ? 76  ASP A OD2 1 
ATOM   407 N N   . SER A 1 80  ? 1.002   3.450   -21.361 1.00 70.47  ? 77  SER A N   1 
ATOM   408 C CA  . SER A 1 80  ? 2.141   2.544   -21.458 1.00 75.80  ? 77  SER A CA  1 
ATOM   409 C C   . SER A 1 80  ? 2.042   1.360   -20.492 1.00 70.52  ? 77  SER A C   1 
ATOM   410 O O   . SER A 1 80  ? 1.409   1.452   -19.440 1.00 67.16  ? 77  SER A O   1 
ATOM   411 C CB  . SER A 1 80  ? 3.447   3.309   -21.219 1.00 79.19  ? 77  SER A CB  1 
ATOM   412 O OG  . SER A 1 80  ? 3.442   3.874   -19.918 1.00 76.76  ? 77  SER A OG  1 
ATOM   413 N N   . PRO A 1 81  ? 2.676   0.236   -20.857 1.00 73.62  ? 78  PRO A N   1 
ATOM   414 C CA  . PRO A 1 81  ? 2.760   -0.923  -19.967 1.00 73.41  ? 78  PRO A CA  1 
ATOM   415 C C   . PRO A 1 81  ? 3.360   -0.514  -18.626 1.00 74.45  ? 78  PRO A C   1 
ATOM   416 O O   . PRO A 1 81  ? 2.970   -1.055  -17.580 1.00 72.43  ? 78  PRO A O   1 
ATOM   417 C CB  . PRO A 1 81  ? 3.722   -1.861  -20.704 1.00 78.46  ? 78  PRO A CB  1 
ATOM   418 C CG  . PRO A 1 81  ? 3.660   -1.445  -22.136 1.00 82.09  ? 78  PRO A CG  1 
ATOM   419 C CD  . PRO A 1 81  ? 3.391   0.028   -22.131 1.00 81.71  ? 78  PRO A CD  1 
ATOM   420 N N   . GLU A 1 82  ? 4.300   0.430   -18.651 1.00 71.24  ? 79  GLU A N   1 
ATOM   421 C CA  . GLU A 1 82  ? 4.942   0.860   -17.410 1.00 73.70  ? 79  GLU A CA  1 
ATOM   422 C C   . GLU A 1 82  ? 3.966   1.583   -16.490 1.00 69.65  ? 79  GLU A C   1 
ATOM   423 O O   . GLU A 1 82  ? 4.103   1.530   -15.279 1.00 66.06  ? 79  GLU A O   1 
ATOM   424 C CB  . GLU A 1 82  ? 6.172   1.727   -17.676 1.00 75.19  ? 79  GLU A CB  1 
ATOM   425 C CG  . GLU A 1 82  ? 6.284   2.242   -19.095 1.00 92.43  ? 79  GLU A CG  1 
ATOM   426 C CD  . GLU A 1 82  ? 6.734   1.175   -20.073 1.00 92.54  ? 79  GLU A CD  1 
ATOM   427 O OE1 . GLU A 1 82  ? 7.952   0.910   -20.158 1.00 93.52  ? 79  GLU A OE1 1 
ATOM   428 O OE2 . GLU A 1 82  ? 5.870   0.602   -20.763 1.00 91.89  ? 79  GLU A OE2 1 
ATOM   429 N N   . MET A 1 83  ? 2.982   2.253   -17.073 1.00 75.48  ? 80  MET A N   1 
ATOM   430 C CA  . MET A 1 83  ? 1.966   2.944   -16.284 1.00 67.73  ? 80  MET A CA  1 
ATOM   431 C C   . MET A 1 83  ? 0.849   1.997   -15.862 1.00 59.51  ? 80  MET A C   1 
ATOM   432 O O   . MET A 1 83  ? 0.362   2.085   -14.741 1.00 59.25  ? 80  MET A O   1 
ATOM   433 C CB  . MET A 1 83  ? 1.410   4.153   -17.043 1.00 60.91  ? 80  MET A CB  1 
ATOM   434 C CG  . MET A 1 83  ? 2.321   5.364   -16.957 1.00 53.08  ? 80  MET A CG  1 
ATOM   435 S SD  . MET A 1 83  ? 2.435   5.889   -15.257 1.00 62.25  ? 80  MET A SD  1 
ATOM   436 C CE  . MET A 1 83  ? 4.004   6.634   -15.085 1.00 76.67  ? 80  MET A CE  1 
ATOM   437 N N   . LYS A 1 84  ? 0.439   1.103   -16.758 1.00 59.09  ? 81  LYS A N   1 
ATOM   438 C CA  . LYS A 1 84  ? -0.513  0.054   -16.403 1.00 59.90  ? 81  LYS A CA  1 
ATOM   439 C C   . LYS A 1 84  ? 0.012   -0.740  -15.212 1.00 60.12  ? 81  LYS A C   1 
ATOM   440 O O   . LYS A 1 84  ? -0.740  -1.121  -14.312 1.00 52.74  ? 81  LYS A O   1 
ATOM   441 C CB  . LYS A 1 84  ? -0.761  -0.878  -17.593 1.00 73.41  ? 81  LYS A CB  1 
ATOM   442 C CG  . LYS A 1 84  ? -2.098  -0.671  -18.310 1.00 84.86  ? 81  LYS A CG  1 
ATOM   443 C CD  . LYS A 1 84  ? -1.909  -0.429  -19.801 1.00 92.25  ? 81  LYS A CD  1 
ATOM   444 C CE  . LYS A 1 84  ? -2.993  -1.105  -20.634 1.00 95.68  ? 81  LYS A CE  1 
ATOM   445 N NZ  . LYS A 1 84  ? -4.362  -0.646  -20.287 1.00 93.71  ? 81  LYS A NZ  1 
ATOM   446 N N   . ASP A 1 85  ? 1.317   -0.967  -15.209 1.00 58.65  ? 82  ASP A N   1 
ATOM   447 C CA  . ASP A 1 85  ? 1.960   -1.778  -14.194 1.00 56.82  ? 82  ASP A CA  1 
ATOM   448 C C   . ASP A 1 85  ? 2.166   -0.974  -12.921 1.00 52.49  ? 82  ASP A C   1 
ATOM   449 O O   . ASP A 1 85  ? 2.074   -1.508  -11.823 1.00 55.44  ? 82  ASP A O   1 
ATOM   450 C CB  . ASP A 1 85  ? 3.290   -2.320  -14.725 1.00 68.38  ? 82  ASP A CB  1 
ATOM   451 C CG  . ASP A 1 85  ? 4.014   -3.165  -13.714 1.00 82.99  ? 82  ASP A CG  1 
ATOM   452 O OD1 . ASP A 1 85  ? 3.693   -4.368  -13.603 1.00 87.74  ? 82  ASP A OD1 1 
ATOM   453 O OD2 . ASP A 1 85  ? 4.899   -2.620  -13.028 1.00 89.36  ? 82  ASP A OD2 1 
ATOM   454 N N   . PHE A 1 86  ? 2.429   0.318   -13.065 1.00 47.35  ? 83  PHE A N   1 
ATOM   455 C CA  . PHE A 1 86  ? 2.465   1.188   -11.892 1.00 50.43  ? 83  PHE A CA  1 
ATOM   456 C C   . PHE A 1 86  ? 1.110   1.176   -11.157 1.00 49.49  ? 83  PHE A C   1 
ATOM   457 O O   . PHE A 1 86  ? 1.041   1.020   -9.930  1.00 49.59  ? 83  PHE A O   1 
ATOM   458 C CB  . PHE A 1 86  ? 2.829   2.611   -12.311 1.00 51.42  ? 83  PHE A CB  1 
ATOM   459 C CG  . PHE A 1 86  ? 2.678   3.627   -11.208 1.00 47.62  ? 83  PHE A CG  1 
ATOM   460 C CD1 . PHE A 1 86  ? 3.661   3.762   -10.231 1.00 54.65  ? 83  PHE A CD1 1 
ATOM   461 C CD2 . PHE A 1 86  ? 1.561   4.449   -11.150 1.00 49.05  ? 83  PHE A CD2 1 
ATOM   462 C CE1 . PHE A 1 86  ? 3.529   4.707   -9.217  1.00 51.56  ? 83  PHE A CE1 1 
ATOM   463 C CE2 . PHE A 1 86  ? 1.417   5.400   -10.143 1.00 49.02  ? 83  PHE A CE2 1 
ATOM   464 C CZ  . PHE A 1 86  ? 2.402   5.532   -9.178  1.00 49.71  ? 83  PHE A CZ  1 
ATOM   465 N N   . ARG A 1 87  ? 0.025   1.335   -11.901 1.00 49.56  ? 84  ARG A N   1 
ATOM   466 C CA  . ARG A 1 87  ? -1.288  1.332   -11.266 1.00 49.47  ? 84  ARG A CA  1 
ATOM   467 C C   . ARG A 1 87  ? -1.611  -0.035  -10.674 1.00 48.10  ? 84  ARG A C   1 
ATOM   468 O O   . ARG A 1 87  ? -2.125  -0.136  -9.565  1.00 48.36  ? 84  ARG A O   1 
ATOM   469 C CB  . ARG A 1 87  ? -2.379  1.749   -12.251 1.00 49.48  ? 84  ARG A CB  1 
ATOM   470 C CG  . ARG A 1 87  ? -2.329  3.211   -12.632 1.00 52.02  ? 84  ARG A CG  1 
ATOM   471 C CD  . ARG A 1 87  ? -3.525  3.598   -13.481 1.00 52.74  ? 84  ARG A CD  1 
ATOM   472 N NE  . ARG A 1 87  ? -3.393  3.179   -14.876 1.00 59.43  ? 84  ARG A NE  1 
ATOM   473 C CZ  . ARG A 1 87  ? -2.675  3.839   -15.787 1.00 65.67  ? 84  ARG A CZ  1 
ATOM   474 N NH1 . ARG A 1 87  ? -2.008  4.934   -15.439 1.00 64.73  ? 84  ARG A NH1 1 
ATOM   475 N NH2 . ARG A 1 87  ? -2.618  3.405   -17.043 1.00 66.80  ? 84  ARG A NH2 1 
ATOM   476 N N   . HIS A 1 88  ? -1.307  -1.089  -11.418 1.00 43.84  ? 85  HIS A N   1 
ATOM   477 C CA  . HIS A 1 88  ? -1.666  -2.435  -10.990 1.00 48.58  ? 85  HIS A CA  1 
ATOM   478 C C   . HIS A 1 88  ? -1.006  -2.858  -9.668  1.00 51.20  ? 85  HIS A C   1 
ATOM   479 O O   . HIS A 1 88  ? -1.586  -3.627  -8.895  1.00 45.78  ? 85  HIS A O   1 
ATOM   480 C CB  . HIS A 1 88  ? -1.344  -3.435  -12.099 1.00 55.52  ? 85  HIS A CB  1 
ATOM   481 C CG  . HIS A 1 88  ? -1.713  -4.842  -11.761 1.00 60.42  ? 85  HIS A CG  1 
ATOM   482 N ND1 . HIS A 1 88  ? -3.018  -5.234  -11.548 1.00 62.56  ? 85  HIS A ND1 1 
ATOM   483 C CD2 . HIS A 1 88  ? -0.954  -5.945  -11.573 1.00 55.63  ? 85  HIS A CD2 1 
ATOM   484 C CE1 . HIS A 1 88  ? -3.044  -6.520  -11.253 1.00 64.62  ? 85  HIS A CE1 1 
ATOM   485 N NE2 . HIS A 1 88  ? -1.802  -6.976  -11.267 1.00 53.61  ? 85  HIS A NE2 1 
ATOM   486 N N   . GLY A 1 89  ? 0.204   -2.366  -9.408  1.00 42.23  ? 86  GLY A N   1 
ATOM   487 C CA  . GLY A 1 89  ? 0.863   -2.645  -8.142  1.00 40.72  ? 86  GLY A CA  1 
ATOM   488 C C   . GLY A 1 89  ? -0.001  -2.156  -7.001  1.00 42.78  ? 86  GLY A C   1 
ATOM   489 O O   . GLY A 1 89  ? -0.074  -2.780  -5.946  1.00 42.39  ? 86  GLY A O   1 
ATOM   490 N N   . PHE A 1 90  ? -0.671  -1.033  -7.212  1.00 42.90  ? 87  PHE A N   1 
ATOM   491 C CA  . PHE A 1 90  ? -1.598  -0.531  -6.210  1.00 46.79  ? 87  PHE A CA  1 
ATOM   492 C C   . PHE A 1 90  ? -2.870  -1.366  -6.102  1.00 46.61  ? 87  PHE A C   1 
ATOM   493 O O   . PHE A 1 90  ? -3.444  -1.466  -5.025  1.00 43.24  ? 87  PHE A O   1 
ATOM   494 C CB  . PHE A 1 90  ? -1.911  0.947   -6.442  1.00 45.67  ? 87  PHE A CB  1 
ATOM   495 C CG  . PHE A 1 90  ? -0.739  1.845   -6.191  1.00 40.92  ? 87  PHE A CG  1 
ATOM   496 C CD1 . PHE A 1 90  ? -0.208  1.959   -4.909  1.00 40.03  ? 87  PHE A CD1 1 
ATOM   497 C CD2 . PHE A 1 90  ? -0.135  2.519   -7.223  1.00 45.27  ? 87  PHE A CD2 1 
ATOM   498 C CE1 . PHE A 1 90  ? 0.879   2.753   -4.660  1.00 44.98  ? 87  PHE A CE1 1 
ATOM   499 C CE2 . PHE A 1 90  ? 0.959   3.322   -6.986  1.00 52.65  ? 87  PHE A CE2 1 
ATOM   500 C CZ  . PHE A 1 90  ? 1.473   3.437   -5.700  1.00 51.97  ? 87  PHE A CZ  1 
ATOM   501 N N   . ASP A 1 91  ? -3.303  -1.978  -7.197  1.00 44.81  ? 88  ASP A N   1 
ATOM   502 C CA  . ASP A 1 91  ? -4.454  -2.872  -7.109  1.00 39.45  ? 88  ASP A CA  1 
ATOM   503 C C   . ASP A 1 91  ? -4.112  -4.063  -6.216  1.00 39.04  ? 88  ASP A C   1 
ATOM   504 O O   . ASP A 1 91  ? -4.931  -4.515  -5.416  1.00 39.64  ? 88  ASP A O   1 
ATOM   505 C CB  . ASP A 1 91  ? -4.858  -3.370  -8.496  1.00 40.69  ? 88  ASP A CB  1 
ATOM   506 C CG  . ASP A 1 91  ? -5.541  -2.300  -9.335  1.00 54.14  ? 88  ASP A CG  1 
ATOM   507 O OD1 . ASP A 1 91  ? -6.215  -1.411  -8.766  1.00 53.17  ? 88  ASP A OD1 1 
ATOM   508 O OD2 . ASP A 1 91  ? -5.394  -2.352  -10.570 1.00 55.91  ? 88  ASP A OD2 1 
ATOM   509 N N   . ILE A 1 92  ? -2.905  -4.587  -6.367  1.00 37.90  ? 89  ILE A N   1 
ATOM   510 C CA  . ILE A 1 92  ? -2.455  -5.678  -5.515  1.00 34.94  ? 89  ILE A CA  1 
ATOM   511 C C   . ILE A 1 92  ? -2.381  -5.242  -4.055  1.00 38.35  ? 89  ILE A C   1 
ATOM   512 O O   . ILE A 1 92  ? -2.884  -5.926  -3.154  1.00 34.78  ? 89  ILE A O   1 
ATOM   513 C CB  . ILE A 1 92  ? -1.077  -6.223  -5.977  1.00 34.79  ? 89  ILE A CB  1 
ATOM   514 C CG1 . ILE A 1 92  ? -1.158  -6.706  -7.426  1.00 40.08  ? 89  ILE A CG1 1 
ATOM   515 C CG2 . ILE A 1 92  ? -0.584  -7.347  -5.021  1.00 34.67  ? 89  ILE A CG2 1 
ATOM   516 C CD1 . ILE A 1 92  ? 0.213   -7.044  -8.063  1.00 45.91  ? 89  ILE A CD1 1 
ATOM   517 N N   . LEU A 1 93  ? -1.759  -4.099  -3.810  1.00 38.66  ? 90  LEU A N   1 
ATOM   518 C CA  . LEU A 1 93  ? -1.607  -3.641  -2.434  1.00 35.45  ? 90  LEU A CA  1 
ATOM   519 C C   . LEU A 1 93  ? -2.949  -3.434  -1.742  1.00 45.46  ? 90  LEU A C   1 
ATOM   520 O O   . LEU A 1 93  ? -3.152  -3.866  -0.604  1.00 37.89  ? 90  LEU A O   1 
ATOM   521 C CB  . LEU A 1 93  ? -0.835  -2.342  -2.413  1.00 39.82  ? 90  LEU A CB  1 
ATOM   522 C CG  . LEU A 1 93  ? -0.116  -1.996  -1.118  1.00 48.41  ? 90  LEU A CG  1 
ATOM   523 C CD1 . LEU A 1 93  ? 0.966   -3.049  -0.816  1.00 42.14  ? 90  LEU A CD1 1 
ATOM   524 C CD2 . LEU A 1 93  ? 0.496   -0.607  -1.243  1.00 48.29  ? 90  LEU A CD2 1 
ATOM   525 N N   . VAL A 1 94  ? -3.855  -2.744  -2.427  1.00 37.70  ? 91  VAL A N   1 
ATOM   526 C CA  . VAL A 1 94  ? -5.175  -2.487  -1.876  1.00 37.13  ? 91  VAL A CA  1 
ATOM   527 C C   . VAL A 1 94  ? -5.907  -3.800  -1.581  1.00 37.49  ? 91  VAL A C   1 
ATOM   528 O O   . VAL A 1 94  ? -6.533  -3.943  -0.535  1.00 41.30  ? 91  VAL A O   1 
ATOM   529 C CB  . VAL A 1 94  ? -6.011  -1.598  -2.811  1.00 42.03  ? 91  VAL A CB  1 
ATOM   530 C CG1 . VAL A 1 94  ? -7.511  -1.710  -2.487  1.00 44.43  ? 91  VAL A CG1 1 
ATOM   531 C CG2 . VAL A 1 94  ? -5.540  -0.152  -2.713  1.00 39.66  ? 91  VAL A CG2 1 
ATOM   532 N N   . GLY A 1 95  ? -5.841  -4.753  -2.507  1.00 35.81  ? 92  GLY A N   1 
ATOM   533 C CA  . GLY A 1 95  ? -6.383  -6.080  -2.246  1.00 37.12  ? 92  GLY A CA  1 
ATOM   534 C C   . GLY A 1 95  ? -5.804  -6.723  -1.002  1.00 38.74  ? 92  GLY A C   1 
ATOM   535 O O   . GLY A 1 95  ? -6.542  -7.277  -0.187  1.00 35.29  ? 92  GLY A O   1 
ATOM   536 N N   . GLN A 1 96  ? -4.488  -6.662  -0.837  1.00 39.37  ? 93  GLN A N   1 
ATOM   537 C CA  . GLN A 1 96  ? -3.869  -7.198  0.369   1.00 39.01  ? 93  GLN A CA  1 
ATOM   538 C C   . GLN A 1 96  ? -4.318  -6.482  1.637   1.00 39.05  ? 93  GLN A C   1 
ATOM   539 O O   . GLN A 1 96  ? -4.502  -7.112  2.664   1.00 39.26  ? 93  GLN A O   1 
ATOM   540 C CB  . GLN A 1 96  ? -2.357  -7.087  0.294   1.00 35.30  ? 93  GLN A CB  1 
ATOM   541 C CG  . GLN A 1 96  ? -1.718  -7.984  -0.719  1.00 39.95  ? 93  GLN A CG  1 
ATOM   542 C CD  . GLN A 1 96  ? -0.230  -7.747  -0.796  1.00 39.19  ? 93  GLN A CD  1 
ATOM   543 O OE1 . GLN A 1 96  ? 0.246   -6.979  -1.632  1.00 39.97  ? 93  GLN A OE1 1 
ATOM   544 N NE2 . GLN A 1 96  ? 0.521   -8.413  0.074   1.00 40.22  ? 93  GLN A NE2 1 
ATOM   545 N N   . ILE A 1 97  ? -4.437  -5.166  1.577   1.00 38.89  ? 94  ILE A N   1 
ATOM   546 C CA  . ILE A 1 97  ? -4.839  -4.368  2.727   1.00 37.53  ? 94  ILE A CA  1 
ATOM   547 C C   . ILE A 1 97  ? -6.263  -4.709  3.136   1.00 41.36  ? 94  ILE A C   1 
ATOM   548 O O   . ILE A 1 97  ? -6.582  -4.855  4.329   1.00 41.05  ? 94  ILE A O   1 
ATOM   549 C CB  . ILE A 1 97  ? -4.730  -2.862  2.401   1.00 39.94  ? 94  ILE A CB  1 
ATOM   550 C CG1 . ILE A 1 97  ? -3.261  -2.479  2.253   1.00 36.59  ? 94  ILE A CG1 1 
ATOM   551 C CG2 . ILE A 1 97  ? -5.400  -2.015  3.485   1.00 41.82  ? 94  ILE A CG2 1 
ATOM   552 C CD1 . ILE A 1 97  ? -3.027  -1.078  1.645   1.00 40.17  ? 94  ILE A CD1 1 
ATOM   553 N N   . ASP A 1 98  ? -7.122  -4.866  2.140   1.00 39.09  ? 95  ASP A N   1 
ATOM   554 C CA  . ASP A 1 98  ? -8.510  -5.219  2.398   1.00 41.66  ? 95  ASP A CA  1 
ATOM   555 C C   . ASP A 1 98  ? -8.681  -6.605  3.015   1.00 42.67  ? 95  ASP A C   1 
ATOM   556 O O   . ASP A 1 98  ? -9.533  -6.817  3.901   1.00 42.36  ? 95  ASP A O   1 
ATOM   557 C CB  . ASP A 1 98  ? -9.317  -5.110  1.115   1.00 39.57  ? 95  ASP A CB  1 
ATOM   558 C CG  . ASP A 1 98  ? -9.732  -3.700  0.837   1.00 47.65  ? 95  ASP A CG  1 
ATOM   559 O OD1 . ASP A 1 98  ? -9.670  -2.888  1.783   1.00 57.32  ? 95  ASP A OD1 1 
ATOM   560 O OD2 . ASP A 1 98  ? -10.111 -3.402  -0.307  1.00 50.97  ? 95  ASP A OD2 1 
ATOM   561 N N   . GLY A 1 99  ? -7.906  -7.552  2.513   1.00 38.95  ? 96  GLY A N   1 
ATOM   562 C CA  . GLY A 1 99  ? -7.808  -8.869  3.123   1.00 38.56  ? 96  GLY A CA  1 
ATOM   563 C C   . GLY A 1 99  ? -7.338  -8.799  4.560   1.00 41.96  ? 96  GLY A C   1 
ATOM   564 O O   . GLY A 1 99  ? -7.924  -9.431  5.418   1.00 47.53  ? 96  GLY A O   1 
ATOM   565 N N   . ALA A 1 100 ? -6.299  -8.019  4.839   1.00 36.57  ? 97  ALA A N   1 
ATOM   566 C CA  . ALA A 1 100 ? -5.834  -7.895  6.214   1.00 39.31  ? 97  ALA A CA  1 
ATOM   567 C C   . ALA A 1 100 ? -6.884  -7.239  7.123   1.00 43.90  ? 97  ALA A C   1 
ATOM   568 O O   . ALA A 1 100 ? -7.101  -7.690  8.249   1.00 43.34  ? 97  ALA A O   1 
ATOM   569 C CB  . ALA A 1 100 ? -4.507  -7.155  6.278   1.00 37.88  ? 97  ALA A CB  1 
ATOM   570 N N   . LEU A 1 101 ? -7.534  -6.188  6.643   1.00 42.85  ? 98  LEU A N   1 
ATOM   571 C CA  . LEU A 1 101 ? -8.607  -5.534  7.410   1.00 38.11  ? 98  LEU A CA  1 
ATOM   572 C C   . LEU A 1 101 ? -9.763  -6.459  7.713   1.00 45.17  ? 98  LEU A C   1 
ATOM   573 O O   . LEU A 1 101 ? -10.286 -6.455  8.824   1.00 50.83  ? 98  LEU A O   1 
ATOM   574 C CB  . LEU A 1 101 ? -9.128  -4.305  6.673   1.00 47.49  ? 98  LEU A CB  1 
ATOM   575 C CG  . LEU A 1 101 ? -8.428  -3.001  7.030   1.00 45.97  ? 98  LEU A CG  1 
ATOM   576 C CD1 . LEU A 1 101 ? -8.795  -1.926  6.029   1.00 46.31  ? 98  LEU A CD1 1 
ATOM   577 C CD2 . LEU A 1 101 ? -8.853  -2.599  8.433   1.00 46.70  ? 98  LEU A CD2 1 
ATOM   578 N N   . LYS A 1 102 ? -10.186 -7.236  6.721   1.00 50.20  ? 99  LYS A N   1 
ATOM   579 C CA  . LYS A 1 102 ? -11.279 -8.187  6.925   1.00 55.23  ? 99  LYS A CA  1 
ATOM   580 C C   . LYS A 1 102 ? -10.965 -9.132  8.085   1.00 53.05  ? 99  LYS A C   1 
ATOM   581 O O   . LYS A 1 102 ? -11.796 -9.373  8.958   1.00 52.38  ? 99  LYS A O   1 
ATOM   582 C CB  . LYS A 1 102 ? -11.527 -8.993  5.649   1.00 65.04  ? 99  LYS A CB  1 
ATOM   583 C CG  . LYS A 1 102 ? -12.826 -8.680  4.932   1.00 77.24  ? 99  LYS A CG  1 
ATOM   584 C CD  . LYS A 1 102 ? -12.867 -7.240  4.439   1.00 78.86  ? 99  LYS A CD  1 
ATOM   585 C CE  . LYS A 1 102 ? -13.497 -7.147  3.056   1.00 80.55  ? 99  LYS A CE  1 
ATOM   586 N NZ  . LYS A 1 102 ? -13.725 -5.734  2.610   1.00 72.33  ? 99  LYS A NZ  1 
ATOM   587 N N   . LEU A 1 103 ? -9.760  -9.682  8.074   1.00 51.84  ? 100 LEU A N   1 
ATOM   588 C CA  . LEU A 1 103 ? -9.293  -10.549 9.141   1.00 49.66  ? 100 LEU A CA  1 
ATOM   589 C C   . LEU A 1 103 ? -9.307  -9.840  10.485  1.00 52.50  ? 100 LEU A C   1 
ATOM   590 O O   . LEU A 1 103 ? -9.792  -10.380 11.482  1.00 46.83  ? 100 LEU A O   1 
ATOM   591 C CB  . LEU A 1 103 ? -7.869  -11.035 8.845   1.00 46.09  ? 100 LEU A CB  1 
ATOM   592 C CG  . LEU A 1 103 ? -7.757  -12.049 7.714   1.00 54.55  ? 100 LEU A CG  1 
ATOM   593 C CD1 . LEU A 1 103 ? -6.322  -12.513 7.573   1.00 54.19  ? 100 LEU A CD1 1 
ATOM   594 C CD2 . LEU A 1 103 ? -8.668  -13.226 8.002   1.00 65.18  ? 100 LEU A CD2 1 
ATOM   595 N N   . ALA A 1 104 ? -8.749  -8.635  10.505  1.00 42.61  ? 101 ALA A N   1 
ATOM   596 C CA  . ALA A 1 104 ? -8.618  -7.875  11.736  1.00 42.01  ? 101 ALA A CA  1 
ATOM   597 C C   . ALA A 1 104 ? -9.992  -7.592  12.315  1.00 44.92  ? 101 ALA A C   1 
ATOM   598 O O   . ALA A 1 104 ? -10.233 -7.796  13.504  1.00 49.13  ? 101 ALA A O   1 
ATOM   599 C CB  . ALA A 1 104 ? -7.879  -6.579  11.455  1.00 37.82  ? 101 ALA A CB  1 
ATOM   600 N N   . ASN A 1 105 ? -10.891 -7.115  11.458  1.00 44.31  ? 102 ASN A N   1 
ATOM   601 C CA  . ASN A 1 105 ? -12.259 -6.790  11.850  1.00 45.30  ? 102 ASN A CA  1 
ATOM   602 C C   . ASN A 1 105 ? -13.049 -7.961  12.412  1.00 45.50  ? 102 ASN A C   1 
ATOM   603 O O   . ASN A 1 105 ? -13.993 -7.773  13.200  1.00 52.12  ? 102 ASN A O   1 
ATOM   604 C CB  . ASN A 1 105 ? -12.983 -6.148  10.659  1.00 44.50  ? 102 ASN A CB  1 
ATOM   605 C CG  . ASN A 1 105 ? -12.547 -4.735  10.435  1.00 48.02  ? 102 ASN A CG  1 
ATOM   606 O OD1 . ASN A 1 105 ? -11.734 -4.212  11.195  1.00 48.07  ? 102 ASN A OD1 1 
ATOM   607 N ND2 . ASN A 1 105 ? -13.057 -4.100  9.378   1.00 57.99  ? 102 ASN A ND2 1 
ATOM   608 N N   . GLU A 1 106 ? -12.662 -9.179  12.034  1.00 49.46  ? 103 GLU A N   1 
ATOM   609 C CA  . GLU A 1 106 ? -13.255 -10.370 12.625  1.00 54.18  ? 103 GLU A CA  1 
ATOM   610 C C   . GLU A 1 106 ? -12.685 -10.623 14.017  1.00 57.05  ? 103 GLU A C   1 
ATOM   611 O O   . GLU A 1 106 ? -13.226 -11.429 14.769  1.00 55.34  ? 103 GLU A O   1 
ATOM   612 C CB  . GLU A 1 106 ? -12.974 -11.611 11.776  1.00 54.53  ? 103 GLU A CB  1 
ATOM   613 C CG  . GLU A 1 106 ? -13.647 -11.664 10.407  1.00 59.88  ? 103 GLU A CG  1 
ATOM   614 C CD  . GLU A 1 106 ? -13.320 -12.967 9.660   1.00 70.12  ? 103 GLU A CD  1 
ATOM   615 O OE1 . GLU A 1 106 ? -12.195 -13.491 9.820   1.00 66.19  ? 103 GLU A OE1 1 
ATOM   616 O OE2 . GLU A 1 106 ? -14.190 -13.479 8.921   1.00 79.35  ? 103 GLU A OE2 1 
ATOM   617 N N   . GLY A 1 107 ? -11.579 -9.962  14.347  1.00 48.50  ? 104 GLY A N   1 
ATOM   618 C CA  . GLY A 1 107 ? -10.873 -10.247 15.586  1.00 47.85  ? 104 GLY A CA  1 
ATOM   619 C C   . GLY A 1 107 ? -9.686  -11.184 15.378  1.00 46.59  ? 104 GLY A C   1 
ATOM   620 O O   . GLY A 1 107 ? -8.995  -11.567 16.326  1.00 48.38  ? 104 GLY A O   1 
ATOM   621 N N   . ASN A 1 108 ? -9.451  -11.571 14.129  1.00 49.52  ? 105 ASN A N   1 
ATOM   622 C CA  . ASN A 1 108 ? -8.295  -12.404 13.802  1.00 47.04  ? 105 ASN A CA  1 
ATOM   623 C C   . ASN A 1 108 ? -7.086  -11.518 13.545  1.00 52.88  ? 105 ASN A C   1 
ATOM   624 O O   . ASN A 1 108 ? -6.596  -11.407 12.421  1.00 49.16  ? 105 ASN A O   1 
ATOM   625 C CB  . ASN A 1 108 ? -8.608  -13.303 12.606  1.00 50.21  ? 105 ASN A CB  1 
ATOM   626 C CG  . ASN A 1 108 ? -9.724  -14.290 12.901  1.00 65.28  ? 105 ASN A CG  1 
ATOM   627 O OD1 . ASN A 1 108 ? -9.711  -14.978 13.931  1.00 63.33  ? 105 ASN A OD1 1 
ATOM   628 N ND2 . ASN A 1 108 ? -10.712 -14.347 12.011  1.00 62.84  ? 105 ASN A ND2 1 
ATOM   629 N N   . VAL A 1 109 ? -6.615  -10.880 14.607  1.00 52.49  ? 106 VAL A N   1 
ATOM   630 C CA  . VAL A 1 109 ? -5.655  -9.801  14.480  1.00 51.56  ? 106 VAL A CA  1 
ATOM   631 C C   . VAL A 1 109 ? -4.199  -10.280 14.367  1.00 59.06  ? 106 VAL A C   1 
ATOM   632 O O   . VAL A 1 109 ? -3.347  -9.580  13.813  1.00 52.20  ? 106 VAL A O   1 
ATOM   633 C CB  . VAL A 1 109 ? -5.801  -8.815  15.650  1.00 52.08  ? 106 VAL A CB  1 
ATOM   634 C CG1 . VAL A 1 109 ? -7.143  -8.088  15.558  1.00 49.99  ? 106 VAL A CG1 1 
ATOM   635 C CG2 . VAL A 1 109 ? -5.683  -9.530  16.959  1.00 63.08  ? 106 VAL A CG2 1 
ATOM   636 N N   . LYS A 1 110 ? -3.896  -11.461 14.890  1.00 48.43  ? 107 LYS A N   1 
ATOM   637 C CA  . LYS A 1 110 ? -2.540  -11.968 14.710  1.00 46.34  ? 107 LYS A CA  1 
ATOM   638 C C   . LYS A 1 110 ? -2.345  -12.467 13.276  1.00 50.12  ? 107 LYS A C   1 
ATOM   639 O O   . LYS A 1 110 ? -1.295  -12.275 12.660  1.00 48.88  ? 107 LYS A O   1 
ATOM   640 C CB  . LYS A 1 110 ? -2.182  -13.022 15.764  1.00 58.33  ? 107 LYS A CB  1 
ATOM   641 C CG  . LYS A 1 110 ? -1.332  -12.440 16.882  1.00 76.21  ? 107 LYS A CG  1 
ATOM   642 C CD  . LYS A 1 110 ? 0.006   -11.938 16.326  1.00 87.56  ? 107 LYS A CD  1 
ATOM   643 C CE  . LYS A 1 110 ? 0.746   -11.007 17.286  1.00 90.41  ? 107 LYS A CE  1 
ATOM   644 N NZ  . LYS A 1 110 ? 2.045   -10.538 16.708  1.00 80.55  ? 107 LYS A NZ  1 
ATOM   645 N N   . GLU A 1 111 ? -3.371  -13.094 12.736  1.00 49.30  ? 108 GLU A N   1 
ATOM   646 C CA  . GLU A 1 111 ? -3.356  -13.451 11.331  1.00 47.27  ? 108 GLU A CA  1 
ATOM   647 C C   . GLU A 1 111 ? -3.371  -12.224 10.390  1.00 48.07  ? 108 GLU A C   1 
ATOM   648 O O   . GLU A 1 111 ? -2.715  -12.232 9.356   1.00 46.47  ? 108 GLU A O   1 
ATOM   649 C CB  . GLU A 1 111 ? -4.509  -14.398 11.030  1.00 56.18  ? 108 GLU A CB  1 
ATOM   650 C CG  . GLU A 1 111 ? -4.461  -14.988 9.652   1.00 62.62  ? 108 GLU A CG  1 
ATOM   651 C CD  . GLU A 1 111 ? -5.415  -16.150 9.484   1.00 69.14  ? 108 GLU A CD  1 
ATOM   652 O OE1 . GLU A 1 111 ? -5.448  -16.716 8.375   1.00 56.19  ? 108 GLU A OE1 1 
ATOM   653 O OE2 . GLU A 1 111 ? -6.124  -16.497 10.454  1.00 80.22  ? 108 GLU A OE2 1 
ATOM   654 N N   . ALA A 1 112 ? -4.118  -11.179 10.741  1.00 40.25  ? 109 ALA A N   1 
ATOM   655 C CA  . ALA A 1 112 ? -4.062  -9.940  9.997   1.00 47.17  ? 109 ALA A CA  1 
ATOM   656 C C   . ALA A 1 112 ? -2.639  -9.372  9.965   1.00 48.19  ? 109 ALA A C   1 
ATOM   657 O O   . ALA A 1 112 ? -2.149  -8.954  8.920   1.00 45.71  ? 109 ALA A O   1 
ATOM   658 C CB  . ALA A 1 112 ? -5.008  -8.938  10.579  1.00 41.81  ? 109 ALA A CB  1 
ATOM   659 N N   . LYS A 1 113 ? -1.973  -9.347  11.106  1.00 41.45  ? 110 LYS A N   1 
ATOM   660 C CA  . LYS A 1 113 ? -0.608  -8.824  11.142  1.00 40.81  ? 110 LYS A CA  1 
ATOM   661 C C   . LYS A 1 113 ? 0.373   -9.678  10.335  1.00 48.82  ? 110 LYS A C   1 
ATOM   662 O O   . LYS A 1 113 ? 1.345   -9.161  9.775   1.00 49.92  ? 110 LYS A O   1 
ATOM   663 C CB  . LYS A 1 113 ? -0.115  -8.692  12.578  1.00 56.68  ? 110 LYS A CB  1 
ATOM   664 C CG  . LYS A 1 113 ? 1.288   -8.129  12.676  1.00 53.69  ? 110 LYS A CG  1 
ATOM   665 C CD  . LYS A 1 113 ? 1.711   -7.956  14.122  1.00 68.87  ? 110 LYS A CD  1 
ATOM   666 C CE  . LYS A 1 113 ? 3.077   -7.287  14.216  1.00 73.98  ? 110 LYS A CE  1 
ATOM   667 N NZ  . LYS A 1 113 ? 3.625   -7.332  15.610  1.00 80.53  ? 110 LYS A NZ  1 
ATOM   668 N N   . ALA A 1 114 ? 0.141   -10.987 10.302  1.00 49.88  ? 111 ALA A N   1 
ATOM   669 C CA  . ALA A 1 114 ? 1.031   -11.872 9.565   1.00 43.20  ? 111 ALA A CA  1 
ATOM   670 C C   . ALA A 1 114 ? 0.817   -11.628 8.082   1.00 47.82  ? 111 ALA A C   1 
ATOM   671 O O   . ALA A 1 114 ? 1.784   -11.468 7.338   1.00 44.37  ? 111 ALA A O   1 
ATOM   672 C CB  . ALA A 1 114 ? 0.804   -13.348 9.931   1.00 43.91  ? 111 ALA A CB  1 
ATOM   673 N N   . ALA A 1 115 ? -0.445  -11.557 7.658   1.00 40.42  ? 112 ALA A N   1 
ATOM   674 C CA  . ALA A 1 115 ? -0.750  -11.238 6.264   1.00 39.13  ? 112 ALA A CA  1 
ATOM   675 C C   . ALA A 1 115 ? -0.100  -9.917  5.876   1.00 44.04  ? 112 ALA A C   1 
ATOM   676 O O   . ALA A 1 115 ? 0.417   -9.765  4.771   1.00 41.59  ? 112 ALA A O   1 
ATOM   677 C CB  . ALA A 1 115 ? -2.263  -11.152 6.020   1.00 38.56  ? 112 ALA A CB  1 
ATOM   678 N N   . ALA A 1 116 ? -0.142  -8.966  6.795   1.00 34.94  ? 113 ALA A N   1 
ATOM   679 C CA  . ALA A 1 116 ? 0.304   -7.617  6.509   1.00 43.14  ? 113 ALA A CA  1 
ATOM   680 C C   . ALA A 1 116 ? 1.817   -7.550  6.326   1.00 47.34  ? 113 ALA A C   1 
ATOM   681 O O   . ALA A 1 116 ? 2.338   -6.574  5.778   1.00 45.58  ? 113 ALA A O   1 
ATOM   682 C CB  . ALA A 1 116 ? -0.144  -6.676  7.605   1.00 46.33  ? 113 ALA A CB  1 
ATOM   683 N N   . GLU A 1 117 ? 2.518   -8.598  6.746   1.00 42.90  ? 114 GLU A N   1 
ATOM   684 C CA  . GLU A 1 117 ? 3.964   -8.673  6.527   1.00 46.54  ? 114 GLU A CA  1 
ATOM   685 C C   . GLU A 1 117 ? 4.318   -8.712  5.041   1.00 48.43  ? 114 GLU A C   1 
ATOM   686 O O   . GLU A 1 117 ? 5.434   -8.384  4.669   1.00 48.87  ? 114 GLU A O   1 
ATOM   687 C CB  . GLU A 1 117 ? 4.577   -9.864  7.248   1.00 51.83  ? 114 GLU A CB  1 
ATOM   688 C CG  . GLU A 1 117 ? 4.892   -9.603  8.703   1.00 60.54  ? 114 GLU A CG  1 
ATOM   689 C CD  . GLU A 1 117 ? 5.599   -10.769 9.363   1.00 58.83  ? 114 GLU A CD  1 
ATOM   690 O OE1 . GLU A 1 117 ? 5.062   -11.291 10.365  1.00 55.28  ? 114 GLU A OE1 1 
ATOM   691 O OE2 . GLU A 1 117 ? 6.687   -11.163 8.882   1.00 61.43  ? 114 GLU A OE2 1 
ATOM   692 N N   . ALA A 1 118 ? 3.362   -9.082  4.192   1.00 46.47  ? 115 ALA A N   1 
ATOM   693 C CA  . ALA A 1 118 ? 3.628   -9.187  2.760   1.00 45.96  ? 115 ALA A CA  1 
ATOM   694 C C   . ALA A 1 118 ? 3.392   -7.875  2.028   1.00 45.19  ? 115 ALA A C   1 
ATOM   695 O O   . ALA A 1 118 ? 3.589   -7.804  0.819   1.00 47.47  ? 115 ALA A O   1 
ATOM   696 C CB  . ALA A 1 118 ? 2.774   -10.277 2.130   1.00 45.05  ? 115 ALA A CB  1 
ATOM   697 N N   . LEU A 1 119 ? 2.930   -6.855  2.748   1.00 39.63  ? 116 LEU A N   1 
ATOM   698 C CA  . LEU A 1 119 ? 2.705   -5.552  2.156   1.00 41.92  ? 116 LEU A CA  1 
ATOM   699 C C   . LEU A 1 119 ? 4.020   -4.908  1.682   1.00 49.21  ? 116 LEU A C   1 
ATOM   700 O O   . LEU A 1 119 ? 4.129   -4.490  0.527   1.00 53.87  ? 116 LEU A O   1 
ATOM   701 C CB  . LEU A 1 119 ? 1.976   -4.635  3.131   1.00 42.03  ? 116 LEU A CB  1 
ATOM   702 C CG  . LEU A 1 119 ? 0.503   -4.975  3.383   1.00 44.95  ? 116 LEU A CG  1 
ATOM   703 C CD1 . LEU A 1 119 ? -0.073  -4.061  4.444   1.00 46.15  ? 116 LEU A CD1 1 
ATOM   704 C CD2 . LEU A 1 119 ? -0.316  -4.865  2.102   1.00 42.60  ? 116 LEU A CD2 1 
ATOM   705 N N   . LYS A 1 120 ? 5.005   -4.842  2.571   1.00 44.09  ? 117 LYS A N   1 
ATOM   706 C CA  . LYS A 1 120 ? 6.280   -4.195  2.269   1.00 53.79  ? 117 LYS A CA  1 
ATOM   707 C C   . LYS A 1 120 ? 6.880   -4.758  0.988   1.00 61.98  ? 117 LYS A C   1 
ATOM   708 O O   . LYS A 1 120 ? 7.412   -4.024  0.149   1.00 69.58  ? 117 LYS A O   1 
ATOM   709 C CB  . LYS A 1 120 ? 7.258   -4.385  3.432   1.00 63.80  ? 117 LYS A CB  1 
ATOM   710 C CG  . LYS A 1 120 ? 7.482   -5.837  3.785   1.00 75.30  ? 117 LYS A CG  1 
ATOM   711 C CD  . LYS A 1 120 ? 8.143   -6.015  5.148   1.00 79.40  ? 117 LYS A CD  1 
ATOM   712 C CE  . LYS A 1 120 ? 7.912   -7.429  5.673   1.00 72.97  ? 117 LYS A CE  1 
ATOM   713 N NZ  . LYS A 1 120 ? 8.604   -7.702  6.968   1.00 83.12  ? 117 LYS A NZ  1 
ATOM   714 N N   . THR A 1 121 ? 6.792   -6.075  0.856   1.00 53.23  ? 118 THR A N   1 
ATOM   715 C CA  . THR A 1 121 ? 7.291   -6.795  -0.301  1.00 58.07  ? 118 THR A CA  1 
ATOM   716 C C   . THR A 1 121 ? 6.654   -6.321  -1.612  1.00 60.04  ? 118 THR A C   1 
ATOM   717 O O   . THR A 1 121 ? 7.353   -6.098  -2.614  1.00 66.09  ? 118 THR A O   1 
ATOM   718 C CB  . THR A 1 121 ? 7.039   -8.304  -0.146  1.00 67.92  ? 118 THR A CB  1 
ATOM   719 O OG1 . THR A 1 121 ? 7.580   -8.762  1.103   1.00 73.79  ? 118 THR A OG1 1 
ATOM   720 C CG2 . THR A 1 121 ? 7.683   -9.046  -1.287  1.00 64.75  ? 118 THR A CG2 1 
ATOM   721 N N   . THR A 1 122 ? 5.333   -6.172  -1.615  1.00 49.92  ? 119 THR A N   1 
ATOM   722 C CA  . THR A 1 122 ? 4.640   -5.655  -2.792  1.00 50.41  ? 119 THR A CA  1 
ATOM   723 C C   . THR A 1 122 ? 5.119   -4.239  -3.096  1.00 53.72  ? 119 THR A C   1 
ATOM   724 O O   . THR A 1 122 ? 5.446   -3.914  -4.241  1.00 52.41  ? 119 THR A O   1 
ATOM   725 C CB  . THR A 1 122 ? 3.093   -5.682  -2.616  1.00 49.14  ? 119 THR A CB  1 
ATOM   726 O OG1 . THR A 1 122 ? 2.646   -7.042  -2.530  1.00 49.45  ? 119 THR A OG1 1 
ATOM   727 C CG2 . THR A 1 122 ? 2.410   -5.011  -3.787  1.00 55.61  ? 119 THR A CG2 1 
ATOM   728 N N   . ARG A 1 123 ? 5.171   -3.406  -2.063  1.00 55.62  ? 120 ARG A N   1 
ATOM   729 C CA  . ARG A 1 123 ? 5.571   -2.014  -2.226  1.00 64.57  ? 120 ARG A CA  1 
ATOM   730 C C   . ARG A 1 123 ? 6.990   -1.942  -2.816  1.00 66.97  ? 120 ARG A C   1 
ATOM   731 O O   . ARG A 1 123 ? 7.254   -1.134  -3.721  1.00 60.44  ? 120 ARG A O   1 
ATOM   732 C CB  . ARG A 1 123 ? 5.454   -1.270  -0.883  1.00 60.75  ? 120 ARG A CB  1 
ATOM   733 C CG  . ARG A 1 123 ? 5.535   0.250   -0.965  1.00 66.90  ? 120 ARG A CG  1 
ATOM   734 C CD  . ARG A 1 123 ? 6.979   0.726   -1.068  1.00 71.58  ? 120 ARG A CD  1 
ATOM   735 N NE  . ARG A 1 123 ? 7.850   0.038   -0.116  1.00 74.10  ? 120 ARG A NE  1 
ATOM   736 C CZ  . ARG A 1 123 ? 8.221   0.524   1.067   1.00 77.84  ? 120 ARG A CZ  1 
ATOM   737 N NH1 . ARG A 1 123 ? 7.805   1.724   1.457   1.00 79.51  ? 120 ARG A NH1 1 
ATOM   738 N NH2 . ARG A 1 123 ? 9.018   -0.190  1.860   1.00 70.69  ? 120 ARG A NH2 1 
ATOM   739 N N   . ASN A 1 124 ? 7.883   -2.808  -2.334  1.00 61.97  ? 121 ASN A N   1 
ATOM   740 C CA  . ASN A 1 124 ? 9.275   -2.836  -2.811  1.00 68.38  ? 121 ASN A CA  1 
ATOM   741 C C   . ASN A 1 124 ? 9.410   -3.318  -4.251  1.00 71.52  ? 121 ASN A C   1 
ATOM   742 O O   . ASN A 1 124 ? 10.202  -2.785  -5.017  1.00 74.93  ? 121 ASN A O   1 
ATOM   743 C CB  . ASN A 1 124 ? 10.171  -3.705  -1.911  1.00 69.82  ? 121 ASN A CB  1 
ATOM   744 C CG  . ASN A 1 124 ? 10.316  -3.149  -0.501  1.00 72.85  ? 121 ASN A CG  1 
ATOM   745 O OD1 . ASN A 1 124 ? 9.945   -2.003  -0.225  1.00 73.42  ? 121 ASN A OD1 1 
ATOM   746 N ND2 . ASN A 1 124 ? 10.860  -3.963  0.400   1.00 66.48  ? 121 ASN A ND2 1 
ATOM   747 N N   . THR A 1 125 ? 8.645   -4.343  -4.606  1.00 72.65  ? 122 THR A N   1 
ATOM   748 C CA  . THR A 1 125 ? 8.626   -4.853  -5.972  1.00 77.21  ? 122 THR A CA  1 
ATOM   749 C C   . THR A 1 125 ? 8.187   -3.794  -6.986  1.00 69.41  ? 122 THR A C   1 
ATOM   750 O O   . THR A 1 125 ? 8.750   -3.696  -8.076  1.00 76.48  ? 122 THR A O   1 
ATOM   751 C CB  . THR A 1 125 ? 7.684   -6.069  -6.094  1.00 75.40  ? 122 THR A CB  1 
ATOM   752 O OG1 . THR A 1 125 ? 8.195   -7.154  -5.307  1.00 71.20  ? 122 THR A OG1 1 
ATOM   753 C CG2 . THR A 1 125 ? 7.567   -6.508  -7.549  1.00 80.93  ? 122 THR A CG2 1 
ATOM   754 N N   . TYR A 1 126 ? 7.174   -3.013  -6.631  1.00 63.37  ? 123 TYR A N   1 
ATOM   755 C CA  . TYR A 1 126 ? 6.633   -2.010  -7.552  1.00 65.56  ? 123 TYR A CA  1 
ATOM   756 C C   . TYR A 1 126 ? 7.314   -0.632  -7.452  1.00 68.28  ? 123 TYR A C   1 
ATOM   757 O O   . TYR A 1 126 ? 7.235   0.169   -8.378  1.00 81.80  ? 123 TYR A O   1 
ATOM   758 C CB  . TYR A 1 126 ? 5.087   -1.952  -7.455  1.00 63.02  ? 123 TYR A CB  1 
ATOM   759 C CG  . TYR A 1 126 ? 4.468   -3.179  -8.090  1.00 58.68  ? 123 TYR A CG  1 
ATOM   760 C CD1 . TYR A 1 126 ? 4.153   -3.199  -9.441  1.00 70.45  ? 123 TYR A CD1 1 
ATOM   761 C CD2 . TYR A 1 126 ? 4.277   -4.341  -7.355  1.00 55.77  ? 123 TYR A CD2 1 
ATOM   762 C CE1 . TYR A 1 126 ? 3.629   -4.330  -10.034 1.00 72.18  ? 123 TYR A CE1 1 
ATOM   763 C CE2 . TYR A 1 126 ? 3.765   -5.475  -7.939  1.00 59.31  ? 123 TYR A CE2 1 
ATOM   764 C CZ  . TYR A 1 126 ? 3.442   -5.469  -9.277  1.00 65.81  ? 123 TYR A CZ  1 
ATOM   765 O OH  . TYR A 1 126 ? 2.927   -6.609  -9.858  1.00 70.43  ? 123 TYR A OH  1 
ATOM   766 N N   . HIS A 1 127 ? 8.020   -0.390  -6.347  1.00 85.17  ? 124 HIS A N   1 
ATOM   767 C CA  . HIS A 1 127 ? 8.790   0.839   -6.142  1.00 100.13 ? 124 HIS A CA  1 
ATOM   768 C C   . HIS A 1 127 ? 10.181  0.746   -6.783  1.00 114.56 ? 124 HIS A C   1 
ATOM   769 O O   . HIS A 1 127 ? 10.857  1.758   -7.016  1.00 116.43 ? 124 HIS A O   1 
ATOM   770 C CB  . HIS A 1 127 ? 8.917   1.139   -4.645  1.00 107.24 ? 124 HIS A CB  1 
ATOM   771 C CG  . HIS A 1 127 ? 9.991   2.128   -4.316  1.00 127.39 ? 124 HIS A CG  1 
ATOM   772 N ND1 . HIS A 1 127 ? 9.788   3.487   -4.357  1.00 140.04 ? 124 HIS A ND1 1 
ATOM   773 C CD2 . HIS A 1 127 ? 11.285  1.947   -3.958  1.00 136.40 ? 124 HIS A CD2 1 
ATOM   774 C CE1 . HIS A 1 127 ? 10.911  4.108   -4.034  1.00 147.53 ? 124 HIS A CE1 1 
ATOM   775 N NE2 . HIS A 1 127 ? 11.833  3.196   -3.788  1.00 145.36 ? 124 HIS A NE2 1 
ATOM   776 N N   . LYS A 1 128 ? 10.609  -0.479  -7.068  1.00 118.36 ? 125 LYS A N   1 
ATOM   777 C CA  . LYS A 1 128 ? 11.858  -0.688  -7.784  1.00 122.58 ? 125 LYS A CA  1 
ATOM   778 C C   . LYS A 1 128 ? 11.701  -0.295  -9.247  1.00 125.73 ? 125 LYS A C   1 
ATOM   779 O O   . LYS A 1 128 ? 12.521  0.438   -9.797  1.00 134.93 ? 125 LYS A O   1 
ATOM   780 C CB  . LYS A 1 128 ? 12.299  -2.153  -7.698  1.00 121.21 ? 125 LYS A CB  1 
ATOM   781 C CG  . LYS A 1 128 ? 13.172  -2.491  -6.499  1.00 120.24 ? 125 LYS A CG  1 
ATOM   782 C CD  . LYS A 1 128 ? 13.664  -3.932  -6.564  1.00 117.63 ? 125 LYS A CD  1 
ATOM   783 C CE  . LYS A 1 128 ? 12.503  -4.899  -6.741  1.00 111.72 ? 125 LYS A CE  1 
ATOM   784 N NZ  . LYS A 1 128 ? 12.903  -6.313  -6.524  1.00 111.71 ? 125 LYS A NZ  1 
ATOM   785 N N   . LYS A 1 129 ? 10.630  -0.784  -9.863  1.00 114.41 ? 126 LYS A N   1 
ATOM   786 C CA  . LYS A 1 129 ? 10.494  -0.760  -11.315 1.00 117.77 ? 126 LYS A CA  1 
ATOM   787 C C   . LYS A 1 129 ? 9.761   0.465   -11.874 1.00 125.37 ? 126 LYS A C   1 
ATOM   788 O O   . LYS A 1 129 ? 9.273   0.437   -13.005 1.00 125.50 ? 126 LYS A O   1 
ATOM   789 C CB  . LYS A 1 129 ? 9.787   -2.036  -11.776 1.00 107.07 ? 126 LYS A CB  1 
ATOM   790 C CG  . LYS A 1 129 ? 8.641   -2.435  -10.870 1.00 101.16 ? 126 LYS A CG  1 
ATOM   791 C CD  . LYS A 1 129 ? 7.525   -3.128  -11.626 1.00 97.02  ? 126 LYS A CD  1 
ATOM   792 C CE  . LYS A 1 129 ? 7.732   -4.623  -11.708 1.00 93.81  ? 126 LYS A CE  1 
ATOM   793 N NZ  . LYS A 1 129 ? 6.519   -5.293  -12.247 1.00 87.12  ? 126 LYS A NZ  1 
ATOM   794 N N   . TYR A 1 130 ? 9.690   1.540   -11.092 1.00 128.53 ? 127 TYR A N   1 
ATOM   795 C CA  . TYR A 1 130 ? 8.955   2.731   -11.518 1.00 125.05 ? 127 TYR A CA  1 
ATOM   796 C C   . TYR A 1 130 ? 9.794   4.003   -11.417 1.00 118.92 ? 127 TYR A C   1 
ATOM   797 O O   . TYR A 1 130 ? 9.283   5.072   -11.080 1.00 113.10 ? 127 TYR A O   1 
ATOM   798 C CB  . TYR A 1 130 ? 7.644   2.868   -10.733 1.00 125.10 ? 127 TYR A CB  1 
ATOM   799 C CG  . TYR A 1 130 ? 7.764   3.505   -9.357  1.00 136.77 ? 127 TYR A CG  1 
ATOM   800 C CD1 . TYR A 1 130 ? 6.628   3.889   -8.657  1.00 140.45 ? 127 TYR A CD1 1 
ATOM   801 C CD2 . TYR A 1 130 ? 9.002   3.725   -8.758  1.00 147.39 ? 127 TYR A CD2 1 
ATOM   802 C CE1 . TYR A 1 130 ? 6.714   4.474   -7.403  1.00 145.11 ? 127 TYR A CE1 1 
ATOM   803 C CE2 . TYR A 1 130 ? 9.099   4.316   -7.504  1.00 152.36 ? 127 TYR A CE2 1 
ATOM   804 C CZ  . TYR A 1 130 ? 7.949   4.685   -6.831  1.00 151.11 ? 127 TYR A CZ  1 
ATOM   805 O OH  . TYR A 1 130 ? 8.029   5.265   -5.582  1.00 152.58 ? 127 TYR A OH  1 
HETATM 806 C C1  . PEG B 2 .   ? -6.044  -13.118 17.646  1.00 60.31  ? 201 PEG A C1  1 
HETATM 807 O O1  . PEG B 2 .   ? -5.848  -13.763 16.414  1.00 55.80  ? 201 PEG A O1  1 
HETATM 808 C C2  . PEG B 2 .   ? -4.689  -12.703 18.240  1.00 70.70  ? 201 PEG A C2  1 
HETATM 809 O O2  . PEG B 2 .   ? -4.831  -11.452 18.879  1.00 73.35  ? 201 PEG A O2  1 
HETATM 810 C C3  . PEG B 2 .   ? -4.010  -11.116 19.972  1.00 67.59  ? 201 PEG A C3  1 
HETATM 811 C C4  . PEG B 2 .   ? -4.101  -9.600  20.219  1.00 63.70  ? 201 PEG A C4  1 
HETATM 812 O O4  . PEG B 2 .   ? -2.798  -9.078  20.259  1.00 75.74  ? 201 PEG A O4  1 
HETATM 813 S S   . SO4 C 3 .   ? -12.851 2.019   -3.547  1.00 106.77 ? 202 SO4 A S   1 
HETATM 814 O O1  . SO4 C 3 .   ? -11.821 1.011   -3.314  1.00 111.64 ? 202 SO4 A O1  1 
HETATM 815 O O2  . SO4 C 3 .   ? -14.097 1.355   -3.923  1.00 110.19 ? 202 SO4 A O2  1 
HETATM 816 O O3  . SO4 C 3 .   ? -13.075 2.806   -2.333  1.00 99.61  ? 202 SO4 A O3  1 
HETATM 817 O O4  . SO4 C 3 .   ? -12.407 2.894   -4.630  1.00 110.02 ? 202 SO4 A O4  1 
HETATM 818 S S   . SO4 D 3 .   ? -5.561  0.746   -17.100 1.00 150.02 ? 203 SO4 A S   1 
HETATM 819 O O1  . SO4 D 3 .   ? -6.996  0.830   -16.843 1.00 149.94 ? 203 SO4 A O1  1 
HETATM 820 O O2  . SO4 D 3 .   ? -5.194  1.691   -18.154 1.00 151.68 ? 203 SO4 A O2  1 
HETATM 821 O O3  . SO4 D 3 .   ? -4.835  1.071   -15.875 1.00 146.27 ? 203 SO4 A O3  1 
HETATM 822 O O4  . SO4 D 3 .   ? -5.217  -0.608  -17.524 1.00 150.51 ? 203 SO4 A O4  1 
HETATM 823 S S   . SO4 E 3 .   ? -1.909  -7.647  16.869  1.00 141.94 ? 204 SO4 A S   1 
HETATM 824 O O1  . SO4 E 3 .   ? -3.115  -7.168  16.200  1.00 138.22 ? 204 SO4 A O1  1 
HETATM 825 O O2  . SO4 E 3 .   ? -1.560  -8.974  16.367  1.00 145.31 ? 204 SO4 A O2  1 
HETATM 826 O O3  . SO4 E 3 .   ? -0.804  -6.732  16.594  1.00 141.49 ? 204 SO4 A O3  1 
HETATM 827 O O4  . SO4 E 3 .   ? -2.157  -7.720  18.307  1.00 139.28 ? 204 SO4 A O4  1 
HETATM 828 C C1  . GOL F 4 .   ? 4.678   1.367   -4.851  1.00 76.11  ? 205 GOL A C1  1 
HETATM 829 O O1  . GOL F 4 .   ? 5.656   2.238   -5.381  1.00 80.98  ? 205 GOL A O1  1 
HETATM 830 C C2  . GOL F 4 .   ? 4.045   0.544   -5.969  1.00 73.63  ? 205 GOL A C2  1 
HETATM 831 O O2  . GOL F 4 .   ? 2.697   0.230   -5.708  1.00 64.85  ? 205 GOL A O2  1 
HETATM 832 C C3  . GOL F 4 .   ? 4.141   1.243   -7.319  1.00 73.80  ? 205 GOL A C3  1 
HETATM 833 O O3  . GOL F 4 .   ? 3.123   0.741   -8.168  1.00 72.84  ? 205 GOL A O3  1 
HETATM 834 O O   . HOH G 5 .   ? -3.691  -9.674  2.834   1.00 36.63  ? 301 HOH A O   1 
HETATM 835 O O   . HOH G 5 .   ? -9.887  3.728   1.006   1.00 42.97  ? 302 HOH A O   1 
HETATM 836 O O   . HOH G 5 .   ? -1.702  6.164   -12.671 1.00 47.34  ? 303 HOH A O   1 
HETATM 837 O O   . HOH G 5 .   ? -7.164  4.999   -7.418  1.00 49.19  ? 304 HOH A O   1 
HETATM 838 O O   . HOH G 5 .   ? 0.881   -12.234 13.582  1.00 50.80  ? 305 HOH A O   1 
HETATM 839 O O   . HOH G 5 .   ? -11.600 -1.653  3.175   1.00 50.72  ? 306 HOH A O   1 
HETATM 840 O O   . HOH G 5 .   ? -0.815  -9.438  2.358   1.00 39.25  ? 307 HOH A O   1 
HETATM 841 O O   . HOH G 5 .   ? -7.842  7.921   -1.068  1.00 54.25  ? 308 HOH A O   1 
HETATM 842 O O   . HOH G 5 .   ? -3.281  -1.272  -14.454 1.00 49.26  ? 309 HOH A O   1 
HETATM 843 O O   . HOH G 5 .   ? -5.728  -14.545 14.147  1.00 46.66  ? 310 HOH A O   1 
HETATM 844 O O   . HOH G 5 .   ? -11.540 -1.704  11.364  1.00 45.46  ? 311 HOH A O   1 
HETATM 845 O O   . HOH G 5 .   ? -9.502  7.496   -4.172  1.00 53.63  ? 312 HOH A O   1 
HETATM 846 O O   . HOH G 5 .   ? -10.131 6.082   -0.344  1.00 48.02  ? 313 HOH A O   1 
HETATM 847 O O   . HOH G 5 .   ? 11.905  4.045   -8.112  1.00 74.00  ? 314 HOH A O   1 
HETATM 848 O O   . HOH G 5 .   ? 8.436   -10.055 7.769   1.00 65.55  ? 315 HOH A O   1 
HETATM 849 O O   . HOH G 5 .   ? 3.233   8.536   -18.344 1.00 62.93  ? 316 HOH A O   1 
HETATM 850 O O   . HOH G 5 .   ? -1.223  9.160   8.512   1.00 73.65  ? 317 HOH A O   1 
HETATM 851 O O   . HOH G 5 .   ? 8.335   15.834  -12.529 1.00 66.65  ? 318 HOH A O   1 
HETATM 852 O O   . HOH G 5 .   ? -7.842  -4.043  -5.748  1.00 46.70  ? 319 HOH A O   1 
HETATM 853 O O   . HOH G 5 .   ? -9.143  3.634   3.825   1.00 48.50  ? 320 HOH A O   1 
HETATM 854 O O   . HOH G 5 .   ? 4.179   -8.869  -3.691  1.00 58.72  ? 321 HOH A O   1 
HETATM 855 O O   . HOH G 5 .   ? 2.952   -9.427  -6.531  1.00 55.77  ? 322 HOH A O   1 
HETATM 856 O O   . HOH G 5 .   ? -8.302  10.184  -0.097  1.00 73.24  ? 323 HOH A O   1 
HETATM 857 O O   . HOH G 5 .   ? 6.510   14.273  -21.114 1.00 69.88  ? 324 HOH A O   1 
HETATM 858 O O   . HOH G 5 .   ? 1.129   9.398   -17.125 1.00 52.65  ? 325 HOH A O   1 
HETATM 859 O O   . HOH G 5 .   ? 8.144   3.724   -1.554  1.00 73.48  ? 326 HOH A O   1 
HETATM 860 O O   . HOH G 5 .   ? 6.214   0.611   -13.198 1.00 60.38  ? 327 HOH A O   1 
HETATM 861 O O   . HOH G 5 .   ? -7.658  5.369   10.353  1.00 56.17  ? 328 HOH A O   1 
HETATM 862 O O   . HOH G 5 .   ? 2.555   3.040   16.520  1.00 78.64  ? 329 HOH A O   1 
# 
loop_
_atom_site_anisotrop.id 
_atom_site_anisotrop.type_symbol 
_atom_site_anisotrop.pdbx_label_atom_id 
_atom_site_anisotrop.pdbx_label_alt_id 
_atom_site_anisotrop.pdbx_label_comp_id 
_atom_site_anisotrop.pdbx_label_asym_id 
_atom_site_anisotrop.pdbx_label_seq_id 
_atom_site_anisotrop.pdbx_PDB_ins_code 
_atom_site_anisotrop.U[1][1] 
_atom_site_anisotrop.U[2][2] 
_atom_site_anisotrop.U[3][3] 
_atom_site_anisotrop.U[1][2] 
_atom_site_anisotrop.U[1][3] 
_atom_site_anisotrop.U[2][3] 
_atom_site_anisotrop.pdbx_auth_seq_id 
_atom_site_anisotrop.pdbx_auth_comp_id 
_atom_site_anisotrop.pdbx_auth_asym_id 
_atom_site_anisotrop.pdbx_auth_atom_id 
1   N N   . ALA A 26  ? 1.6495 1.1393 1.5711 -0.3225 0.1202  0.1879  23  ALA A N   
2   C CA  . ALA A 26  ? 1.4938 0.9917 1.4488 -0.3426 0.0824  0.1509  23  ALA A CA  
3   C C   . ALA A 26  ? 1.4320 0.9321 1.3313 -0.3200 0.0636  0.1183  23  ALA A C   
4   O O   . ALA A 26  ? 1.3840 0.9088 1.3030 -0.3319 0.0355  0.0917  23  ALA A O   
5   C CB  . ALA A 26  ? 1.5375 0.9657 1.5020 -0.3582 0.0613  0.1384  23  ALA A CB  
6   N N   . ASP A 27  ? 1.3961 0.8886 1.2358 -0.2793 0.0764  0.1213  24  ASP A N   
7   C CA  . ASP A 27  ? 1.2400 0.7555 1.0422 -0.2521 0.0594  0.0929  24  ASP A CA  
8   C C   . ASP A 27  ? 1.0182 0.6116 0.8442 -0.2511 0.0588  0.0858  24  ASP A C   
9   O O   . ASP A 27  ? 0.9830 0.5954 0.7986 -0.2452 0.0390  0.0615  24  ASP A O   
10  C CB  . ASP A 27  ? 1.3545 0.8547 1.0988 -0.2116 0.0701  0.1011  24  ASP A CB  
11  C CG  . ASP A 27  ? 1.4511 0.8937 1.1574 -0.1942 0.0556  0.0811  24  ASP A CG  
12  O OD1 . ASP A 27  ? 1.5900 0.9802 1.2648 -0.1706 0.0673  0.0969  24  ASP A OD1 
13  O OD2 . ASP A 27  ? 1.4114 0.8589 1.1152 -0.2003 0.0347  0.0511  24  ASP A OD2 
14  N N   . LEU A 28  ? 0.9411 0.5743 0.7945 -0.2547 0.0833  0.1080  25  LEU A N   
15  C CA  . LEU A 28  ? 0.9180 0.6121 0.7905 -0.2493 0.0860  0.0995  25  LEU A CA  
16  C C   . LEU A 28  ? 0.8543 0.5716 0.7849 -0.2726 0.0636  0.0864  25  LEU A C   
17  O O   . LEU A 28  ? 0.8482 0.5856 0.7730 -0.2646 0.0455  0.0665  25  LEU A O   
18  C CB  . LEU A 28  ? 0.9434 0.6711 0.8234 -0.2414 0.1224  0.1246  25  LEU A CB  
19  C CG  . LEU A 28  ? 0.8956 0.6742 0.7942 -0.2315 0.1285  0.1133  25  LEU A CG  
20  C CD1 . LEU A 28  ? 0.8061 0.5820 0.6579 -0.2148 0.1071  0.0846  25  LEU A CD1 
21  C CD2 . LEU A 28  ? 0.9030 0.7087 0.7940 -0.2170 0.1699  0.1347  25  LEU A CD2 
22  N N   . GLU A 29  ? 0.8776 0.5935 0.8654 -0.3033 0.0628  0.1008  26  GLU A N   
23  C CA  . GLU A 29  ? 0.9220 0.6639 0.9671 -0.3289 0.0328  0.0897  26  GLU A CA  
24  C C   . GLU A 29  ? 1.0186 0.7227 1.0182 -0.3270 -0.0052 0.0573  26  GLU A C   
25  O O   . GLU A 29  ? 0.9563 0.6920 0.9697 -0.3266 -0.0290 0.0434  26  GLU A O   
26  C CB  . GLU A 29  ? 1.0267 0.7645 1.1371 -0.3713 0.0303  0.1088  26  GLU A CB  
27  C CG  . GLU A 29  ? 1.1917 0.9079 1.3169 -0.3924 -0.0145 0.0822  26  GLU A CG  
28  C CD  . GLU A 29  ? 1.3780 1.1162 1.5825 -0.4264 -0.0174 0.0938  26  GLU A CD  
29  O OE1 . GLU A 29  ? 1.3759 1.1815 1.6508 -0.4379 0.0073  0.1233  26  GLU A OE1 
30  O OE2 . GLU A 29  ? 1.4773 1.1665 1.6710 -0.4421 -0.0420 0.0729  26  GLU A OE2 
31  N N   . ASP A 30  ? 1.0278 0.6641 0.9699 -0.3215 -0.0078 0.0480  27  ASP A N   
32  C CA  . ASP A 30  ? 1.0484 0.6444 0.9381 -0.3146 -0.0358 0.0181  27  ASP A CA  
33  C C   . ASP A 30  ? 0.9373 0.5699 0.7967 -0.2874 -0.0382 0.0068  27  ASP A C   
34  O O   . ASP A 30  ? 0.9554 0.5927 0.8027 -0.2898 -0.0641 -0.0114 27  ASP A O   
35  C CB  . ASP A 30  ? 1.1862 0.7058 1.0186 -0.3009 -0.0275 0.0141  27  ASP A CB  
36  C CG  . ASP A 30  ? 1.3008 0.7687 1.1552 -0.3248 -0.0344 0.0156  27  ASP A CG  
37  O OD1 . ASP A 30  ? 1.3106 0.8094 1.2208 -0.3496 -0.0554 0.0091  27  ASP A OD1 
38  O OD2 . ASP A 30  ? 1.4069 0.8085 1.2266 -0.3142 -0.0187 0.0240  27  ASP A OD2 
39  N N   . ASN A 31  ? 0.8420 0.4980 0.6855 -0.2639 -0.0128 0.0184  28  ASN A N   
40  C CA  . ASN A 31  ? 0.7990 0.4852 0.6173 -0.2454 -0.0153 0.0093  28  ASN A CA  
41  C C   . ASN A 31  ? 0.8689 0.5962 0.7267 -0.2521 -0.0239 0.0093  28  ASN A C   
42  O O   . ASN A 31  ? 0.8999 0.6342 0.7430 -0.2485 -0.0415 -0.0019 28  ASN A O   
43  C CB  . ASN A 31  ? 0.8716 0.5705 0.6615 -0.2246 0.0076  0.0195  28  ASN A CB  
44  C CG  . ASN A 31  ? 1.0153 0.6846 0.7641 -0.2083 0.0117  0.0208  28  ASN A CG  
45  O OD1 . ASN A 31  ? 1.0407 0.7000 0.7799 -0.1986 0.0290  0.0381  28  ASN A OD1 
46  N ND2 . ASN A 31  ? 0.9657 0.6214 0.6882 -0.2010 -0.0022 0.0051  28  ASN A ND2 
47  N N   . MET A 32  ? 0.8590 0.6144 0.7675 -0.2585 -0.0086 0.0252  29  MET A N   
48  C CA  . MET A 32  ? 0.8246 0.6227 0.7823 -0.2595 -0.0154 0.0286  29  MET A CA  
49  C C   . MET A 32  ? 0.7294 0.5288 0.7072 -0.2778 -0.0536 0.0195  29  MET A C   
50  O O   . MET A 32  ? 0.8416 0.6635 0.8287 -0.2706 -0.0706 0.0169  29  MET A O   
51  C CB  . MET A 32  ? 0.8785 0.7149 0.8966 -0.2623 0.0113  0.0506  29  MET A CB  
52  C CG  . MET A 32  ? 0.9132 0.7498 0.8997 -0.2404 0.0491  0.0583  29  MET A CG  
53  S SD  . MET A 32  ? 0.9534 0.7821 0.8863 -0.2137 0.0492  0.0398  29  MET A SD  
54  C CE  . MET A 32  ? 0.7724 0.6415 0.7707 -0.2047 0.0436  0.0446  29  MET A CE  
55  N N   . ASP A 33  ? 0.7976 0.5666 0.7760 -0.3010 -0.0687 0.0146  30  ASP A N   
56  C CA  . ASP A 33  ? 0.8765 0.6368 0.8565 -0.3211 -0.1102 0.0000  30  ASP A CA  
57  C C   . ASP A 33  ? 0.9260 0.6654 0.8374 -0.3027 -0.1255 -0.0180 30  ASP A C   
58  O O   . ASP A 33  ? 0.8986 0.6578 0.8123 -0.3042 -0.1537 -0.0216 30  ASP A O   
59  C CB  . ASP A 33  ? 0.9865 0.6971 0.9583 -0.3438 -0.1202 -0.0092 30  ASP A CB  
60  C CG  . ASP A 33  ? 1.0537 0.7991 1.1100 -0.3718 -0.1216 0.0073  30  ASP A CG  
61  O OD1 . ASP A 33  ? 0.9940 0.8048 1.1184 -0.3797 -0.1163 0.0295  30  ASP A OD1 
62  O OD2 . ASP A 33  ? 1.1368 0.8446 1.1941 -0.3865 -0.1265 -0.0002 30  ASP A OD2 
63  N N   . ILE A 34  ? 0.9030 0.6080 0.7556 -0.2846 -0.1060 -0.0250 31  ILE A N   
64  C CA  . ILE A 34  ? 0.8458 0.5383 0.6375 -0.2679 -0.1128 -0.0372 31  ILE A CA  
65  C C   . ILE A 34  ? 0.9204 0.6508 0.7230 -0.2563 -0.1106 -0.0269 31  ILE A C   
66  O O   . ILE A 34  ? 0.9456 0.6785 0.7243 -0.2535 -0.1299 -0.0298 31  ILE A O   
67  C CB  . ILE A 34  ? 0.8642 0.5298 0.6076 -0.2493 -0.0892 -0.0408 31  ILE A CB  
68  C CG1 . ILE A 34  ? 1.0156 0.6238 0.7281 -0.2532 -0.0949 -0.0553 31  ILE A CG1 
69  C CG2 . ILE A 34  ? 0.8576 0.5343 0.5567 -0.2327 -0.0874 -0.0441 31  ILE A CG2 
70  C CD1 . ILE A 34  ? 1.0545 0.6392 0.7313 -0.2281 -0.0691 -0.0532 31  ILE A CD1 
71  N N   . LEU A 35  ? 0.8218 0.5736 0.6533 -0.2486 -0.0864 -0.0145 32  LEU A N   
72  C CA  . LEU A 35  ? 0.7835 0.5550 0.6229 -0.2368 -0.0818 -0.0071 32  LEU A CA  
73  C C   . LEU A 35  ? 0.8288 0.6230 0.7046 -0.2382 -0.1062 -0.0003 32  LEU A C   
74  O O   . LEU A 35  ? 0.9530 0.7449 0.8103 -0.2288 -0.1162 0.0036  32  LEU A O   
75  C CB  . LEU A 35  ? 0.8141 0.5976 0.6754 -0.2278 -0.0524 0.0007  32  LEU A CB  
76  C CG  . LEU A 35  ? 0.8645 0.6343 0.6811 -0.2195 -0.0342 -0.0035 32  LEU A CG  
77  C CD1 . LEU A 35  ? 0.7169 0.4940 0.5443 -0.2107 -0.0073 0.0014  32  LEU A CD1 
78  C CD2 . LEU A 35  ? 0.8518 0.6115 0.6418 -0.2164 -0.0431 -0.0062 32  LEU A CD2 
79  N N   . ASN A 36  ? 0.8546 0.6736 0.7858 -0.2509 -0.1167 0.0049  33  ASN A N   
80  C CA  . ASN A 36  ? 0.9187 0.7779 0.9017 -0.2499 -0.1407 0.0166  33  ASN A CA  
81  C C   . ASN A 36  ? 0.9555 0.8067 0.9081 -0.2611 -0.1835 0.0088  33  ASN A C   
82  O O   . ASN A 36  ? 0.9725 0.8486 0.9394 -0.2514 -0.2067 0.0201  33  ASN A O   
83  C CB  . ASN A 36  ? 0.9581 0.8635 1.0252 -0.2627 -0.1358 0.0297  33  ASN A CB  
84  C CG  . ASN A 36  ? 1.1034 1.0691 1.2401 -0.2580 -0.1603 0.0467  33  ASN A CG  
85  O OD1 . ASN A 36  ? 1.1307 1.1196 1.2919 -0.2281 -0.1448 0.0605  33  ASN A OD1 
86  N ND2 . ASN A 36  ? 1.1538 1.1435 1.3219 -0.2865 -0.2008 0.0456  33  ASN A ND2 
87  N N   . ASP A 37  ? 0.9327 0.7454 0.8373 -0.2775 -0.1933 -0.0103 34  ASP A N   
88  C CA  . ASP A 37  ? 1.0011 0.7941 0.8540 -0.2859 -0.2310 -0.0238 34  ASP A CA  
89  C C   . ASP A 37  ? 1.0252 0.8056 0.8173 -0.2639 -0.2270 -0.0193 34  ASP A C   
90  O O   . ASP A 37  ? 1.1190 0.9060 0.8857 -0.2609 -0.2570 -0.0149 34  ASP A O   
91  C CB  . ASP A 37  ? 1.0621 0.8009 0.8635 -0.3006 -0.2326 -0.0487 34  ASP A CB  
92  C CG  . ASP A 37  ? 1.1247 0.8702 0.9818 -0.3231 -0.2418 -0.0521 34  ASP A CG  
93  O OD1 . ASP A 37  ? 1.1780 0.8771 1.0005 -0.3242 -0.2357 -0.0703 34  ASP A OD1 
94  O OD2 . ASP A 37  ? 1.1085 0.9061 1.0467 -0.3395 -0.2542 -0.0349 34  ASP A OD2 
95  N N   . ASN A 38  ? 0.9627 0.7267 0.7319 -0.2507 -0.1909 -0.0176 35  ASN A N   
96  C CA  . ASN A 38  ? 0.9218 0.6732 0.6383 -0.2369 -0.1819 -0.0108 35  ASN A CA  
97  C C   . ASN A 38  ? 0.9336 0.6996 0.6771 -0.2244 -0.1803 0.0109  35  ASN A C   
98  O O   . ASN A 38  ? 0.9538 0.7085 0.6584 -0.2172 -0.1861 0.0228  35  ASN A O   
99  C CB  . ASN A 38  ? 0.8682 0.6032 0.5549 -0.2329 -0.1489 -0.0173 35  ASN A CB  
100 C CG  . ASN A 38  ? 1.0342 0.7443 0.6714 -0.2334 -0.1492 -0.0360 35  ASN A CG  
101 O OD1 . ASN A 38  ? 1.0327 0.7319 0.6119 -0.2262 -0.1516 -0.0389 35  ASN A OD1 
102 N ND2 . ASN A 38  ? 1.1110 0.8072 0.7673 -0.2391 -0.1433 -0.0472 35  ASN A ND2 
103 N N   . LEU A 39  ? 0.9051 0.6914 0.7116 -0.2195 -0.1694 0.0177  36  LEU A N   
104 C CA  . LEU A 39  ? 0.8850 0.6796 0.7211 -0.2008 -0.1692 0.0368  36  LEU A CA  
105 C C   . LEU A 39  ? 0.9523 0.7671 0.7935 -0.1957 -0.2080 0.0508  36  LEU A C   
106 O O   . LEU A 39  ? 0.9900 0.7933 0.8186 -0.1782 -0.2139 0.0699  36  LEU A O   
107 C CB  . LEU A 39  ? 0.9146 0.7359 0.8197 -0.1915 -0.1499 0.0404  36  LEU A CB  
108 C CG  . LEU A 39  ? 0.8677 0.6643 0.7626 -0.1831 -0.1114 0.0343  36  LEU A CG  
109 C CD1 . LEU A 39  ? 0.8287 0.6584 0.7856 -0.1731 -0.0902 0.0378  36  LEU A CD1 
110 C CD2 . LEU A 39  ? 0.9237 0.6806 0.7877 -0.1673 -0.1047 0.0417  36  LEU A CD2 
111 N N   . LYS A 40  ? 0.9443 0.7851 0.8015 -0.2123 -0.2370 0.0422  37  LYS A N   
112 C CA  . LYS A 40  ? 1.0672 0.9343 0.9263 -0.2112 -0.2823 0.0535  37  LYS A CA  
113 C C   . LYS A 40  ? 1.1008 0.9305 0.8665 -0.2075 -0.2940 0.0548  37  LYS A C   
114 O O   . LYS A 40  ? 1.1655 1.0027 0.9159 -0.1927 -0.3180 0.0766  37  LYS A O   
115 C CB  . LYS A 40  ? 1.1849 1.0820 1.0764 -0.2388 -0.3151 0.0389  37  LYS A CB  
116 C CG  . LYS A 40  ? 1.2173 1.1754 1.2190 -0.2430 -0.3133 0.0509  37  LYS A CG  
117 C CD  . LYS A 40  ? 1.3155 1.2928 1.3482 -0.2820 -0.3427 0.0354  37  LYS A CD  
118 C CE  . LYS A 40  ? 1.3299 1.3935 1.4830 -0.2895 -0.3575 0.0574  37  LYS A CE  
119 N NZ  . LYS A 40  ? 1.2850 1.3756 1.5040 -0.2661 -0.3053 0.0750  37  LYS A NZ  
120 N N   . VAL A 41  ? 1.1145 0.9073 0.8183 -0.2177 -0.2741 0.0350  38  VAL A N   
121 C CA  . VAL A 41  ? 1.1559 0.9194 0.7701 -0.2136 -0.2754 0.0371  38  VAL A CA  
122 C C   . VAL A 41  ? 1.1354 0.8833 0.7357 -0.1984 -0.2553 0.0653  38  VAL A C   
123 O O   . VAL A 41  ? 1.1125 0.8507 0.6619 -0.1900 -0.2696 0.0849  38  VAL A O   
124 C CB  . VAL A 41  ? 1.0975 0.8334 0.6599 -0.2214 -0.2501 0.0125  38  VAL A CB  
125 C CG1 . VAL A 41  ? 1.1777 0.8938 0.6525 -0.2129 -0.2423 0.0200  38  VAL A CG1 
126 C CG2 . VAL A 41  ? 1.0289 0.7577 0.5888 -0.2366 -0.2711 -0.0167 38  VAL A CG2 
127 N N   . VAL A 42  ? 1.0519 0.7918 0.6916 -0.1964 -0.2232 0.0679  39  VAL A N   
128 C CA  . VAL A 42  ? 1.0854 0.7959 0.7094 -0.1885 -0.2045 0.0909  39  VAL A CA  
129 C C   . VAL A 42  ? 1.1637 0.8730 0.8153 -0.1667 -0.2242 0.1180  39  VAL A C   
130 O O   . VAL A 42  ? 1.1199 0.7932 0.7445 -0.1580 -0.2179 0.1432  39  VAL A O   
131 C CB  . VAL A 42  ? 1.0528 0.7472 0.7005 -0.1956 -0.1692 0.0810  39  VAL A CB  
132 C CG1 . VAL A 42  ? 1.1171 0.7700 0.7432 -0.1954 -0.1548 0.1019  39  VAL A CG1 
133 C CG2 . VAL A 42  ? 0.9231 0.6266 0.5478 -0.2113 -0.1516 0.0601  39  VAL A CG2 
134 N N   . GLU A 43  ? 1.1953 0.9455 0.9044 -0.1577 -0.2477 0.1160  40  GLU A N   
135 C CA  . GLU A 43  ? 1.1943 0.9598 0.9406 -0.1305 -0.2695 0.1443  40  GLU A CA  
136 C C   . GLU A 43  ? 1.1400 0.9166 0.8376 -0.1268 -0.3108 0.1628  40  GLU A C   
137 O O   . GLU A 43  ? 1.1336 0.8982 0.8214 -0.1027 -0.3239 0.1960  40  GLU A O   
138 C CB  . GLU A 43  ? 1.2626 1.0871 1.1021 -0.1230 -0.2787 0.1393  40  GLU A CB  
139 C CG  . GLU A 43  ? 1.3536 1.1705 1.2399 -0.1180 -0.2367 0.1266  40  GLU A CG  
140 C CD  . GLU A 43  ? 1.4736 1.2478 1.3649 -0.0856 -0.2136 0.1445  40  GLU A CD  
141 O OE1 . GLU A 43  ? 1.4724 1.1828 1.3127 -0.0929 -0.1876 0.1375  40  GLU A OE1 
142 O OE2 . GLU A 43  ? 1.5526 1.3566 1.5006 -0.0528 -0.2221 0.1656  40  GLU A OE2 
143 N N   . LYS A 44  ? 1.1317 0.9245 0.7906 -0.1490 -0.3309 0.1406  41  LYS A N   
144 C CA  . LYS A 44  ? 1.2607 1.0745 0.8751 -0.1483 -0.3795 0.1491  41  LYS A CA  
145 C C   . LYS A 44  ? 1.3015 1.0740 0.8028 -0.1505 -0.3745 0.1550  41  LYS A C   
146 O O   . LYS A 44  ? 1.3717 1.1481 0.8191 -0.1399 -0.4081 0.1758  41  LYS A O   
147 C CB  . LYS A 44  ? 1.2167 1.0690 0.8569 -0.1728 -0.4107 0.1171  41  LYS A CB  
148 C CG  . LYS A 44  ? 1.3854 1.2531 0.9656 -0.1806 -0.4669 0.1137  41  LYS A CG  
149 C CD  . LYS A 44  ? 1.4192 1.3465 1.0553 -0.1641 -0.5160 0.1456  41  LYS A CD  
150 C CE  . LYS A 44  ? 1.4522 1.4059 1.0446 -0.1786 -0.5733 0.1319  41  LYS A CE  
151 N NZ  . LYS A 44  ? 1.4124 1.3862 1.0515 -0.2127 -0.5805 0.0896  41  LYS A NZ  
152 N N   . THR A 45  ? 1.2965 1.0361 0.7624 -0.1629 -0.3321 0.1396  42  THR A N   
153 C CA  . THR A 45  ? 1.4069 1.1207 0.7716 -0.1654 -0.3207 0.1432  42  THR A CA  
154 C C   . THR A 45  ? 1.3995 1.0846 0.7276 -0.1531 -0.3055 0.1880  42  THR A C   
155 O O   . THR A 45  ? 1.3742 1.0413 0.7532 -0.1470 -0.2891 0.2084  42  THR A O   
156 C CB  . THR A 45  ? 1.1421 0.8440 0.4889 -0.1801 -0.2800 0.1141  42  THR A CB  
157 O OG1 . THR A 45  ? 1.2772 0.9661 0.5249 -0.1776 -0.2717 0.1136  42  THR A OG1 
158 C CG2 . THR A 45  ? 1.0779 0.7663 0.4674 -0.1851 -0.2369 0.1262  42  THR A CG2 
159 N N   . ASP A 46  ? 1.5067 1.1808 0.7402 -0.1491 -0.3097 0.2037  43  ASP A N   
160 C CA  . ASP A 46  ? 1.6233 1.2655 0.8122 -0.1443 -0.2851 0.2486  43  ASP A CA  
161 C C   . ASP A 46  ? 1.6525 1.3023 0.7903 -0.1508 -0.2418 0.2365  43  ASP A C   
162 O O   . ASP A 46  ? 1.4233 1.0665 0.5222 -0.1444 -0.2172 0.2676  43  ASP A O   
163 C CB  . ASP A 46  ? 1.6906 1.3373 0.8512 -0.1189 -0.3158 0.2816  43  ASP A CB  
164 C CG  . ASP A 46  ? 1.8528 1.5329 0.9559 -0.1090 -0.3347 0.2583  43  ASP A CG  
165 O OD1 . ASP A 46  ? 2.0328 1.7106 1.0689 -0.0997 -0.3105 0.2724  43  ASP A OD1 
166 O OD2 . ASP A 46  ? 1.8244 1.5329 0.9509 -0.1119 -0.3722 0.2255  43  ASP A OD2 
167 N N   . SER A 47  ? 1.4735 1.1394 0.6165 -0.1600 -0.2313 0.1935  44  SER A N   
168 C CA  . SER A 47  ? 1.4945 1.1740 0.6013 -0.1593 -0.1881 0.1809  44  SER A CA  
169 C C   . SER A 47  ? 1.4767 1.1570 0.6308 -0.1805 -0.1517 0.1817  44  SER A C   
170 O O   . SER A 47  ? 1.3065 0.9878 0.5086 -0.1904 -0.1577 0.1550  44  SER A O   
171 C CB  . SER A 47  ? 1.5340 1.2250 0.6132 -0.1493 -0.1989 0.1331  44  SER A CB  
172 O OG  . SER A 47  ? 1.5284 1.2304 0.5977 -0.1474 -0.1559 0.1158  44  SER A OG  
173 N N   . ALA A 48  ? 1.1484 0.7055 0.4823 0.0351  0.0036  0.0132  45  ALA A N   
174 C CA  . ALA A 48  ? 1.0701 0.6512 0.4676 0.0480  0.0381  0.0285  45  ALA A CA  
175 C C   . ALA A 48  ? 1.0946 0.6408 0.4876 0.0467  0.0632  0.0165  45  ALA A C   
176 O O   . ALA A 48  ? 0.9713 0.5600 0.4422 0.0385  0.0597  0.0178  45  ALA A O   
177 C CB  . ALA A 48  ? 1.1840 0.7702 0.6019 0.0749  0.0769  0.0514  45  ALA A CB  
178 N N   . PRO A 49  ? 1.1446 0.6266 0.4792 0.0548  0.0874  0.0055  46  PRO A N   
179 C CA  . PRO A 49  ? 1.0841 0.5369 0.4268 0.0551  0.1138  -0.0022 46  PRO A CA  
180 C C   . PRO A 49  ? 1.2174 0.6739 0.5628 0.0260  0.0794  -0.0248 46  PRO A C   
181 O O   . PRO A 49  ? 1.0987 0.5766 0.5080 0.0248  0.0916  -0.0219 46  PRO A O   
182 C CB  . PRO A 49  ? 1.2715 0.6479 0.5465 0.0672  0.1426  -0.0085 46  PRO A CB  
183 C CG  . PRO A 49  ? 1.2895 0.6518 0.5071 0.0690  0.1236  -0.0097 46  PRO A CG  
184 C CD  . PRO A 49  ? 1.2353 0.6693 0.5060 0.0699  0.1030  0.0065  46  PRO A CD  
185 N N   . GLU A 50  ? 1.2109 0.6667 0.5262 0.0021  0.0326  -0.0414 47  GLU A N   
186 C CA  . GLU A 50  ? 1.2190 0.6892 0.5610 -0.0280 -0.0032 -0.0593 47  GLU A CA  
187 C C   . GLU A 50  ? 1.1178 0.6737 0.5734 -0.0300 -0.0125 -0.0416 47  GLU A C   
188 O O   . GLU A 50  ? 1.1103 0.6811 0.6175 -0.0397 -0.0104 -0.0450 47  GLU A O   
189 C CB  . GLU A 50  ? 1.3235 0.8002 0.6436 -0.0522 -0.0543 -0.0714 47  GLU A CB  
190 C CG  . GLU A 50  ? 1.4536 0.8643 0.7034 -0.0602 -0.0533 -0.0908 47  GLU A CG  
191 C CD  . GLU A 50  ? 1.5564 0.9831 0.8037 -0.0897 -0.1085 -0.1044 47  GLU A CD  
192 O OE1 . GLU A 50  ? 1.4956 0.9882 0.8034 -0.1010 -0.1442 -0.0947 47  GLU A OE1 
193 O OE2 . GLU A 50  ? 1.6978 1.0723 0.8868 -0.1010 -0.1152 -0.1232 47  GLU A OE2 
194 N N   . LEU A 51  ? 0.9822 0.5895 0.4725 -0.0200 -0.0204 -0.0222 48  LEU A N   
195 C CA  . LEU A 51  ? 0.8984 0.5780 0.4858 -0.0199 -0.0258 -0.0064 48  LEU A CA  
196 C C   . LEU A 51  ? 0.9212 0.6097 0.5554 -0.0062 0.0088  0.0026  48  LEU A C   
197 O O   . LEU A 51  ? 0.8364 0.5564 0.5267 -0.0139 0.0035  0.0037  48  LEU A O   
198 C CB  . LEU A 51  ? 0.9141 0.6320 0.5205 -0.0085 -0.0317 0.0125  48  LEU A CB  
199 C CG  . LEU A 51  ? 0.8541 0.6321 0.5474 -0.0031 -0.0268 0.0286  48  LEU A CG  
200 C CD1 . LEU A 51  ? 0.7617 0.5783 0.5072 -0.0213 -0.0532 0.0247  48  LEU A CD1 
201 C CD2 . LEU A 51  ? 0.8185 0.6171 0.5208 0.0106  -0.0228 0.0467  48  LEU A CD2 
202 N N   . LYS A 52  ? 0.8754 0.5368 0.4876 0.0153  0.0445  0.0121  49  LYS A N   
203 C CA  . LYS A 52  ? 0.8380 0.5112 0.4997 0.0295  0.0747  0.0253  49  LYS A CA  
204 C C   . LYS A 52  ? 0.8655 0.5105 0.5231 0.0228  0.0827  0.0143  49  LYS A C   
205 O O   . LYS A 52  ? 0.8540 0.5316 0.5690 0.0235  0.0843  0.0228  49  LYS A O   
206 C CB  . LYS A 52  ? 0.8951 0.5430 0.5400 0.0547  0.1147  0.0414  49  LYS A CB  
207 C CG  . LYS A 52  ? 0.7555 0.4377 0.4264 0.0637  0.1144  0.0588  49  LYS A CG  
208 C CD  . LYS A 52  ? 0.8179 0.4592 0.4531 0.0885  0.1575  0.0738  49  LYS A CD  
209 C CE  . LYS A 52  ? 0.7764 0.4541 0.4534 0.0976  0.1623  0.0946  49  LYS A CE  
210 N NZ  . LYS A 52  ? 0.8328 0.4794 0.4855 0.1199  0.1971  0.1005  49  LYS A NZ  
211 N N   . ALA A 53  ? 0.9272 0.5066 0.5125 0.0167  0.0882  -0.0047 50  ALA A N   
212 C CA  . ALA A 53  ? 0.9371 0.4803 0.5170 0.0097  0.0999  -0.0159 50  ALA A CA  
213 C C   . ALA A 53  ? 0.9723 0.5541 0.6012 -0.0134 0.0680  -0.0223 50  ALA A C   
214 O O   . ALA A 53  ? 0.9828 0.5643 0.6444 -0.0132 0.0807  -0.0187 50  ALA A O   
215 C CB  . ALA A 53  ? 0.9946 0.4500 0.4790 0.0039  0.1101  -0.0397 50  ALA A CB  
216 N N   . ALA A 54  ? 0.9279 0.5426 0.5646 -0.0307 0.0302  -0.0278 51  ALA A N   
217 C CA  . ALA A 54  ? 0.9443 0.5983 0.6356 -0.0502 0.0049  -0.0293 51  ALA A CA  
218 C C   . ALA A 54  ? 0.7833 0.4934 0.5425 -0.0375 0.0133  -0.0089 51  ALA A C   
219 O O   . ALA A 54  ? 0.7702 0.4915 0.5655 -0.0417 0.0170  -0.0056 51  ALA A O   
220 C CB  . ALA A 54  ? 0.9200 0.5970 0.6097 -0.0693 -0.0357 -0.0357 51  ALA A CB  
221 N N   . LEU A 55  ? 0.7367 0.4768 0.5090 -0.0223 0.0168  0.0045  52  LEU A N   
222 C CA  . LEU A 55  ? 0.6878 0.4738 0.5145 -0.0126 0.0206  0.0204  52  LEU A CA  
223 C C   . LEU A 55  ? 0.7538 0.5293 0.5936 0.0000  0.0445  0.0297  52  LEU A C   
224 O O   . LEU A 55  ? 0.6074 0.4066 0.4801 0.0007  0.0426  0.0375  52  LEU A O   
225 C CB  . LEU A 55  ? 0.6780 0.4899 0.5161 -0.0012 0.0208  0.0315  52  LEU A CB  
226 C CG  . LEU A 55  ? 0.6507 0.4860 0.4927 -0.0099 -0.0023 0.0295  52  LEU A CG  
227 C CD1 . LEU A 55  ? 0.5825 0.4321 0.4314 0.0026  0.0045  0.0412  52  LEU A CD1 
228 C CD2 . LEU A 55  ? 0.5431 0.4129 0.4280 -0.0193 -0.0165 0.0306  52  LEU A CD2 
229 N N   . THR A 56  ? 0.7072 0.4435 0.5177 0.0121  0.0692  0.0312  53  THR A N   
230 C CA  . THR A 56  ? 0.6853 0.4094 0.5115 0.0278  0.0957  0.0447  53  THR A CA  
231 C C   . THR A 56  ? 0.7637 0.4658 0.5892 0.0189  0.0992  0.0385  53  THR A C   
232 O O   . THR A 56  ? 0.8014 0.5211 0.6592 0.0284  0.1069  0.0543  53  THR A O   
233 C CB  . THR A 56  ? 0.7631 0.4412 0.5560 0.0445  0.1287  0.0482  53  THR A CB  
234 O OG1 . THR A 56  ? 0.7111 0.4136 0.5171 0.0553  0.1311  0.0600  53  THR A OG1 
235 C CG2 . THR A 56  ? 0.7714 0.4368 0.5884 0.0637  0.1600  0.0667  53  THR A CG2 
236 N N   . LYS A 57  ? 0.7625 0.4253 0.5518 0.0003  0.0925  0.0170  54  LYS A N   
237 C CA  . LYS A 57  ? 0.8045 0.4433 0.5998 -0.0112 0.0973  0.0109  54  LYS A CA  
238 C C   . LYS A 57  ? 0.8063 0.4942 0.6495 -0.0187 0.0798  0.0194  54  LYS A C   
239 O O   . LYS A 57  ? 0.7498 0.4342 0.6140 -0.0149 0.0935  0.0294  54  LYS A O   
240 C CB  . LYS A 57  ? 0.8814 0.4667 0.6306 -0.0344 0.0884  -0.0161 54  LYS A CB  
241 C CG  . LYS A 57  ? 1.0488 0.5638 0.7366 -0.0248 0.1165  -0.0259 54  LYS A CG  
242 C CD  . LYS A 57  ? 1.2269 0.6823 0.8533 -0.0510 0.1002  -0.0573 54  LYS A CD  
243 C CE  . LYS A 57  ? 1.3218 0.7201 0.8763 -0.0373 0.1254  -0.0652 54  LYS A CE  
244 N NZ  . LYS A 57  ? 1.3666 0.7260 0.8603 -0.0620 0.0997  -0.0923 54  LYS A NZ  
245 N N   . MET A 58  ? 0.6785 0.4071 0.5355 -0.0264 0.0541  0.0175  55  MET A N   
246 C CA  . MET A 58  ? 0.6896 0.4595 0.5857 -0.0301 0.0429  0.0261  55  MET A CA  
247 C C   . MET A 58  ? 0.6764 0.4693 0.5896 -0.0105 0.0539  0.0453  55  MET A C   
248 O O   . MET A 58  ? 0.6155 0.4171 0.5454 -0.0090 0.0586  0.0542  55  MET A O   
249 C CB  . MET A 58  ? 0.7380 0.5426 0.6441 -0.0378 0.0185  0.0225  55  MET A CB  
250 C CG  . MET A 58  ? 0.7976 0.5957 0.7035 -0.0602 -0.0018 0.0091  55  MET A CG  
251 S SD  . MET A 58  ? 0.8237 0.6674 0.7512 -0.0643 -0.0274 0.0129  55  MET A SD  
252 C CE  . MET A 58  ? 0.6834 0.5612 0.6508 -0.0519 -0.0143 0.0286  55  MET A CE  
253 N N   . ARG A 59  ? 0.6135 0.4165 0.5229 0.0045  0.0569  0.0533  56  ARG A N   
254 C CA  . ARG A 59  ? 0.6103 0.4394 0.5377 0.0204  0.0583  0.0719  56  ARG A CA  
255 C C   . ARG A 59  ? 0.6704 0.4798 0.5994 0.0315  0.0780  0.0856  56  ARG A C   
256 O O   . ARG A 59  ? 0.6024 0.4268 0.5380 0.0379  0.0756  0.0981  56  ARG A O   
257 C CB  . ARG A 59  ? 0.5922 0.4362 0.5286 0.0323  0.0586  0.0807  56  ARG A CB  
258 C CG  . ARG A 59  ? 0.6147 0.4944 0.5765 0.0431  0.0479  0.0986  56  ARG A CG  
259 C CD  . ARG A 59  ? 0.5452 0.4425 0.5332 0.0538  0.0500  0.1118  56  ARG A CD  
260 N NE  . ARG A 59  ? 0.5915 0.5283 0.6062 0.0551  0.0267  0.1231  56  ARG A NE  
261 C CZ  . ARG A 59  ? 0.6913 0.6456 0.7242 0.0663  0.0204  0.1435  56  ARG A CZ  
262 N NH1 . ARG A 59  ? 0.5704 0.5072 0.6034 0.0807  0.0414  0.1586  56  ARG A NH1 
263 N NH2 . ARG A 59  ? 0.6590 0.6462 0.7086 0.0626  -0.0086 0.1493  56  ARG A NH2 
264 N N   . ALA A 60  ? 0.6289 0.3993 0.5461 0.0354  0.1000  0.0843  57  ALA A N   
265 C CA  . ALA A 60  ? 0.7129 0.4613 0.6347 0.0485  0.1234  0.0996  57  ALA A CA  
266 C C   . ALA A 60  ? 0.8008 0.5380 0.7242 0.0371  0.1257  0.0960  57  ALA A C   
267 O O   . ALA A 60  ? 0.7263 0.4771 0.6606 0.0484  0.1319  0.1104  57  ALA A O   
268 C CB  . ALA A 60  ? 0.8169 0.5264 0.7241 0.0526  0.1476  0.0913  57  ALA A CB  
269 N N   . ALA A 61  ? 0.6222 0.3448 0.5397 0.0140  0.1168  0.0748  58  ALA A N   
270 C CA  . ALA A 61  ? 0.6524 0.3657 0.5850 0.0002  0.1206  0.0726  58  ALA A CA  
271 C C   . ALA A 61  ? 0.6245 0.3755 0.5707 0.0076  0.1137  0.0871  58  ALA A C   
272 O O   . ALA A 61  ? 0.7189 0.4643 0.6750 0.0116  0.1288  0.0987  58  ALA A O   
273 C CB  . ALA A 61  ? 0.7077 0.4098 0.6418 -0.0280 0.1041  0.0485  58  ALA A CB  
274 N N   . ALA A 62  ? 0.5879 0.3742 0.5303 0.0104  0.0928  0.0853  59  ALA A N   
275 C CA  . ALA A 62  ? 0.6295 0.4416 0.5722 0.0165  0.0865  0.0941  59  ALA A CA  
276 C C   . ALA A 62  ? 0.6692 0.4824 0.5960 0.0384  0.0941  0.1159  59  ALA A C   
277 O O   . ALA A 62  ? 0.6812 0.4919 0.5970 0.0457  0.1025  0.1272  59  ALA A O   
278 C CB  . ALA A 62  ? 0.6555 0.4973 0.5968 0.0124  0.0633  0.0844  59  ALA A CB  
279 N N   . LEU A 63  ? 0.5903 0.4069 0.5155 0.0504  0.0918  0.1243  60  LEU A N   
280 C CA  . LEU A 63  ? 0.6737 0.5040 0.5924 0.0696  0.0899  0.1442  60  LEU A CA  
281 C C   . LEU A 63  ? 0.7111 0.5235 0.6329 0.0766  0.1131  0.1515  60  LEU A C   
282 O O   . LEU A 63  ? 0.6652 0.4856 0.5744 0.0901  0.1128  0.1663  60  LEU A O   
283 C CB  . LEU A 63  ? 0.7396 0.5885 0.6745 0.0789  0.0810  0.1520  60  LEU A CB  
284 C CG  . LEU A 63  ? 0.7046 0.5805 0.6424 0.0741  0.0550  0.1480  60  LEU A CG  
285 C CD1 . LEU A 63  ? 0.7366 0.6275 0.7037 0.0818  0.0545  0.1569  60  LEU A CD1 
286 C CD2 . LEU A 63  ? 0.6715 0.5683 0.5891 0.0780  0.0310  0.1552  60  LEU A CD2 
287 N N   . ASP A 64  ? 0.7393 0.5240 0.6743 0.0665  0.1321  0.1404  61  ASP A N   
288 C CA  . ASP A 64  ? 0.7156 0.4793 0.6581 0.0705  0.1566  0.1451  61  ASP A CA  
289 C C   . ASP A 64  ? 0.8020 0.5625 0.7455 0.0647  0.1641  0.1460  61  ASP A C   
290 O O   . ASP A 64  ? 0.8628 0.6200 0.8037 0.0778  0.1796  0.1594  61  ASP A O   
291 C CB  . ASP A 64  ? 0.8380 0.5679 0.7905 0.0583  0.1723  0.1299  61  ASP A CB  
292 C CG  . ASP A 64  ? 1.0033 0.7241 0.9588 0.0754  0.1904  0.1392  61  ASP A CG  
293 O OD1 . ASP A 64  ? 0.9365 0.6755 0.8923 0.0869  0.1826  0.1461  61  ASP A OD1 
294 O OD2 . ASP A 64  ? 0.9701 0.6674 0.9328 0.0778  0.2142  0.1413  61  ASP A OD2 
295 N N   . ALA A 65  ? 0.6711 0.4329 0.6215 0.0467  0.1555  0.1336  62  ALA A N   
296 C CA  . ALA A 65  ? 0.7063 0.4693 0.6674 0.0420  0.1655  0.1360  62  ALA A CA  
297 C C   . ALA A 65  ? 0.7328 0.5095 0.6612 0.0616  0.1633  0.1498  62  ALA A C   
298 O O   . ALA A 65  ? 0.7257 0.4965 0.6516 0.0693  0.1811  0.1582  62  ALA A O   
299 C CB  . ALA A 65  ? 0.6987 0.4676 0.6816 0.0196  0.1541  0.1223  62  ALA A CB  
300 N N   . GLN A 66  ? 0.6707 0.4629 0.5725 0.0690  0.1408  0.1517  63  GLN A N   
301 C CA  . GLN A 66  ? 0.7788 0.5790 0.6398 0.0830  0.1309  0.1603  63  GLN A CA  
302 C C   . GLN A 66  ? 0.7600 0.5538 0.6013 0.1022  0.1415  0.1774  63  GLN A C   
303 O O   . GLN A 66  ? 0.7763 0.5653 0.5778 0.1133  0.1405  0.1839  63  GLN A O   
304 C CB  . GLN A 66  ? 0.7280 0.5479 0.5719 0.0830  0.0994  0.1576  63  GLN A CB  
305 C CG  . GLN A 66  ? 0.8733 0.6965 0.6684 0.0912  0.0821  0.1603  63  GLN A CG  
306 C CD  . GLN A 66  ? 0.8562 0.7013 0.6433 0.0890  0.0471  0.1579  63  GLN A CD  
307 O OE1 . GLN A 66  ? 0.8337 0.6970 0.6478 0.0920  0.0360  0.1659  63  GLN A OE1 
308 N NE2 . GLN A 66  ? 0.6906 0.5330 0.4451 0.0843  0.0318  0.1465  63  GLN A NE2 
309 N N   . LYS A 67  ? 0.7017 0.4915 0.5667 0.1070  0.1531  0.1844  64  LYS A N   
310 C CA  . LYS A 67  ? 0.7150 0.4991 0.5678 0.1264  0.1662  0.2033  64  LYS A CA  
311 C C   . LYS A 67  ? 0.7568 0.5183 0.6187 0.1300  0.2001  0.2071  64  LYS A C   
312 O O   . LYS A 67  ? 0.7523 0.5056 0.5978 0.1483  0.2145  0.2239  64  LYS A O   
313 C CB  . LYS A 67  ? 0.7167 0.5048 0.5954 0.1326  0.1696  0.2110  64  LYS A CB  
314 C CG  . LYS A 67  ? 0.8310 0.6425 0.7174 0.1291  0.1422  0.2082  64  LYS A CG  
315 C CD  . LYS A 67  ? 0.8062 0.6177 0.7233 0.1374  0.1554  0.2161  64  LYS A CD  
316 C CE  . LYS A 67  ? 0.8269 0.6614 0.7604 0.1346  0.1346  0.2139  64  LYS A CE  
317 N NZ  . LYS A 67  ? 0.8845 0.7083 0.8476 0.1380  0.1567  0.2127  64  LYS A NZ  
318 N N   . ALA A 68  ? 0.6965 0.4498 0.5889 0.1125  0.2122  0.1933  65  ALA A N   
319 C CA  . ALA A 68  ? 0.7431 0.4791 0.6616 0.1124  0.2443  0.1970  65  ALA A CA  
320 C C   . ALA A 68  ? 0.8130 0.5446 0.7079 0.1228  0.2559  0.2033  65  ALA A C   
321 O O   . ALA A 68  ? 0.7306 0.4690 0.5859 0.1260  0.2376  0.2002  65  ALA A O   
322 C CB  . ALA A 68  ? 0.7160 0.4480 0.6851 0.0860  0.2479  0.1806  65  ALA A CB  
323 N N   . THR A 69  ? 0.7717 0.4882 0.6905 0.1290  0.2889  0.2120  66  THR A N   
324 C CA  . THR A 69  ? 0.8085 0.5156 0.7200 0.1389  0.3104  0.2179  66  THR A CA  
325 C C   . THR A 69  ? 0.8013 0.5112 0.7854 0.1210  0.3299  0.2132  66  THR A C   
326 O O   . THR A 69  ? 0.8607 0.5630 0.8862 0.1159  0.3466  0.2167  66  THR A O   
327 C CB  . THR A 69  ? 0.8601 0.5465 0.7369 0.1673  0.3352  0.2379  66  THR A CB  
328 O OG1 . THR A 69  ? 0.8485 0.5369 0.6617 0.1808  0.3099  0.2437  66  THR A OG1 
329 C CG2 . THR A 69  ? 0.8376 0.5063 0.7039 0.1812  0.3637  0.2445  66  THR A CG2 
330 N N   . PRO A 70  ? 0.7501 0.4720 0.7536 0.1104  0.3260  0.2058  67  PRO A N   
331 C CA  . PRO A 70  ? 0.8461 0.5794 0.9285 0.0899  0.3357  0.2026  67  PRO A CA  
332 C C   . PRO A 70  ? 0.8748 0.5943 0.9875 0.1057  0.3763  0.2195  67  PRO A C   
333 O O   . PRO A 70  ? 0.8516 0.5533 0.9204 0.1331  0.3982  0.2317  67  PRO A O   
334 C CB  . PRO A 70  ? 0.8007 0.5535 0.8917 0.0802  0.3206  0.1944  67  PRO A CB  
335 C CG  . PRO A 70  ? 0.8383 0.5784 0.8504 0.1025  0.3186  0.1963  67  PRO A CG  
336 C CD  . PRO A 70  ? 0.8051 0.5323 0.7631 0.1143  0.3087  0.1994  67  PRO A CD  
337 N N   . PRO A 71  ? 0.8867 0.6093 1.0704 0.0884  0.3860  0.2201  68  PRO A N   
338 C CA  . PRO A 71  ? 0.9440 0.6526 1.1655 0.1029  0.4266  0.2378  68  PRO A CA  
339 C C   . PRO A 71  ? 1.0132 0.7169 1.2272 0.1277  0.4542  0.2516  68  PRO A C   
340 O O   . PRO A 71  ? 1.0890 0.7681 1.2881 0.1552  0.4912  0.2691  68  PRO A O   
341 C CB  . PRO A 71  ? 0.9532 0.6764 1.2648 0.0702  0.4193  0.2313  68  PRO A CB  
342 C CG  . PRO A 71  ? 0.9470 0.6734 1.2425 0.0442  0.3808  0.2105  68  PRO A CG  
343 C CD  . PRO A 71  ? 0.8835 0.6187 1.1135 0.0531  0.3579  0.2035  68  PRO A CD  
344 N N   . LYS A 72  ? 1.0093 0.7314 1.2292 0.1203  0.4387  0.2446  69  LYS A N   
345 C CA  . LYS A 72  ? 1.1599 0.8736 1.3806 0.1429  0.4675  0.2567  69  LYS A CA  
346 C C   . LYS A 72  ? 1.1757 0.8541 1.2918 0.1747  0.4790  0.2602  69  LYS A C   
347 O O   . LYS A 72  ? 1.2409 0.8972 1.3405 0.1978  0.5078  0.2701  69  LYS A O   
348 C CB  . LYS A 72  ? 1.2519 0.9967 1.5204 0.1251  0.4484  0.2495  69  LYS A CB  
349 C CG  . LYS A 72  ? 1.3476 1.1234 1.7295 0.1008  0.4450  0.2543  69  LYS A CG  
350 C CD  . LYS A 72  ? 1.3989 1.1906 1.8048 0.0652  0.4075  0.2381  69  LYS A CD  
351 C CE  . LYS A 72  ? 1.4341 1.2408 1.9406 0.0434  0.4096  0.2445  69  LYS A CE  
352 N NZ  . LYS A 72  ? 1.4086 1.2140 1.9224 0.0102  0.3779  0.2267  69  LYS A NZ  
353 N N   . LEU A 73  ? 1.0475 0.7173 1.0924 0.1761  0.4554  0.2527  70  LEU A N   
354 C CA  . LEU A 73  ? 0.9308 0.5687 0.8727 0.2017  0.4556  0.2548  70  LEU A CA  
355 C C   . LEU A 73  ? 0.9522 0.5706 0.8478 0.2189  0.4608  0.2660  70  LEU A C   
356 O O   . LEU A 73  ? 1.0630 0.6586 0.8710 0.2371  0.4520  0.2687  70  LEU A O   
357 C CB  . LEU A 73  ? 1.0261 0.6764 0.9197 0.1881  0.4138  0.2362  70  LEU A CB  
358 C CG  . LEU A 73  ? 1.1737 0.8274 1.0687 0.1833  0.4104  0.2266  70  LEU A CG  
359 C CD1 . LEU A 73  ? 1.1629 0.8486 1.1631 0.1654  0.4195  0.2279  70  LEU A CD1 
360 C CD2 . LEU A 73  ? 1.1270 0.7927 0.9738 0.1690  0.3672  0.2088  70  LEU A CD2 
361 N N   . GLU A 74  ? 0.9319 0.5591 0.8874 0.2121  0.4739  0.2732  71  GLU A N   
362 C CA  . GLU A 74  ? 1.1039 0.7148 1.0295 0.2293  0.4838  0.2866  71  GLU A CA  
363 C C   . GLU A 74  ? 1.1919 0.7642 1.0528 0.2658  0.5145  0.3054  71  GLU A C   
364 O O   . GLU A 74  ? 1.0973 0.6556 0.9054 0.2837  0.5133  0.3171  71  GLU A O   
365 C CB  . GLU A 74  ? 1.1894 0.8065 1.1981 0.2185  0.5058  0.2924  71  GLU A CB  
366 C CG  . GLU A 74  ? 1.0419 0.6839 1.0939 0.1858  0.4750  0.2754  71  GLU A CG  
367 C CD  . GLU A 74  ? 1.1271 0.7660 1.2545 0.1740  0.4978  0.2797  71  GLU A CD  
368 O OE1 . GLU A 74  ? 1.1728 0.7985 1.3346 0.1881  0.5367  0.2955  71  GLU A OE1 
369 O OE2 . GLU A 74  ? 1.0045 0.6497 1.1544 0.1514  0.4784  0.2672  71  GLU A OE2 
370 N N   . ASP A 75  ? 1.2589 0.8125 1.1252 0.2780  0.5432  0.3100  72  ASP A N   
371 C CA  . ASP A 75  ? 1.3936 0.9015 1.2001 0.3143  0.5794  0.3286  72  ASP A CA  
372 C C   . ASP A 75  ? 1.3884 0.8684 1.0876 0.3269  0.5612  0.3213  72  ASP A C   
373 O O   . ASP A 75  ? 1.5262 0.9623 1.1507 0.3563  0.5826  0.3345  72  ASP A O   
374 C CB  . ASP A 75  ? 1.5411 1.0357 1.4183 0.3258  0.6302  0.3425  72  ASP A CB  
375 C CG  . ASP A 75  ? 1.5481 1.0625 1.5233 0.3158  0.6508  0.3522  72  ASP A CG  
376 O OD1 . ASP A 75  ? 1.5150 1.0334 1.4794 0.3146  0.6419  0.3553  72  ASP A OD1 
377 O OD2 . ASP A 75  ? 1.5982 1.1236 1.6638 0.3087  0.6756  0.3575  72  ASP A OD2 
378 N N   . LYS A 76  ? 1.2199 0.7221 0.9085 0.3039  0.5218  0.3001  73  LYS A N   
379 C CA  . LYS A 76  ? 1.2923 0.7703 0.8778 0.3100  0.4963  0.2897  73  LYS A CA  
380 C C   . LYS A 76  ? 1.3559 0.8431 0.8800 0.3096  0.4578  0.2911  73  LYS A C   
381 O O   . LYS A 76  ? 1.2903 0.8071 0.8607 0.3012  0.4486  0.2969  73  LYS A O   
382 C CB  . LYS A 76  ? 1.2959 0.7950 0.8982 0.2858  0.4696  0.2675  73  LYS A CB  
383 C CG  . LYS A 76  ? 1.4188 0.8975 1.0509 0.2931  0.5049  0.2680  73  LYS A CG  
384 C CD  . LYS A 76  ? 1.6240 1.0384 1.1556 0.3213  0.5263  0.2719  73  LYS A CD  
385 C CE  . LYS A 76  ? 1.6960 1.0886 1.2542 0.3267  0.5564  0.2704  73  LYS A CE  
386 N NZ  . LYS A 76  ? 1.8119 1.1380 1.2582 0.3464  0.5658  0.2655  73  LYS A NZ  
387 N N   . ALA A 77  ? 1.4167 0.8779 0.8386 0.3182  0.4346  0.2864  74  ALA A N   
388 C CA  . ALA A 77  ? 1.4486 0.9262 0.8184 0.3152  0.3908  0.2893  74  ALA A CA  
389 C C   . ALA A 77  ? 1.2886 0.8138 0.6927 0.2847  0.3427  0.2719  74  ALA A C   
390 O O   . ALA A 77  ? 1.1869 0.7175 0.5994 0.2685  0.3309  0.2522  74  ALA A O   
391 C CB  . ALA A 77  ? 1.4517 0.8882 0.7017 0.3308  0.3762  0.2898  74  ALA A CB  
392 N N   . PRO A 78  ? 1.3040 0.8613 0.7284 0.2792  0.3173  0.2810  75  PRO A N   
393 C CA  . PRO A 78  ? 1.2999 0.9003 0.7591 0.2546  0.2745  0.2694  75  PRO A CA  
394 C C   . PRO A 78  ? 1.3665 0.9668 0.7673 0.2423  0.2343  0.2511  75  PRO A C   
395 O O   . PRO A 78  ? 1.3595 0.9900 0.7888 0.2214  0.2032  0.2374  75  PRO A O   
396 C CB  . PRO A 78  ? 1.2322 0.8498 0.6861 0.2628  0.2561  0.2898  75  PRO A CB  
397 C CG  . PRO A 78  ? 1.2977 0.8894 0.7536 0.2872  0.3012  0.3105  75  PRO A CG  
398 C CD  . PRO A 78  ? 1.3386 0.8874 0.7455 0.3008  0.3301  0.3065  75  PRO A CD  
399 N N   . ASP A 79  ? 1.4688 1.0297 0.7851 0.2564  0.2379  0.2509  76  ASP A N   
400 C CA  . ASP A 79  ? 1.4988 1.0492 0.7418 0.2472  0.1999  0.2338  76  ASP A CA  
401 C C   . ASP A 79  ? 1.3849 0.9012 0.6138 0.2460  0.2250  0.2141  76  ASP A C   
402 O O   . ASP A 79  ? 1.5324 1.0342 0.7082 0.2362  0.1998  0.1947  76  ASP A O   
403 C CB  . ASP A 79  ? 1.7691 1.2912 0.9167 0.2639  0.1864  0.2466  76  ASP A CB  
404 C CG  . ASP A 79  ? 1.7409 1.2834 0.8396 0.2472  0.1236  0.2385  76  ASP A CG  
405 O OD1 . ASP A 79  ? 1.7312 1.2468 0.7400 0.2558  0.1060  0.2427  76  ASP A OD1 
406 O OD2 . ASP A 79  ? 1.5330 1.1181 0.6846 0.2252  0.0919  0.2285  76  ASP A OD2 
407 N N   . SER A 80  ? 1.2975 0.8009 0.5793 0.2559  0.2753  0.2204  77  SER A N   
408 C CA  . SER A 80  ? 1.3776 0.8464 0.6560 0.2600  0.3076  0.2091  77  SER A CA  
409 C C   . SER A 80  ? 1.2964 0.7851 0.5980 0.2361  0.2833  0.1862  77  SER A C   
410 O O   . SER A 80  ? 1.2215 0.7573 0.5731 0.2160  0.2531  0.1812  77  SER A O   
411 C CB  . SER A 80  ? 1.3949 0.8616 0.7526 0.2713  0.3610  0.2241  77  SER A CB  
412 O OG  . SER A 80  ? 1.3143 0.8333 0.7690 0.2515  0.3527  0.2240  77  SER A OG  
413 N N   . PRO A 81  ? 1.3618 0.8101 0.6255 0.2400  0.2997  0.1734  78  PRO A N   
414 C CA  . PRO A 81  ? 1.3462 0.8076 0.6353 0.2205  0.2858  0.1535  78  PRO A CA  
415 C C   . PRO A 81  ? 1.3052 0.8154 0.7081 0.2078  0.2977  0.1591  78  PRO A C   
416 O O   . PRO A 81  ? 1.2571 0.8009 0.6937 0.1869  0.2711  0.1467  78  PRO A O   
417 C CB  . PRO A 81  ? 1.4451 0.8457 0.6904 0.2353  0.3225  0.1486  78  PRO A CB  
418 C CG  . PRO A 81  ? 1.5370 0.8864 0.6957 0.2589  0.3368  0.1583  78  PRO A CG  
419 C CD  . PRO A 81  ? 1.5092 0.8914 0.7040 0.2655  0.3373  0.1792  78  PRO A CD  
420 N N   . GLU A 82  ? 1.2441 0.7573 0.7055 0.2194  0.3365  0.1775  79  GLU A N   
421 C CA  . GLU A 82  ? 1.2234 0.7826 0.7944 0.2044  0.3452  0.1819  79  GLU A CA  
422 C C   . GLU A 82  ? 1.1461 0.7508 0.7495 0.1857  0.3092  0.1803  79  GLU A C   
423 O O   . GLU A 82  ? 1.0661 0.7073 0.7367 0.1658  0.2983  0.1752  79  GLU A O   
424 C CB  . GLU A 82  ? 1.2238 0.7770 0.8560 0.2188  0.3919  0.2011  79  GLU A CB  
425 C CG  . GLU A 82  ? 1.4797 0.9839 1.0481 0.2477  0.4201  0.2152  79  GLU A CG  
426 C CD  . GLU A 82  ? 1.5244 0.9705 1.0210 0.2662  0.4422  0.2118  79  GLU A CD  
427 O OE1 . GLU A 82  ? 1.5273 0.9570 1.0692 0.2774  0.4827  0.2211  79  GLU A OE1 
428 O OE2 . GLU A 82  ? 1.5597 0.9751 0.9565 0.2692  0.4182  0.2005  79  GLU A OE2 
429 N N   . MET A 83  ? 1.2375 0.8377 0.7928 0.1931  0.2915  0.1864  80  MET A N   
430 C CA  . MET A 83  ? 1.1174 0.7552 0.7010 0.1794  0.2598  0.1879  80  MET A CA  
431 C C   . MET A 83  ? 1.0191 0.6727 0.5693 0.1649  0.2137  0.1727  80  MET A C   
432 O O   . MET A 83  ? 0.9894 0.6761 0.5855 0.1486  0.1925  0.1687  80  MET A O   
433 C CB  . MET A 83  ? 1.0408 0.6719 0.6018 0.1953  0.2632  0.2057  80  MET A CB  
434 C CG  . MET A 83  ? 0.9209 0.5508 0.5450 0.2025  0.3033  0.2202  80  MET A CG  
435 S SD  . MET A 83  ? 0.9904 0.6614 0.7133 0.1755  0.2947  0.2134  80  MET A SD  
436 C CE  . MET A 83  ? 1.1474 0.8153 0.9504 0.1752  0.3399  0.2213  80  MET A CE  
437 N N   . LYS A 84  ? 1.0491 0.6763 0.5196 0.1708  0.1982  0.1640  81  LYS A N   
438 C CA  . LYS A 84  ? 1.0646 0.7042 0.5070 0.1553  0.1550  0.1470  81  LYS A CA  
439 C C   . LYS A 84  ? 1.0451 0.6999 0.5391 0.1397  0.1589  0.1341  81  LYS A C   
440 O O   . LYS A 84  ? 0.9353 0.6185 0.4501 0.1243  0.1276  0.1262  81  LYS A O   
441 C CB  . LYS A 84  ? 1.2805 0.8796 0.6294 0.1615  0.1431  0.1352  81  LYS A CB  
442 C CG  . LYS A 84  ? 1.4402 1.0480 0.7361 0.1611  0.0996  0.1391  81  LYS A CG  
443 C CD  . LYS A 84  ? 1.5754 1.1387 0.7909 0.1807  0.1133  0.1469  81  LYS A CD  
444 C CE  . LYS A 84  ? 1.6482 1.2027 0.7845 0.1735  0.0655  0.1364  81  LYS A CE  
445 N NZ  . LYS A 84  ? 1.5950 1.2046 0.7610 0.1617  0.0164  0.1477  81  LYS A NZ  
446 N N   . ASP A 85  ? 1.0238 0.6614 0.5432 0.1450  0.1985  0.1349  82  ASP A N   
447 C CA  . ASP A 85  ? 0.9794 0.6309 0.5484 0.1321  0.2058  0.1263  82  ASP A CA  
448 C C   . ASP A 85  ? 0.8810 0.5750 0.5383 0.1182  0.2052  0.1343  82  ASP A C   
449 O O   . ASP A 85  ? 0.8987 0.6161 0.5918 0.1023  0.1902  0.1272  82  ASP A O   
450 C CB  . ASP A 85  ? 1.1354 0.7553 0.7078 0.1444  0.2485  0.1282  82  ASP A CB  
451 C CG  . ASP A 85  ? 1.2938 0.9331 0.9264 0.1328  0.2575  0.1234  82  ASP A CG  
452 O OD1 . ASP A 85  ? 1.3704 0.9959 0.9674 0.1276  0.2452  0.1082  82  ASP A OD1 
453 O OD2 . ASP A 85  ? 1.3358 1.0052 1.0542 0.1278  0.2748  0.1350  82  ASP A OD2 
454 N N   . PHE A 86  ? 0.8032 0.5030 0.4927 0.1238  0.2210  0.1484  83  PHE A N   
455 C CA  . PHE A 86  ? 0.8071 0.5393 0.5698 0.1083  0.2154  0.1523  83  PHE A CA  
456 C C   . PHE A 86  ? 0.7924 0.5436 0.5444 0.0981  0.1768  0.1465  83  PHE A C   
457 O O   . PHE A 86  ? 0.7724 0.5445 0.5674 0.0816  0.1635  0.1407  83  PHE A O   
458 C CB  . PHE A 86  ? 0.8129 0.5400 0.6010 0.1172  0.2387  0.1666  83  PHE A CB  
459 C CG  . PHE A 86  ? 0.7373 0.4865 0.5855 0.1013  0.2309  0.1674  83  PHE A CG  
460 C CD1 . PHE A 86  ? 0.7962 0.5625 0.7177 0.0828  0.2376  0.1641  83  PHE A CD1 
461 C CD2 . PHE A 86  ? 0.7603 0.5114 0.5922 0.1045  0.2157  0.1715  83  PHE A CD2 
462 C CE1 . PHE A 86  ? 0.7389 0.5153 0.7050 0.0661  0.2287  0.1610  83  PHE A CE1 
463 C CE2 . PHE A 86  ? 0.7404 0.5014 0.6207 0.0915  0.2130  0.1701  83  PHE A CE2 
464 C CZ  . PHE A 86  ? 0.7259 0.4953 0.6675 0.0714  0.2191  0.1630  83  PHE A CZ  
465 N N   . ARG A 87  ? 0.8135 0.5581 0.5113 0.1085  0.1577  0.1496  84  ARG A N   
466 C CA  . ARG A 87  ? 0.8048 0.5717 0.5031 0.1015  0.1219  0.1477  84  ARG A CA  
467 C C   . ARG A 87  ? 0.7886 0.5629 0.4759 0.0903  0.0981  0.1327  84  ARG A C   
468 O O   . ARG A 87  ? 0.7738 0.5689 0.4946 0.0799  0.0811  0.1296  84  ARG A O   
469 C CB  . ARG A 87  ? 0.8205 0.5863 0.4733 0.1141  0.1026  0.1577  84  ARG A CB  
470 C CG  . ARG A 87  ? 0.8481 0.6103 0.5182 0.1259  0.1233  0.1751  84  ARG A CG  
471 C CD  . ARG A 87  ? 0.8678 0.6357 0.5003 0.1372  0.0995  0.1888  84  ARG A CD  
472 N NE  . ARG A 87  ? 0.9848 0.7274 0.5458 0.1486  0.0984  0.1902  84  ARG A NE  
473 C CZ  . ARG A 87  ? 1.0800 0.7956 0.6197 0.1648  0.1305  0.2008  84  ARG A CZ  
474 N NH1 . ARG A 87  ? 1.0514 0.7656 0.6426 0.1696  0.1648  0.2101  84  ARG A NH1 
475 N NH2 . ARG A 87  ? 1.1282 0.8154 0.5942 0.1761  0.1290  0.2012  84  ARG A NH2 
476 N N   . HIS A 88  ? 0.7587 0.5107 0.3965 0.0935  0.0993  0.1226  85  HIS A N   
477 C CA  . HIS A 88  ? 0.8241 0.5768 0.4448 0.0830  0.0766  0.1059  85  HIS A CA  
478 C C   . HIS A 88  ? 0.8230 0.6027 0.5198 0.0673  0.0820  0.0954  85  HIS A C   
479 O O   . HIS A 88  ? 0.7393 0.5413 0.4589 0.0547  0.0561  0.0812  85  HIS A O   
480 C CB  . HIS A 88  ? 0.9475 0.6621 0.4998 0.0890  0.0828  0.0932  85  HIS A CB  
481 C CG  . HIS A 88  ? 1.0152 0.7266 0.5537 0.0759  0.0599  0.0711  85  HIS A CG  
482 N ND1 . HIS A 88  ? 1.0356 0.7686 0.5728 0.0640  0.0139  0.0610  85  HIS A ND1 
483 C CD2 . HIS A 88  ? 0.9579 0.6536 0.5022 0.0717  0.0772  0.0570  85  HIS A CD2 
484 C CE1 . HIS A 88  ? 1.0626 0.7899 0.6025 0.0514  0.0042  0.0400  85  HIS A CE1 
485 N NE2 . HIS A 88  ? 0.9310 0.6340 0.4719 0.0568  0.0426  0.0371  85  HIS A NE2 
486 N N   . GLY A 89  ? 0.6961 0.4744 0.4341 0.0679  0.1145  0.1046  86  GLY A N   
487 C CA  . GLY A 89  ? 0.6437 0.4501 0.4533 0.0526  0.1138  0.0980  86  GLY A CA  
488 C C   . GLY A 89  ? 0.6494 0.4840 0.4919 0.0411  0.0866  0.0930  86  GLY A C   
489 O O   . GLY A 89  ? 0.6268 0.4830 0.5010 0.0292  0.0705  0.0820  86  GLY A O   
490 N N   . PHE A 90  ? 0.6559 0.4862 0.4879 0.0471  0.0854  0.1034  87  PHE A N   
491 C CA  . PHE A 90  ? 0.6908 0.5396 0.5474 0.0405  0.0666  0.1008  87  PHE A CA  
492 C C   . PHE A 90  ? 0.6883 0.5532 0.5296 0.0400  0.0367  0.0935  87  PHE A C   
493 O O   . PHE A 90  ? 0.6300 0.5127 0.5002 0.0326  0.0241  0.0880  87  PHE A O   
494 C CB  . PHE A 90  ? 0.6807 0.5171 0.5374 0.0492  0.0801  0.1169  87  PHE A CB  
495 C CG  . PHE A 90  ? 0.6139 0.4367 0.5040 0.0430  0.1067  0.1216  87  PHE A CG  
496 C CD1 . PHE A 90  ? 0.5852 0.4170 0.5188 0.0243  0.1019  0.1093  87  PHE A CD1 
497 C CD2 . PHE A 90  ? 0.6786 0.4826 0.5588 0.0536  0.1328  0.1357  87  PHE A CD2 
498 C CE1 . PHE A 90  ? 0.6389 0.4602 0.6098 0.0134  0.1198  0.1123  87  PHE A CE1 
499 C CE2 . PHE A 90  ? 0.7584 0.5582 0.6839 0.0446  0.1535  0.1367  87  PHE A CE2 
500 C CZ  . PHE A 90  ? 0.7321 0.5382 0.7045 0.0230  0.1469  0.1271  87  PHE A CZ  
501 N N   . ASP A 91  ? 0.6839 0.5394 0.4793 0.0471  0.0257  0.0936  88  ASP A N   
502 C CA  . ASP A 91  ? 0.6120 0.4841 0.4028 0.0417  -0.0061 0.0855  88  ASP A CA  
503 C C   . ASP A 91  ? 0.5944 0.4763 0.4125 0.0286  -0.0099 0.0686  88  ASP A C   
504 O O   . ASP A 91  ? 0.5854 0.4885 0.4324 0.0213  -0.0271 0.0645  88  ASP A O   
505 C CB  . ASP A 91  ? 0.6551 0.5082 0.3829 0.0477  -0.0217 0.0847  88  ASP A CB  
506 C CG  . ASP A 91  ? 0.8354 0.6862 0.5356 0.0623  -0.0285 0.1057  88  ASP A CG  
507 O OD1 . ASP A 91  ? 0.8020 0.6754 0.5426 0.0661  -0.0309 0.1203  88  ASP A OD1 
508 O OD2 . ASP A 91  ? 0.8895 0.7118 0.5231 0.0718  -0.0290 0.1091  88  ASP A OD2 
509 N N   . ILE A 92  ? 0.5871 0.4533 0.3995 0.0276  0.0094  0.0621  89  ILE A N   
510 C CA  . ILE A 92  ? 0.5367 0.4123 0.3785 0.0181  0.0091  0.0509  89  ILE A CA  
511 C C   . ILE A 92  ? 0.5554 0.4551 0.4467 0.0111  0.0074  0.0531  89  ILE A C   
512 O O   . ILE A 92  ? 0.4983 0.4131 0.4101 0.0048  -0.0052 0.0476  89  ILE A O   
513 C CB  . ILE A 92  ? 0.5438 0.3993 0.3787 0.0221  0.0354  0.0498  89  ILE A CB  
514 C CG1 . ILE A 92  ? 0.6456 0.4636 0.4136 0.0308  0.0413  0.0450  89  ILE A CG1 
515 C CG2 . ILE A 92  ? 0.5252 0.3941 0.3981 0.0149  0.0357  0.0432  89  ILE A CG2 
516 C CD1 . ILE A 92  ? 0.7333 0.5223 0.4887 0.0409  0.0790  0.0489  89  ILE A CD1 
517 N N   . LEU A 93  ? 0.5548 0.4532 0.4610 0.0118  0.0208  0.0609  90  LEU A N   
518 C CA  . LEU A 93  ? 0.4989 0.4098 0.4381 0.0032  0.0174  0.0595  90  LEU A CA  
519 C C   . LEU A 93  ? 0.6232 0.5415 0.5625 0.0041  0.0045  0.0590  90  LEU A C   
520 O O   . LEU A 93  ? 0.5197 0.4469 0.4731 -0.0010 -0.0024 0.0543  90  LEU A O   
521 C CB  . LEU A 93  ? 0.5534 0.4542 0.5052 0.0009  0.0322  0.0658  90  LEU A CB  
522 C CG  . LEU A 93  ? 0.6503 0.5568 0.6321 -0.0128 0.0275  0.0608  90  LEU A CG  
523 C CD1 . LEU A 93  ? 0.5561 0.4800 0.5652 -0.0186 0.0240  0.0601  90  LEU A CD1 
524 C CD2 . LEU A 93  ? 0.6499 0.5404 0.6446 -0.0179 0.0411  0.0656  90  LEU A CD2 
525 N N   . VAL A 94  ? 0.5311 0.4454 0.4559 0.0128  0.0037  0.0676  91  VAL A N   
526 C CA  . VAL A 94  ? 0.5171 0.4410 0.4525 0.0169  -0.0038 0.0732  91  VAL A CA  
527 C C   . VAL A 94  ? 0.5117 0.4534 0.4593 0.0129  -0.0201 0.0684  91  VAL A C   
528 O O   . VAL A 94  ? 0.5507 0.5002 0.5183 0.0126  -0.0197 0.0698  91  VAL A O   
529 C CB  . VAL A 94  ? 0.5832 0.5055 0.5084 0.0292  -0.0039 0.0887  91  VAL A CB  
530 C CG1 . VAL A 94  ? 0.5989 0.5415 0.5475 0.0346  -0.0158 0.0991  91  VAL A CG1 
531 C CG2 . VAL A 94  ? 0.5608 0.4619 0.4842 0.0339  0.0179  0.0958  91  VAL A CG2 
532 N N   . GLY A 95  ? 0.4952 0.4376 0.4279 0.0101  -0.0315 0.0628  92  GLY A N   
533 C CA  . GLY A 95  ? 0.5033 0.4565 0.4505 0.0030  -0.0452 0.0559  92  GLY A CA  
534 C C   . GLY A 95  ? 0.5166 0.4722 0.4832 -0.0017 -0.0364 0.0503  92  GLY A C   
535 O O   . GLY A 95  ? 0.4611 0.4279 0.4517 -0.0035 -0.0397 0.0525  92  GLY A O   
536 N N   . GLN A 96  ? 0.5297 0.4764 0.4896 -0.0030 -0.0251 0.0463  93  GLN A N   
537 C CA  . GLN A 96  ? 0.5177 0.4697 0.4947 -0.0065 -0.0215 0.0446  93  GLN A CA  
538 C C   . GLN A 96  ? 0.5163 0.4696 0.4979 -0.0053 -0.0197 0.0485  93  GLN A C   
539 O O   . GLN A 96  ? 0.5152 0.4723 0.5043 -0.0054 -0.0200 0.0497  93  GLN A O   
540 C CB  . GLN A 96  ? 0.4710 0.4197 0.4507 -0.0085 -0.0131 0.0441  93  GLN A CB  
541 C CG  . GLN A 96  ? 0.5342 0.4751 0.5086 -0.0065 -0.0056 0.0416  93  GLN A CG  
542 C CD  . GLN A 96  ? 0.5187 0.4606 0.5099 -0.0063 0.0074  0.0473  93  GLN A CD  
543 O OE1 . GLN A 96  ? 0.5346 0.4664 0.5178 -0.0035 0.0190  0.0508  93  GLN A OE1 
544 N NE2 . GLN A 96  ? 0.5173 0.4735 0.5373 -0.0083 0.0063  0.0517  93  GLN A NE2 
545 N N   . ILE A 97  ? 0.5206 0.4644 0.4925 -0.0030 -0.0143 0.0511  94  ILE A N   
546 C CA  . ILE A 97  ? 0.5100 0.4416 0.4746 -0.0009 -0.0076 0.0525  94  ILE A CA  
547 C C   . ILE A 97  ? 0.5524 0.4903 0.5288 0.0072  -0.0041 0.0607  94  ILE A C   
548 O O   . ILE A 97  ? 0.5532 0.4826 0.5239 0.0105  0.0036  0.0623  94  ILE A O   
549 C CB  . ILE A 97  ? 0.5505 0.4636 0.5036 0.0007  0.0020  0.0538  94  ILE A CB  
550 C CG1 . ILE A 97  ? 0.5105 0.4171 0.4627 -0.0099 0.0007  0.0473  94  ILE A CG1 
551 C CG2 . ILE A 97  ? 0.5868 0.4767 0.5254 0.0056  0.0144  0.0545  94  ILE A CG2 
552 C CD1 . ILE A 97  ? 0.5635 0.4510 0.5117 -0.0096 0.0129  0.0502  94  ILE A CD1 
553 N N   . ASP A 98  ? 0.5131 0.4658 0.5064 0.0108  -0.0100 0.0678  95  ASP A N   
554 C CA  . ASP A 98  ? 0.5312 0.4982 0.5537 0.0167  -0.0090 0.0797  95  ASP A CA  
555 C C   . ASP A 98  ? 0.5348 0.5110 0.5754 0.0123  -0.0114 0.0782  95  ASP A C   
556 O O   . ASP A 98  ? 0.5233 0.5017 0.5844 0.0187  0.0008  0.0887  95  ASP A O   
557 C CB  . ASP A 98  ? 0.4928 0.4781 0.5328 0.0180  -0.0238 0.0883  95  ASP A CB  
558 C CG  . ASP A 98  ? 0.5976 0.5774 0.6353 0.0295  -0.0141 0.1010  95  ASP A CG  
559 O OD1 . ASP A 98  ? 0.7300 0.6891 0.7588 0.0363  0.0079  0.1028  95  ASP A OD1 
560 O OD2 . ASP A 98  ? 0.6354 0.6266 0.6750 0.0322  -0.0278 0.1093  95  ASP A OD2 
561 N N   . GLY A 99  ? 0.4888 0.4673 0.5240 0.0034  -0.0226 0.0677  96  GLY A N   
562 C CA  . GLY A 99  ? 0.4783 0.4594 0.5275 0.0000  -0.0212 0.0662  96  GLY A CA  
563 C C   . GLY A 99  ? 0.5303 0.5002 0.5640 0.0056  -0.0078 0.0692  96  GLY A C   
564 O O   . GLY A 99  ? 0.5960 0.5662 0.6437 0.0103  0.0021  0.0778  96  GLY A O   
565 N N   . ALA A 100 ? 0.4758 0.4340 0.4798 0.0048  -0.0083 0.0631  97  ALA A N   
566 C CA  . ALA A 100 ? 0.5239 0.4675 0.5022 0.0079  -0.0029 0.0642  97  ALA A CA  
567 C C   . ALA A 100 ? 0.5930 0.5182 0.5566 0.0183  0.0146  0.0715  97  ALA A C   
568 O O   . ALA A 100 ? 0.5951 0.5085 0.5433 0.0256  0.0251  0.0780  97  ALA A O   
569 C CB  . ALA A 100 ? 0.5157 0.4520 0.4717 0.0003  -0.0130 0.0554  97  ALA A CB  
570 N N   . LEU A 101 ? 0.5805 0.5004 0.5473 0.0218  0.0218  0.0731  98  LEU A N   
571 C CA  . LEU A 101 ? 0.5299 0.4295 0.4888 0.0352  0.0459  0.0833  98  LEU A CA  
572 C C   . LEU A 101 ? 0.6008 0.5158 0.5994 0.0439  0.0591  0.1002  98  LEU A C   
573 O O   . LEU A 101 ? 0.6851 0.5783 0.6677 0.0563  0.0832  0.1096  98  LEU A O   
574 C CB  . LEU A 101 ? 0.6469 0.5430 0.6147 0.0397  0.0527  0.0870  98  LEU A CB  
575 C CG  . LEU A 101 ? 0.6560 0.5142 0.5764 0.0378  0.0591  0.0748  98  LEU A CG  
576 C CD1 . LEU A 101 ? 0.6543 0.5138 0.5913 0.0419  0.0642  0.0808  98  LEU A CD1 
577 C CD2 . LEU A 101 ? 0.6938 0.5088 0.5716 0.0488  0.0847  0.0758  98  LEU A CD2 
578 N N   . LYS A 102 ? 0.6365 0.5850 0.6857 0.0370  0.0445  0.1044  99  LYS A N   
579 C CA  . LYS A 102 ? 0.6771 0.6434 0.7780 0.0404  0.0535  0.1205  99  LYS A CA  
580 C C   . LYS A 102 ? 0.6600 0.6116 0.7441 0.0447  0.0671  0.1234  99  LYS A C   
581 O O   . LYS A 102 ? 0.6491 0.5928 0.7480 0.0570  0.0934  0.1406  99  LYS A O   
582 C CB  . LYS A 102 ? 0.7760 0.7734 0.9219 0.0259  0.0272  0.1172  99  LYS A CB  
583 C CG  . LYS A 102 ? 0.9029 0.9270 1.1050 0.0264  0.0210  0.1325  99  LYS A CG  
584 C CD  . LYS A 102 ? 0.9307 0.9516 1.1141 0.0343  0.0208  0.1351  99  LYS A CD  
585 C CE  . LYS A 102 ? 0.9301 0.9817 1.1487 0.0269  -0.0082 0.1406  99  LYS A CE  
586 N NZ  . LYS A 102 ? 0.8292 0.8799 1.0393 0.0390  -0.0040 0.1512  99  LYS A NZ  
587 N N   . LEU A 103 ? 0.6550 0.6035 0.7113 0.0365  0.0514  0.1102  100 LEU A N   
588 C CA  . LEU A 103 ? 0.6386 0.5743 0.6740 0.0419  0.0604  0.1153  100 LEU A CA  
589 C C   . LEU A 103 ? 0.7052 0.6064 0.6832 0.0564  0.0802  0.1204  100 LEU A C   
590 O O   . LEU A 103 ? 0.6408 0.5271 0.6113 0.0693  0.1034  0.1357  100 LEU A O   
591 C CB  . LEU A 103 ? 0.5974 0.5385 0.6152 0.0325  0.0386  0.1030  100 LEU A CB  
592 C CG  . LEU A 103 ? 0.6836 0.6446 0.7443 0.0215  0.0267  0.0979  100 LEU A CG  
593 C CD1 . LEU A 103 ? 0.6838 0.6460 0.7291 0.0174  0.0147  0.0911  100 LEU A CD1 
594 C CD2 . LEU A 103 ? 0.8030 0.7676 0.9061 0.0236  0.0411  0.1108  100 LEU A CD2 
595 N N   . ALA A 104 ? 0.6011 0.4839 0.5341 0.0536  0.0724  0.1071  101 ALA A N   
596 C CA  . ALA A 104 ? 0.6319 0.4705 0.4938 0.0635  0.0866  0.1051  101 ALA A CA  
597 C C   . ALA A 104 ? 0.6746 0.4916 0.5407 0.0824  0.1261  0.1221  101 ALA A C   
598 O O   . ALA A 104 ? 0.7506 0.5395 0.5767 0.0960  0.1470  0.1274  101 ALA A O   
599 C CB  . ALA A 104 ? 0.5967 0.4182 0.4220 0.0531  0.0713  0.0858  101 ALA A CB  
600 N N   . ASN A 105 ? 0.6421 0.4785 0.5629 0.0836  0.1342  0.1288  102 ASN A N   
601 C CA  . ASN A 105 ? 0.6446 0.4806 0.5960 0.1001  0.1680  0.1415  102 ASN A CA  
602 C C   . ASN A 105 ? 0.6260 0.4817 0.6210 0.1088  0.1860  0.1560  102 ASN A C   
603 O O   . ASN A 105 ? 0.7119 0.5556 0.7129 0.1277  0.2209  0.1659  102 ASN A O   
604 C CB  . ASN A 105 ? 0.6034 0.4705 0.6170 0.0974  0.1635  0.1482  102 ASN A CB  
605 C CG  . ASN A 105 ? 0.6732 0.5097 0.6416 0.0978  0.1637  0.1370  102 ASN A CG  
606 O OD1 . ASN A 105 ? 0.7163 0.5040 0.6060 0.0979  0.1674  0.1228  102 ASN A OD1 
607 N ND2 . ASN A 105 ? 0.7750 0.6377 0.7905 0.0970  0.1578  0.1437  102 ASN A ND2 
608 N N   . GLU A 106 ? 0.6604 0.6022 0.6168 0.1192  0.1129  0.0861  103 GLU A N   
609 C CA  . GLU A 106 ? 0.7107 0.6605 0.6875 0.0994  0.1355  0.1070  103 GLU A CA  
610 C C   . GLU A 106 ? 0.7874 0.6886 0.6916 0.1084  0.1487  0.1234  103 GLU A C   
611 O O   . GLU A 106 ? 0.7656 0.6667 0.6704 0.0990  0.1772  0.1483  103 GLU A O   
612 C CB  . GLU A 106 ? 0.7023 0.6465 0.7229 0.0697  0.1173  0.1049  103 GLU A CB  
613 C CG  . GLU A 106 ? 0.7285 0.7269 0.8197 0.0557  0.1023  0.0876  103 GLU A CG  
614 C CD  . GLU A 106 ? 0.8542 0.8332 0.9768 0.0260  0.0855  0.0790  103 GLU A CD  
615 O OE1 . GLU A 106 ? 0.8370 0.7569 0.9212 0.0276  0.0749  0.0809  103 GLU A OE1 
616 O OE2 . GLU A 106 ? 0.9351 0.9586 1.1213 0.0019  0.0821  0.0686  103 GLU A OE2 
617 N N   . GLY A 107 ? 0.7128 0.5748 0.5552 0.1250  0.1275  0.1108  104 GLY A N   
618 C CA  . GLY A 107 ? 0.7427 0.5641 0.5113 0.1350  0.1290  0.1233  104 GLY A CA  
619 C C   . GLY A 107 ? 0.7384 0.5296 0.5023 0.1257  0.1011  0.1292  104 GLY A C   
620 O O   . GLY A 107 ? 0.7899 0.5524 0.4960 0.1366  0.0962  0.1433  104 GLY A O   
621 N N   . ASN A 108 ? 0.7531 0.5534 0.5751 0.1101  0.0829  0.1189  105 ASN A N   
622 C CA  . ASN A 108 ? 0.7305 0.5040 0.5529 0.1070  0.0584  0.1214  105 ASN A CA  
623 C C   . ASN A 108 ? 0.8112 0.5845 0.6136 0.1180  0.0265  0.1002  105 ASN A C   
624 O O   . ASN A 108 ? 0.7480 0.5323 0.5874 0.1125  0.0091  0.0849  105 ASN A O   
625 C CB  . ASN A 108 ? 0.7469 0.5263 0.6344 0.0863  0.0568  0.1169  105 ASN A CB  
626 C CG  . ASN A 108 ? 0.9293 0.7054 0.8457 0.0667  0.0872  0.1374  105 ASN A CG  
627 O OD1 . ASN A 108 ? 0.9263 0.6700 0.8100 0.0697  0.1060  0.1663  105 ASN A OD1 
628 N ND2 . ASN A 108 ? 0.8650 0.6786 0.8441 0.0459  0.0925  0.1241  105 ASN A ND2 
629 N N   . VAL A 109 ? 0.8297 0.5923 0.5724 0.1322  0.0202  0.0986  106 VAL A N   
630 C CA  . VAL A 109 ? 0.8216 0.5871 0.5503 0.1356  -0.0067 0.0741  106 VAL A CA  
631 C C   . VAL A 109 ? 0.9149 0.6819 0.6474 0.1376  -0.0382 0.0748  106 VAL A C   
632 O O   . VAL A 109 ? 0.8170 0.5971 0.5690 0.1322  -0.0595 0.0560  106 VAL A O   
633 C CB  . VAL A 109 ? 0.8544 0.6071 0.5171 0.1472  -0.0030 0.0627  106 VAL A CB  
634 C CG1 . VAL A 109 ? 0.8245 0.5814 0.4935 0.1510  0.0285  0.0572  106 VAL A CG1 
635 C CG2 . VAL A 109 ? 1.0189 0.7587 0.6194 0.1608  0.0007  0.0836  106 VAL A CG2 
636 N N   . LYS A 110 ? 0.7893 0.5446 0.5064 0.1470  -0.0391 0.0993  107 LYS A N   
637 C CA  . LYS A 110 ? 0.7555 0.5201 0.4850 0.1555  -0.0675 0.1024  107 LYS A CA  
638 C C   . LYS A 110 ? 0.7796 0.5507 0.5740 0.1476  -0.0668 0.0972  107 LYS A C   
639 O O   . LYS A 110 ? 0.7466 0.5408 0.5699 0.1495  -0.0869 0.0864  107 LYS A O   
640 C CB  . LYS A 110 ? 0.9280 0.6750 0.6134 0.1767  -0.0702 0.1335  107 LYS A CB  
641 C CG  . LYS A 110 ? 1.1671 0.9328 0.7957 0.1912  -0.0997 0.1284  107 LYS A CG  
642 C CD  . LYS A 110 ? 1.2836 1.0904 0.9529 0.1875  -0.1365 0.1063  107 LYS A CD  
643 C CE  . LYS A 110 ? 1.3253 1.1591 0.9508 0.1885  -0.1705 0.0857  107 LYS A CE  
644 N NZ  . LYS A 110 ? 1.1654 1.0480 0.8472 0.1780  -0.2040 0.0657  107 LYS A NZ  
645 N N   . GLU A 111 ? 0.7667 0.5213 0.5850 0.1378  -0.0428 0.1030  108 GLU A N   
646 C CA  . GLU A 111 ? 0.7218 0.4825 0.5918 0.1295  -0.0425 0.0901  108 GLU A CA  
647 C C   . GLU A 111 ? 0.7138 0.5056 0.6068 0.1212  -0.0485 0.0664  108 GLU A C   
648 O O   . GLU A 111 ? 0.6791 0.4855 0.6009 0.1225  -0.0572 0.0561  108 GLU A O   
649 C CB  . GLU A 111 ? 0.8353 0.5735 0.7257 0.1159  -0.0196 0.0970  108 GLU A CB  
650 C CG  . GLU A 111 ? 0.9032 0.6403 0.8358 0.1088  -0.0224 0.0798  108 GLU A CG  
651 C CD  . GLU A 111 ? 0.9893 0.6948 0.9429 0.0912  -0.0043 0.0840  108 GLU A CD  
652 O OE1 . GLU A 111 ? 0.8179 0.5167 0.8002 0.0836  -0.0080 0.0642  108 GLU A OE1 
653 O OE2 . GLU A 111 ? 1.1402 0.8271 1.0808 0.0836  0.0148  0.1060  108 GLU A OE2 
654 N N   . ALA A 112 ? 0.6178 0.4164 0.4952 0.1162  -0.0402 0.0603  109 ALA A N   
655 C CA  . ALA A 112 ? 0.6949 0.5111 0.5861 0.1127  -0.0438 0.0438  109 ALA A CA  
656 C C   . ALA A 112 ? 0.7044 0.5296 0.5970 0.1134  -0.0646 0.0363  109 ALA A C   
657 O O   . ALA A 112 ? 0.6579 0.4991 0.5796 0.1102  -0.0677 0.0295  109 ALA A O   
658 C CB  . ALA A 112 ? 0.6364 0.4479 0.5041 0.1138  -0.0298 0.0400  109 ALA A CB  
659 N N   . LYS A 113 ? 0.6310 0.4514 0.4927 0.1171  -0.0789 0.0385  110 LYS A N   
660 C CA  . LYS A 113 ? 0.6118 0.4533 0.4856 0.1131  -0.1025 0.0294  110 LYS A CA  
661 C C   . LYS A 113 ? 0.6902 0.5579 0.6066 0.1202  -0.1106 0.0369  110 LYS A C   
662 O O   . LYS A 113 ? 0.6831 0.5801 0.6337 0.1136  -0.1201 0.0301  110 LYS A O   
663 C CB  . LYS A 113 ? 0.8281 0.6685 0.6570 0.1170  -0.1225 0.0273  110 LYS A CB  
664 C CG  . LYS A 113 ? 0.7717 0.6459 0.6223 0.1076  -0.1520 0.0143  110 LYS A CG  
665 C CD  . LYS A 113 ? 0.9797 0.8582 0.7787 0.1114  -0.1780 0.0067  110 LYS A CD  
666 C CE  . LYS A 113 ? 1.0192 0.9414 0.8503 0.0944  -0.2119 -0.0122 110 LYS A CE  
667 N NZ  . LYS A 113 ? 1.1125 1.0536 0.8935 0.1020  -0.2467 -0.0200 110 LYS A NZ  
668 N N   . ALA A 114 ? 0.7083 0.5631 0.6238 0.1340  -0.1040 0.0515  111 ALA A N   
669 C CA  . ALA A 114 ? 0.6069 0.4776 0.5568 0.1475  -0.1080 0.0567  111 ALA A CA  
670 C C   . ALA A 114 ? 0.6519 0.5315 0.6336 0.1410  -0.0940 0.0449  111 ALA A C   
671 O O   . ALA A 114 ? 0.5869 0.4983 0.6007 0.1452  -0.0971 0.0418  111 ALA A O   
672 C CB  . ALA A 114 ? 0.6317 0.4691 0.5675 0.1651  -0.1015 0.0745  111 ALA A CB  
673 N N   . ALA A 115 ? 0.5678 0.4273 0.5408 0.1321  -0.0786 0.0397  112 ALA A N   
674 C CA  . ALA A 115 ? 0.5405 0.4131 0.5332 0.1290  -0.0688 0.0289  112 ALA A CA  
675 C C   . ALA A 115 ? 0.5901 0.4880 0.5952 0.1228  -0.0704 0.0264  112 ALA A C   
676 O O   . ALA A 115 ? 0.5453 0.4644 0.5706 0.1270  -0.0643 0.0247  112 ALA A O   
677 C CB  . ALA A 115 ? 0.5399 0.4012 0.5239 0.1203  -0.0577 0.0241  112 ALA A CB  
678 N N   . ALA A 116 ? 0.4823 0.3728 0.4723 0.1123  -0.0760 0.0261  113 ALA A N   
679 C CA  . ALA A 116 ? 0.5800 0.4781 0.5809 0.1005  -0.0744 0.0226  113 ALA A CA  
680 C C   . ALA A 116 ? 0.6093 0.5428 0.6463 0.0961  -0.0841 0.0243  113 ALA A C   
681 O O   . ALA A 116 ? 0.5758 0.5204 0.6357 0.0833  -0.0775 0.0248  113 ALA A O   
682 C CB  . ALA A 116 ? 0.6396 0.5104 0.6102 0.0905  -0.0780 0.0155  113 ALA A CB  
683 N N   . GLU A 117 ? 0.5434 0.4964 0.5901 0.1080  -0.0972 0.0282  114 GLU A N   
684 C CA  . GLU A 117 ? 0.5579 0.5603 0.6500 0.1094  -0.1058 0.0318  114 GLU A CA  
685 C C   . GLU A 117 ? 0.5641 0.5895 0.6866 0.1165  -0.0842 0.0363  114 GLU A C   
686 O O   . GLU A 117 ? 0.5393 0.6107 0.7067 0.1118  -0.0822 0.0409  114 GLU A O   
687 C CB  . GLU A 117 ? 0.6187 0.6377 0.7129 0.1308  -0.1231 0.0390  114 GLU A CB  
688 C CG  . GLU A 117 ? 0.7328 0.7590 0.8084 0.1242  -0.1508 0.0369  114 GLU A CG  
689 C CD  . GLU A 117 ? 0.7031 0.7517 0.7805 0.1526  -0.1687 0.0509  114 GLU A CD  
690 O OE1 . GLU A 117 ? 0.6853 0.7015 0.7136 0.1639  -0.1764 0.0585  114 GLU A OE1 
691 O OE2 . GLU A 117 ? 0.7024 0.8020 0.8295 0.1672  -0.1722 0.0572  114 GLU A OE2 
692 N N   . ALA A 118 ? 0.5561 0.5552 0.6546 0.1271  -0.0678 0.0345  115 ALA A N   
693 C CA  . ALA A 118 ? 0.5384 0.5579 0.6501 0.1389  -0.0475 0.0367  115 ALA A CA  
694 C C   . ALA A 118 ? 0.5291 0.5482 0.6396 0.1255  -0.0313 0.0434  115 ALA A C   
695 O O   . ALA A 118 ? 0.5513 0.5881 0.6642 0.1364  -0.0119 0.0494  115 ALA A O   
696 C CB  . ALA A 118 ? 0.5446 0.5391 0.6278 0.1572  -0.0420 0.0270  115 ALA A CB  
697 N N   . LEU A 119 ? 0.4708 0.4640 0.5709 0.1056  -0.0369 0.0431  116 LEU A N   
698 C CA  . LEU A 119 ? 0.5055 0.4843 0.6027 0.0949  -0.0197 0.0528  116 LEU A CA  
699 C C   . LEU A 119 ? 0.5715 0.5836 0.7148 0.0804  -0.0065 0.0654  116 LEU A C   
700 O O   . LEU A 119 ? 0.6271 0.6476 0.7720 0.0868  0.0187  0.0814  116 LEU A O   
701 C CB  . LEU A 119 ? 0.5292 0.4636 0.6040 0.0800  -0.0269 0.0465  116 LEU A CB  
702 C CG  . LEU A 119 ? 0.5885 0.4961 0.6235 0.0944  -0.0294 0.0405  116 LEU A CG  
703 C CD1 . LEU A 119 ? 0.6246 0.4916 0.6374 0.0842  -0.0327 0.0332  116 LEU A CD1 
704 C CD2 . LEU A 119 ? 0.5622 0.4737 0.5826 0.1128  -0.0136 0.0499  116 LEU A CD2 
705 N N   . LYS A 120 ? 0.4857 0.5223 0.6673 0.0611  -0.0232 0.0593  117 LYS A N   
706 C CA  . LYS A 120 ? 0.5749 0.6532 0.8158 0.0391  -0.0127 0.0696  117 LYS A CA  
707 C C   . LYS A 120 ? 0.6553 0.7813 0.9185 0.0611  0.0135  0.0861  117 LYS A C   
708 O O   . LYS A 120 ? 0.7368 0.8798 1.0272 0.0505  0.0419  0.1052  117 LYS A O   
709 C CB  . LYS A 120 ? 0.6741 0.7929 0.9569 0.0212  -0.0435 0.0567  117 LYS A CB  
710 C CG  . LYS A 120 ? 0.8094 0.9615 1.0901 0.0522  -0.0613 0.0530  117 LYS A CG  
711 C CD  . LYS A 120 ? 0.8446 1.0272 1.1449 0.0418  -0.0990 0.0411  117 LYS A CD  
712 C CE  . LYS A 120 ? 0.7735 0.9551 1.0438 0.0782  -0.1150 0.0413  117 LYS A CE  
713 N NZ  . LYS A 120 ? 0.8858 1.1041 1.1680 0.0777  -0.1529 0.0357  117 LYS A NZ  
714 N N   . THR A 121 ? 0.5441 0.6861 0.7921 0.0928  0.0067  0.0789  118 THR A N   
715 C CA  . THR A 121 ? 0.5900 0.7702 0.8462 0.1214  0.0305  0.0870  118 THR A CA  
716 C C   . THR A 121 ? 0.6354 0.7949 0.8508 0.1326  0.0602  0.0990  118 THR A C   
717 O O   . THR A 121 ? 0.6938 0.8901 0.9272 0.1404  0.0911  0.1166  118 THR A O   
718 C CB  . THR A 121 ? 0.7251 0.8986 0.9569 0.1540  0.0167  0.0712  118 THR A CB  
719 O OG1 . THR A 121 ? 0.7844 0.9744 1.0449 0.1504  -0.0113 0.0660  118 THR A OG1 
720 C CG2 . THR A 121 ? 0.6702 0.8803 0.9097 0.1864  0.0422  0.0742  118 THR A CG2 
721 N N   . THR A 122 ? 0.5429 0.6505 0.7032 0.1362  0.0519  0.0917  119 THR A N   
722 C CA  . THR A 122 ? 0.5686 0.6610 0.6857 0.1502  0.0739  0.1048  119 THR A CA  
723 C C   . THR A 122 ? 0.6041 0.6933 0.7437 0.1293  0.0994  0.1334  119 THR A C   
724 O O   . THR A 122 ? 0.5843 0.6921 0.7151 0.1421  0.1311  0.1563  119 THR A O   
725 C CB  . THR A 122 ? 0.5843 0.6329 0.6501 0.1569  0.0562  0.0926  119 THR A CB  
726 O OG1 . THR A 122 ? 0.5938 0.6432 0.6417 0.1729  0.0382  0.0677  119 THR A OG1 
727 C CG2 . THR A 122 ? 0.6826 0.7242 0.7061 0.1744  0.0747  0.1100  119 THR A CG2 
728 N N   . ARG A 123 ? 0.6290 0.6902 0.7940 0.0969  0.0874  0.1320  120 ARG A N   
729 C CA  . ARG A 123 ? 0.7415 0.7818 0.9299 0.0703  0.1110  0.1557  120 ARG A CA  
730 C C   . ARG A 123 ? 0.7320 0.8319 0.9809 0.0587  0.1382  0.1753  120 ARG A C   
731 O O   . ARG A 123 ? 0.6498 0.7454 0.9015 0.0552  0.1757  0.2072  120 ARG A O   
732 C CB  . ARG A 123 ? 0.7023 0.6992 0.9068 0.0357  0.0885  0.1395  120 ARG A CB  
733 C CG  . ARG A 123 ? 0.7942 0.7386 1.0092 0.0079  0.1112  0.1581  120 ARG A CG  
734 C CD  . ARG A 123 ? 0.8148 0.7983 1.1066 -0.0302 0.1280  0.1704  120 ARG A CD  
735 N NE  . ARG A 123 ? 0.8096 0.8521 1.1537 -0.0488 0.0954  0.1441  120 ARG A NE  
736 C CZ  . ARG A 123 ? 0.8507 0.8813 1.2256 -0.0875 0.0679  0.1196  120 ARG A CZ  
737 N NH1 . ARG A 123 ? 0.9037 0.8550 1.2622 -0.1142 0.0719  0.1145  120 ARG A NH1 
738 N NH2 . ARG A 123 ? 0.7237 0.8204 1.1421 -0.0964 0.0356  0.0993  120 ARG A NH2 
739 N N   . ASN A 124 ? 0.6331 0.7916 0.9298 0.0566  0.1224  0.1602  121 ASN A N   
740 C CA  . ASN A 124 ? 0.6660 0.8986 1.0334 0.0480  0.1475  0.1776  121 ASN A CA  
741 C C   . ASN A 124 ? 0.7046 0.9685 1.0444 0.0872  0.1858  0.1972  121 ASN A C   
742 O O   . ASN A 124 ? 0.7237 1.0240 1.0993 0.0796  0.2259  0.2268  121 ASN A O   
743 C CB  . ASN A 124 ? 0.6436 0.9395 1.0698 0.0452  0.1180  0.1575  121 ASN A CB  
744 C CG  . ASN A 124 ? 0.6756 0.9579 1.1346 0.0038  0.0805  0.1388  121 ASN A CG  
745 O OD1 . ASN A 124 ? 0.7037 0.9310 1.1548 -0.0294 0.0822  0.1399  121 ASN A OD1 
746 N ND2 . ASN A 124 ? 0.5685 0.8983 1.0591 0.0090  0.0466  0.1208  121 ASN A ND2 
747 N N   . THR A 125 ? 0.7452 0.9949 1.0204 0.1278  0.1744  0.1791  122 THR A N   
748 C CA  . THR A 125 ? 0.8110 1.0817 1.0410 0.1686  0.2055  0.1885  122 THR A CA  
749 C C   . THR A 125 ? 0.7361 0.9796 0.9217 0.1715  0.2394  0.2219  122 THR A C   
750 O O   . THR A 125 ? 0.8163 1.0954 0.9944 0.1900  0.2810  0.2473  122 THR A O   
751 C CB  . THR A 125 ? 0.8189 1.0639 0.9822 0.2039  0.1800  0.1554  122 THR A CB  
752 O OG1 . THR A 125 ? 0.7465 1.0129 0.9459 0.2098  0.1572  0.1314  122 THR A OG1 
753 C CG2 . THR A 125 ? 0.9044 1.1641 1.0067 0.2452  0.2085  0.1583  122 THR A CG2 
754 N N   . TYR A 126 ? 0.6916 0.8720 0.8440 0.1580  0.2240  0.2246  123 TYR A N   
755 C CA  . TYR A 126 ? 0.7473 0.8937 0.8500 0.1683  0.2532  0.2598  123 TYR A CA  
756 C C   . TYR A 126 ? 0.7707 0.8981 0.9254 0.1294  0.2855  0.2974  123 TYR A C   
757 O O   . TYR A 126 ? 0.9588 1.0668 1.0823 0.1397  0.3238  0.3381  123 TYR A O   
758 C CB  . TYR A 126 ? 0.7557 0.8498 0.7892 0.1867  0.2243  0.2464  123 TYR A CB  
759 C CG  . TYR A 126 ? 0.7118 0.8304 0.6872 0.2264  0.2070  0.2191  123 TYR A CG  
760 C CD1 . TYR A 126 ? 0.8785 1.0122 0.7859 0.2643  0.2272  0.2351  123 TYR A CD1 
761 C CD2 . TYR A 126 ? 0.6688 0.7941 0.6560 0.2252  0.1718  0.1771  123 TYR A CD2 
762 C CE1 . TYR A 126 ? 0.9115 1.0661 0.7650 0.2964  0.2085  0.2024  123 TYR A CE1 
763 C CE2 . TYR A 126 ? 0.7253 0.8639 0.6642 0.2554  0.1576  0.1486  123 TYR A CE2 
764 C CZ  . TYR A 126 ? 0.8246 0.9783 0.6976 0.2892  0.1740  0.1576  123 TYR A CZ  
765 O OH  . TYR A 126 ? 0.8964 1.0604 0.7191 0.3156  0.1560  0.1211  123 TYR A OH  
766 N N   . HIS A 127 ? 0.9566 1.0902 1.1895 0.0846  0.2702  0.2838  124 HIS A N   
767 C CA  . HIS A 127 ? 1.1297 1.2476 1.4270 0.0367  0.2966  0.3105  124 HIS A CA  
768 C C   . HIS A 127 ? 1.2624 1.4614 1.6290 0.0262  0.3372  0.3360  124 HIS A C   
769 O O   . HIS A 127 ? 1.2705 1.4647 1.6887 -0.0103 0.3745  0.3698  124 HIS A O   
770 C CB  . HIS A 127 ? 1.2108 1.3049 1.5590 -0.0088 0.2566  0.2775  124 HIS A CB  
771 C CG  . HIS A 127 ? 1.4344 1.5350 1.8706 -0.0670 0.2751  0.2912  124 HIS A CG  
772 N ND1 . HIS A 127 ? 1.6221 1.6416 2.0572 -0.0976 0.2987  0.3136  124 HIS A ND1 
773 C CD2 . HIS A 127 ? 1.4893 1.6704 2.0228 -0.1013 0.2733  0.2854  124 HIS A CD2 
774 C CE1 . HIS A 127 ? 1.6773 1.7217 2.2064 -0.1547 0.3108  0.3181  124 HIS A CE1 
775 N NE2 . HIS A 127 ? 1.5933 1.7434 2.1864 -0.1583 0.2941  0.3013  124 HIS A NE2 
776 N N   . LYS A 128 ? 1.2847 1.5570 1.6554 0.0583  0.3330  0.3204  125 LYS A N   
777 C CA  . LYS A 128 ? 1.2898 1.6483 1.7193 0.0611  0.3763  0.3450  125 LYS A CA  
778 C C   . LYS A 128 ? 1.3535 1.7034 1.7205 0.0924  0.4325  0.3895  125 LYS A C   
779 O O   . LYS A 128 ? 1.4447 1.8220 1.8602 0.0711  0.4838  0.4324  125 LYS A O   
780 C CB  . LYS A 128 ? 1.2446 1.6745 1.6862 0.0971  0.3581  0.3143  125 LYS A CB  
781 C CG  . LYS A 128 ? 1.1803 1.6669 1.7213 0.0665  0.3242  0.2904  125 LYS A CG  
782 C CD  . LYS A 128 ? 1.1218 1.6754 1.6721 0.1122  0.3157  0.2691  125 LYS A CD  
783 C CE  . LYS A 128 ? 1.1026 1.5956 1.5464 0.1586  0.2912  0.2399  125 LYS A CE  
784 N NZ  . LYS A 128 ? 1.0857 1.6193 1.5393 0.1976  0.2747  0.2133  125 LYS A NZ  
785 N N   . LYS A 129 ? 1.2579 1.5723 1.5170 0.1419  0.4221  0.3801  126 LYS A N   
786 C CA  . LYS A 129 ? 1.3230 1.6470 1.5048 0.1868  0.4679  0.4135  126 LYS A CA  
787 C C   . LYS A 129 ? 1.4630 1.7154 1.5851 0.1877  0.4920  0.4581  126 LYS A C   
788 O O   . LYS A 129 ? 1.4988 1.7396 1.5299 0.2319  0.5008  0.4697  126 LYS A O   
789 C CB  . LYS A 129 ? 1.2134 1.5470 1.3079 0.2424  0.4411  0.3745  126 LYS A CB  
790 C CG  . LYS A 129 ? 1.1653 1.4465 1.2316 0.2390  0.3781  0.3302  126 LYS A CG  
791 C CD  . LYS A 129 ? 1.1545 1.4190 1.1130 0.2876  0.3588  0.3080  126 LYS A CD  
792 C CE  . LYS A 129 ? 1.1059 1.4058 1.0526 0.3154  0.3415  0.2619  126 LYS A CE  
793 N NZ  . LYS A 129 ? 1.0612 1.3368 0.9122 0.3500  0.3114  0.2298  126 LYS A NZ  
794 N N   . TYR A 130 ? 1.5064 1.7004 1.6766 0.1394  0.4868  0.4706  127 TYR A N   
795 C CA  . TYR A 130 ? 1.5090 1.6183 1.6238 0.1430  0.4994  0.5045  127 TYR A CA  
796 C C   . TYR A 130 ? 1.4182 1.4951 1.6050 0.0902  0.5289  0.5330  127 TYR A C   
797 O O   . TYR A 130 ? 1.3757 1.3670 1.5545 0.0704  0.5254  0.5435  127 TYR A O   
798 C CB  . TYR A 130 ? 1.5473 1.5870 1.6191 0.1485  0.4559  0.4822  127 TYR A CB  
799 C CG  . TYR A 130 ? 1.6873 1.6768 1.8324 0.0912  0.4307  0.4602  127 TYR A CG  
800 C CD1 . TYR A 130 ? 1.7710 1.6866 1.8790 0.0946  0.3958  0.4409  127 TYR A CD1 
801 C CD2 . TYR A 130 ? 1.7762 1.7977 2.0264 0.0351  0.4411  0.4565  127 TYR A CD2 
802 C CE1 . TYR A 130 ? 1.8287 1.6940 1.9907 0.0463  0.3738  0.4164  127 TYR A CE1 
803 C CE2 . TYR A 130 ? 1.8352 1.8107 2.1433 -0.0174 0.4136  0.4304  127 TYR A CE2 
804 C CZ  . TYR A 130 ? 1.8637 1.7564 2.1214 -0.0103 0.3808  0.4092  127 TYR A CZ  
805 O OH  . TYR A 130 ? 1.8838 1.7268 2.1866 -0.0585 0.3543  0.3788  127 TYR A OH  
# 
